data_8THO
#
_entry.id   8THO
#
loop_
_entity.id
_entity.type
_entity.pdbx_description
1 polymer 'B-cell lymphoma/leukemia 11A'
2 non-polymer 'ZINC ION'
#
_entity_poly.entity_id   1
_entity_poly.type   'polypeptide(L)'
_entity_poly.pdbx_seq_one_letter_code
;SEGRRSDTCEYCGKVFKNCSNLTVHRRSHTGERPYKCELCNYACAQSSKLTRHMKTHGQVGKDVYKCEICKMPFSVYSTL
EKHMKKWHSDRVLNNDIKTE
;
_entity_poly.pdbx_strand_id   A
#
loop_
_chem_comp.id
_chem_comp.type
_chem_comp.name
_chem_comp.formula
ZN non-polymer 'ZINC ION' 'Zn 2'
#
# COMPACT_ATOMS: atom_id res chain seq x y z
N SER A 1 -7.47 -0.42 29.53
CA SER A 1 -6.58 0.09 30.60
C SER A 1 -5.20 -0.51 30.50
N GLU A 2 -4.19 0.33 30.21
CA GLU A 2 -2.88 -0.08 29.77
C GLU A 2 -1.93 1.14 29.69
N GLY A 3 -0.63 0.95 29.54
CA GLY A 3 0.28 2.05 29.18
C GLY A 3 1.45 1.57 28.35
N ARG A 4 1.91 2.35 27.37
CA ARG A 4 3.10 2.03 26.59
C ARG A 4 3.91 3.29 26.29
N ARG A 5 5.16 3.39 26.76
CA ARG A 5 6.02 4.59 26.50
C ARG A 5 7.35 4.34 25.77
N SER A 6 7.61 3.07 25.51
CA SER A 6 8.78 2.54 24.82
C SER A 6 8.41 1.19 24.21
N ASP A 7 9.35 0.53 23.54
CA ASP A 7 9.19 -0.73 22.80
C ASP A 7 8.13 -0.56 21.70
N THR A 8 8.44 0.30 20.72
CA THR A 8 7.54 0.59 19.57
C THR A 8 8.32 0.90 18.28
N CYS A 9 7.80 0.55 17.10
CA CYS A 9 8.46 0.81 15.80
C CYS A 9 8.46 2.30 15.50
N GLU A 10 9.58 2.93 15.14
CA GLU A 10 9.60 4.32 14.68
C GLU A 10 8.84 4.59 13.36
N TYR A 11 8.64 3.53 12.55
CA TYR A 11 7.91 3.56 11.27
C TYR A 11 6.45 3.05 11.36
N CYS A 12 6.10 1.97 12.09
CA CYS A 12 4.69 1.60 12.36
C CYS A 12 4.04 2.60 13.36
N GLY A 13 4.76 3.13 14.37
CA GLY A 13 4.16 3.78 15.55
C GLY A 13 3.45 2.83 16.51
N LYS A 14 3.50 1.51 16.22
CA LYS A 14 2.84 0.42 16.94
C LYS A 14 3.75 -0.14 18.03
N VAL A 15 3.18 -0.26 19.23
CA VAL A 15 3.79 -0.94 20.37
C VAL A 15 4.11 -2.39 20.06
N PHE A 16 5.14 -2.94 20.69
CA PHE A 16 5.61 -4.31 20.52
C PHE A 16 5.85 -4.96 21.90
N LYS A 17 6.50 -6.14 21.94
CA LYS A 17 6.80 -6.90 23.17
C LYS A 17 8.29 -7.06 23.58
N ASN A 18 9.20 -6.76 22.68
CA ASN A 18 10.65 -6.86 22.90
C ASN A 18 11.42 -6.02 21.86
N CYS A 19 12.30 -5.14 22.32
CA CYS A 19 13.11 -4.26 21.47
C CYS A 19 13.89 -4.93 20.32
N SER A 20 14.33 -6.17 20.47
CA SER A 20 14.94 -6.93 19.37
C SER A 20 13.90 -7.36 18.33
N ASN A 21 12.76 -7.92 18.73
CA ASN A 21 11.63 -8.20 17.82
C ASN A 21 11.10 -6.94 17.12
N LEU A 22 11.08 -5.81 17.84
CA LEU A 22 10.96 -4.47 17.25
C LEU A 22 12.00 -4.25 16.16
N THR A 23 13.30 -4.34 16.42
CA THR A 23 14.38 -4.12 15.47
C THR A 23 14.23 -5.05 14.24
N VAL A 24 14.05 -6.36 14.42
CA VAL A 24 14.03 -7.28 13.27
C VAL A 24 12.80 -7.07 12.42
N HIS A 25 11.61 -6.83 12.99
CA HIS A 25 10.44 -6.57 12.16
C HIS A 25 10.58 -5.23 11.42
N ARG A 26 11.15 -4.20 12.05
CA ARG A 26 11.39 -2.89 11.42
C ARG A 26 12.32 -2.99 10.21
N ARG A 27 13.18 -4.03 10.14
CA ARG A 27 14.03 -4.37 8.98
C ARG A 27 13.28 -5.30 7.99
N SER A 28 12.49 -6.31 8.41
CA SER A 28 11.88 -7.29 7.49
C SER A 28 10.67 -6.74 6.72
N HIS A 29 10.05 -5.64 7.18
CA HIS A 29 9.21 -4.80 6.34
C HIS A 29 9.99 -3.71 5.60
N THR A 30 10.60 -2.77 6.33
CA THR A 30 10.90 -1.37 5.94
C THR A 30 9.66 -0.70 5.40
N GLY A 31 9.19 -1.07 4.20
CA GLY A 31 7.99 -0.49 3.55
C GLY A 31 8.08 1.04 3.49
N GLU A 32 6.93 1.74 3.64
CA GLU A 32 6.86 3.06 4.30
C GLU A 32 5.70 3.09 5.33
N ARG A 33 5.89 3.75 6.49
CA ARG A 33 4.90 4.04 7.55
C ARG A 33 4.22 2.78 8.15
N PRO A 34 3.07 2.80 8.89
CA PRO A 34 2.38 1.56 9.27
C PRO A 34 1.68 0.87 8.08
N TYR A 35 2.09 1.09 6.83
CA TYR A 35 1.35 0.81 5.59
C TYR A 35 -0.02 1.53 5.46
N LYS A 36 -0.66 1.89 6.60
CA LYS A 36 -1.93 2.59 6.78
C LYS A 36 -1.98 3.90 6.01
N CYS A 37 -2.99 4.06 5.16
CA CYS A 37 -3.43 5.35 4.65
C CYS A 37 -4.24 6.08 5.69
N GLU A 38 -4.15 7.39 5.64
CA GLU A 38 -4.95 8.28 6.51
C GLU A 38 -6.24 8.80 5.84
N LEU A 39 -6.40 8.58 4.55
CA LEU A 39 -7.48 9.03 3.65
C LEU A 39 -8.38 7.85 3.19
N CYS A 40 -7.77 6.71 2.81
CA CYS A 40 -8.42 5.39 2.93
C CYS A 40 -8.21 4.71 4.29
N ASN A 41 -9.01 3.70 4.65
CA ASN A 41 -8.66 2.76 5.70
C ASN A 41 -8.05 1.46 5.09
N TYR A 42 -6.91 1.61 4.39
CA TYR A 42 -6.18 0.52 3.72
C TYR A 42 -4.72 0.33 4.17
N ALA A 43 -4.21 -0.92 4.09
CA ALA A 43 -2.83 -1.31 4.39
C ALA A 43 -2.39 -2.63 3.71
N CYS A 44 -1.11 -2.68 3.29
CA CYS A 44 -0.53 -3.84 2.59
C CYS A 44 1.02 -3.73 2.68
N ALA A 45 1.77 -4.83 2.73
CA ALA A 45 3.19 -4.87 3.13
C ALA A 45 4.20 -4.07 2.25
N GLN A 46 3.99 -3.90 0.94
CA GLN A 46 5.05 -3.29 0.10
C GLN A 46 5.42 -1.83 0.49
N SER A 47 6.59 -1.37 0.04
CA SER A 47 7.03 0.03 0.06
C SER A 47 6.26 0.81 -1.01
N SER A 48 6.73 0.77 -2.26
CA SER A 48 6.27 1.57 -3.39
C SER A 48 4.76 1.57 -3.70
N LYS A 49 4.00 0.60 -3.22
CA LYS A 49 2.54 0.64 -3.22
C LYS A 49 2.01 1.88 -2.52
N LEU A 50 2.56 2.32 -1.38
CA LEU A 50 2.06 3.45 -0.63
C LEU A 50 2.56 4.76 -1.25
N THR A 51 3.85 4.94 -1.55
CA THR A 51 4.40 6.17 -2.16
C THR A 51 3.78 6.45 -3.51
N ARG A 52 3.49 5.43 -4.32
CA ARG A 52 2.71 5.60 -5.55
C ARG A 52 1.26 6.00 -5.24
N HIS A 53 0.51 5.25 -4.44
CA HIS A 53 -0.90 5.61 -4.07
C HIS A 53 -1.02 7.00 -3.42
N MET A 54 0.02 7.46 -2.71
CA MET A 54 0.14 8.75 -2.06
C MET A 54 0.24 9.87 -3.07
N LYS A 55 1.12 9.74 -4.06
CA LYS A 55 1.26 10.75 -5.07
C LYS A 55 0.17 10.73 -6.13
N THR A 56 -0.53 9.61 -6.28
CA THR A 56 -1.77 9.49 -7.05
C THR A 56 -3.09 9.69 -6.26
N HIS A 57 -3.10 10.35 -5.09
CA HIS A 57 -4.29 10.42 -4.21
C HIS A 57 -5.19 11.62 -4.51
N GLY A 58 -4.77 12.53 -5.39
CA GLY A 58 -5.39 13.85 -5.58
C GLY A 58 -6.85 13.94 -6.01
N GLN A 59 -7.71 14.22 -5.02
CA GLN A 59 -9.14 14.54 -5.20
C GLN A 59 -9.91 13.51 -6.02
N VAL A 60 -9.70 12.22 -5.76
CA VAL A 60 -10.38 11.11 -6.48
C VAL A 60 -11.92 11.04 -6.29
N GLY A 61 -12.51 11.75 -5.33
CA GLY A 61 -13.96 11.89 -5.08
C GLY A 61 -14.69 10.75 -4.40
N LYS A 62 -14.01 9.60 -4.23
CA LYS A 62 -14.58 8.32 -3.80
C LYS A 62 -13.84 7.70 -2.58
N ASP A 63 -12.74 8.31 -2.08
CA ASP A 63 -11.94 7.82 -0.94
C ASP A 63 -11.40 6.39 -1.19
N VAL A 64 -11.29 6.03 -2.48
CA VAL A 64 -10.77 4.77 -3.01
C VAL A 64 -10.19 5.02 -4.41
N TYR A 65 -9.02 4.46 -4.68
CA TYR A 65 -8.29 4.67 -5.94
C TYR A 65 -8.93 3.95 -7.16
N LYS A 66 -8.74 4.52 -8.37
CA LYS A 66 -9.26 3.95 -9.65
C LYS A 66 -8.43 4.33 -10.89
N CYS A 67 -8.45 3.46 -11.93
CA CYS A 67 -7.78 3.63 -13.20
C CYS A 67 -8.56 4.69 -13.98
N GLU A 68 -8.00 5.90 -14.09
CA GLU A 68 -8.74 7.05 -14.67
C GLU A 68 -9.13 6.87 -16.15
N ILE A 69 -8.42 6.03 -16.91
CA ILE A 69 -8.82 5.55 -18.28
C ILE A 69 -9.96 4.49 -18.32
N CYS A 70 -10.12 3.60 -17.31
CA CYS A 70 -11.24 2.62 -17.17
C CYS A 70 -12.48 3.20 -16.47
N LYS A 71 -12.24 4.03 -15.44
CA LYS A 71 -13.02 4.25 -14.20
C LYS A 71 -12.96 3.09 -13.18
N MET A 72 -12.34 1.96 -13.52
CA MET A 72 -12.30 0.72 -12.72
C MET A 72 -11.52 0.88 -11.40
N PRO A 73 -12.07 0.51 -10.23
CA PRO A 73 -11.36 0.58 -8.94
C PRO A 73 -10.26 -0.45 -8.75
N PHE A 74 -9.14 -0.06 -8.13
CA PHE A 74 -7.94 -0.86 -7.84
C PHE A 74 -7.15 -0.20 -6.70
N SER A 75 -6.54 -1.03 -5.85
CA SER A 75 -5.97 -0.62 -4.54
C SER A 75 -4.83 0.41 -4.65
N VAL A 76 -3.94 0.27 -5.66
CA VAL A 76 -2.70 1.05 -5.73
C VAL A 76 -2.21 1.18 -7.18
N TYR A 77 -1.47 2.24 -7.49
CA TYR A 77 -0.94 2.51 -8.84
C TYR A 77 0.07 1.44 -9.35
N SER A 78 0.81 0.73 -8.50
CA SER A 78 1.65 -0.39 -8.96
C SER A 78 0.85 -1.56 -9.54
N THR A 79 -0.30 -1.91 -8.95
CA THR A 79 -1.17 -2.92 -9.57
C THR A 79 -1.87 -2.40 -10.81
N LEU A 80 -2.16 -1.10 -10.91
CA LEU A 80 -2.65 -0.53 -12.15
C LEU A 80 -1.65 -0.53 -13.32
N GLU A 81 -0.34 -0.34 -13.09
CA GLU A 81 0.63 -0.37 -14.19
C GLU A 81 0.69 -1.78 -14.78
N LYS A 82 0.45 -2.79 -13.91
CA LYS A 82 0.44 -4.20 -14.26
C LYS A 82 -0.91 -4.66 -14.87
N HIS A 83 -2.02 -4.00 -14.54
CA HIS A 83 -3.33 -4.12 -15.20
C HIS A 83 -3.32 -3.43 -16.58
N MET A 84 -2.97 -2.15 -16.65
CA MET A 84 -2.97 -1.31 -17.83
C MET A 84 -2.08 -1.88 -18.92
N LYS A 85 -0.88 -2.38 -18.59
CA LYS A 85 0.05 -2.91 -19.58
C LYS A 85 -0.26 -4.32 -20.13
N LYS A 86 -1.36 -4.93 -19.69
CA LYS A 86 -1.86 -6.26 -20.18
C LYS A 86 -3.37 -6.52 -20.26
N TRP A 87 -4.12 -6.02 -19.29
CA TRP A 87 -5.60 -5.87 -19.29
C TRP A 87 -6.14 -4.87 -20.31
N HIS A 88 -5.24 -4.04 -20.84
CA HIS A 88 -5.36 -3.23 -22.04
C HIS A 88 -4.18 -3.57 -22.99
N SER A 89 -4.10 -4.82 -23.47
CA SER A 89 -3.37 -5.18 -24.71
C SER A 89 -4.09 -6.30 -25.47
N ASP A 90 -4.57 -7.31 -24.73
CA ASP A 90 -5.69 -8.19 -25.09
C ASP A 90 -6.95 -7.77 -24.30
N ARG A 91 -8.15 -8.13 -24.77
CA ARG A 91 -9.43 -7.73 -24.16
C ARG A 91 -9.67 -8.32 -22.79
N VAL A 92 -9.33 -7.59 -21.72
CA VAL A 92 -9.81 -7.79 -20.35
C VAL A 92 -9.69 -9.24 -19.83
N LEU A 93 -8.53 -9.85 -20.11
CA LEU A 93 -8.09 -11.22 -19.77
C LEU A 93 -7.92 -11.48 -18.26
N ASN A 94 -7.41 -12.64 -17.85
CA ASN A 94 -7.37 -13.14 -16.47
C ASN A 94 -6.28 -12.46 -15.60
N ASN A 95 -6.08 -11.17 -15.82
CA ASN A 95 -5.20 -10.23 -15.12
C ASN A 95 -3.70 -10.57 -14.95
N ASP A 96 -3.11 -11.31 -15.89
CA ASP A 96 -1.80 -11.99 -15.82
C ASP A 96 -0.52 -11.08 -15.89
N ILE A 97 -0.53 -9.87 -15.30
CA ILE A 97 0.59 -8.94 -14.97
C ILE A 97 1.54 -8.52 -16.16
N LYS A 98 2.04 -7.28 -16.16
CA LYS A 98 3.23 -6.90 -16.97
C LYS A 98 4.47 -7.68 -16.54
N THR A 99 5.04 -8.47 -17.45
CA THR A 99 6.24 -9.34 -17.29
C THR A 99 6.75 -9.80 -18.68
N GLU A 100 7.89 -10.47 -18.70
CA GLU A 100 8.60 -11.02 -19.89
C GLU A 100 8.91 -12.50 -19.70
ZN ZN B . 7.19 -1.56 11.97
ZN ZN C . -5.59 6.23 0.58
ZN ZN D . -7.77 0.39 -16.65
N SER A 1 4.69 7.97 35.94
CA SER A 1 3.80 8.91 35.21
C SER A 1 3.49 8.49 33.78
N GLU A 2 2.76 7.38 33.66
CA GLU A 2 2.52 6.66 32.37
C GLU A 2 3.85 6.26 31.62
N GLY A 3 3.82 5.94 30.31
CA GLY A 3 4.89 5.38 29.48
C GLY A 3 5.16 3.88 29.74
N ARG A 4 6.28 3.35 29.25
CA ARG A 4 6.70 1.95 29.43
C ARG A 4 8.24 1.85 29.30
N ARG A 5 8.76 2.07 28.08
CA ARG A 5 10.14 2.23 27.56
C ARG A 5 10.13 2.97 26.23
N SER A 6 11.30 3.36 25.73
CA SER A 6 11.53 4.06 24.46
C SER A 6 11.16 3.30 23.17
N ASP A 7 10.57 2.11 23.29
CA ASP A 7 10.39 1.14 22.21
C ASP A 7 9.19 1.50 21.34
N THR A 8 9.41 2.29 20.30
CA THR A 8 8.40 2.60 19.28
C THR A 8 9.05 2.56 17.89
N CYS A 9 8.28 2.13 16.91
CA CYS A 9 8.66 2.06 15.49
C CYS A 9 8.48 3.40 14.78
N GLU A 10 9.51 3.88 14.07
CA GLU A 10 9.48 5.15 13.32
C GLU A 10 8.60 5.07 12.07
N TYR A 11 8.12 3.88 11.65
CA TYR A 11 7.13 3.68 10.57
C TYR A 11 5.69 3.36 11.02
N CYS A 12 5.52 2.55 12.06
CA CYS A 12 4.18 2.26 12.61
C CYS A 12 3.61 3.36 13.55
N GLY A 13 4.42 3.79 14.53
CA GLY A 13 3.90 4.37 15.78
C GLY A 13 3.43 3.33 16.81
N LYS A 14 3.61 2.02 16.61
CA LYS A 14 3.23 0.98 17.60
C LYS A 14 4.27 0.84 18.71
N VAL A 15 3.83 1.03 19.96
CA VAL A 15 4.61 0.93 21.21
C VAL A 15 4.90 -0.54 21.45
N PHE A 16 6.16 -0.93 21.35
CA PHE A 16 6.67 -2.24 21.73
C PHE A 16 7.02 -2.34 23.21
N LYS A 17 7.70 -3.42 23.61
CA LYS A 17 8.05 -3.71 25.00
C LYS A 17 9.50 -4.13 25.23
N ASN A 18 10.27 -4.31 24.16
CA ASN A 18 11.73 -4.42 24.14
C ASN A 18 12.27 -3.96 22.75
N CYS A 19 13.39 -3.21 22.73
CA CYS A 19 13.91 -2.57 21.51
C CYS A 19 14.19 -3.57 20.34
N SER A 20 14.58 -4.83 20.63
CA SER A 20 14.82 -5.95 19.68
C SER A 20 13.54 -6.33 18.95
N ASN A 21 12.41 -6.43 19.66
CA ASN A 21 11.12 -6.73 19.05
C ASN A 21 10.63 -5.57 18.14
N LEU A 22 10.89 -4.32 18.54
CA LEU A 22 10.78 -3.12 17.66
C LEU A 22 11.62 -3.23 16.40
N THR A 23 12.90 -3.55 16.54
CA THR A 23 13.90 -3.60 15.47
C THR A 23 13.55 -4.67 14.42
N VAL A 24 13.24 -5.90 14.85
CA VAL A 24 12.90 -7.06 13.95
C VAL A 24 11.58 -6.89 13.22
N HIS A 25 10.49 -6.52 13.90
CA HIS A 25 9.24 -6.36 13.16
C HIS A 25 9.38 -5.25 12.10
N ARG A 26 10.11 -4.18 12.42
CA ARG A 26 10.39 -3.02 11.53
C ARG A 26 11.23 -3.46 10.31
N ARG A 27 12.20 -4.39 10.45
CA ARG A 27 12.93 -4.96 9.30
C ARG A 27 12.13 -6.08 8.62
N SER A 28 11.16 -6.72 9.26
CA SER A 28 10.31 -7.71 8.63
C SER A 28 9.35 -7.02 7.66
N HIS A 29 8.69 -5.92 8.05
CA HIS A 29 7.68 -5.25 7.20
C HIS A 29 8.23 -4.20 6.23
N THR A 30 9.30 -3.49 6.64
CA THR A 30 9.90 -2.27 6.01
C THR A 30 8.79 -1.33 5.57
N GLY A 31 8.46 -1.29 4.28
CA GLY A 31 7.24 -0.61 3.82
C GLY A 31 7.20 0.89 4.01
N GLU A 32 6.02 1.43 4.35
CA GLU A 32 5.77 2.74 4.95
C GLU A 32 4.46 2.64 5.77
N ARG A 33 4.36 3.43 6.85
CA ARG A 33 3.16 3.47 7.77
C ARG A 33 2.88 2.15 8.52
N PRO A 34 1.88 2.10 9.45
CA PRO A 34 1.54 0.91 10.17
C PRO A 34 0.75 -0.15 9.33
N TYR A 35 1.15 -0.34 8.06
CA TYR A 35 0.64 -1.29 7.06
C TYR A 35 -0.89 -1.26 6.82
N LYS A 36 -1.52 -0.11 7.10
CA LYS A 36 -2.98 0.14 7.18
C LYS A 36 -3.27 1.57 6.73
N CYS A 37 -4.50 1.84 6.29
CA CYS A 37 -5.01 3.17 5.97
C CYS A 37 -5.68 3.84 7.15
N GLU A 38 -5.52 5.16 7.24
CA GLU A 38 -6.19 6.02 8.22
C GLU A 38 -7.56 6.52 7.74
N LEU A 39 -7.90 6.33 6.44
CA LEU A 39 -9.12 6.87 5.77
C LEU A 39 -10.14 5.81 5.31
N CYS A 40 -9.70 4.62 4.94
CA CYS A 40 -10.55 3.49 4.66
C CYS A 40 -9.98 2.22 5.28
N ASN A 41 -10.58 1.05 5.02
CA ASN A 41 -10.18 -0.15 5.73
C ASN A 41 -8.94 -0.88 5.18
N TYR A 42 -8.40 -0.42 4.03
CA TYR A 42 -7.24 -0.95 3.30
C TYR A 42 -6.00 -1.25 4.15
N ALA A 43 -5.33 -2.37 3.81
CA ALA A 43 -4.13 -2.91 4.44
C ALA A 43 -3.12 -3.55 3.45
N CYS A 44 -1.86 -3.11 3.56
CA CYS A 44 -0.76 -3.55 2.67
C CYS A 44 0.61 -3.24 3.26
N ALA A 45 1.61 -4.14 3.18
CA ALA A 45 3.00 -3.91 3.66
C ALA A 45 3.89 -3.08 2.72
N GLN A 46 3.64 -3.21 1.43
CA GLN A 46 4.53 -2.66 0.43
C GLN A 46 4.47 -1.12 0.37
N SER A 47 5.59 -0.43 0.59
CA SER A 47 5.74 1.04 0.41
C SER A 47 5.07 1.58 -0.87
N SER A 48 5.41 1.01 -2.02
CA SER A 48 4.99 1.44 -3.34
C SER A 48 3.54 1.13 -3.66
N LYS A 49 2.88 0.30 -2.85
CA LYS A 49 1.41 0.18 -2.88
C LYS A 49 0.77 1.21 -1.97
N LEU A 50 1.14 1.20 -0.68
CA LEU A 50 0.49 2.00 0.37
C LEU A 50 0.73 3.51 0.12
N THR A 51 1.90 3.96 -0.38
CA THR A 51 2.21 5.40 -0.65
C THR A 51 1.46 5.98 -1.85
N ARG A 52 1.26 5.18 -2.88
CA ARG A 52 0.46 5.53 -4.06
C ARG A 52 -1.05 5.56 -3.71
N HIS A 53 -1.52 4.57 -2.95
CA HIS A 53 -2.86 4.58 -2.29
C HIS A 53 -3.01 5.90 -1.48
N MET A 54 -2.05 6.31 -0.65
CA MET A 54 -2.19 7.55 0.13
C MET A 54 -2.35 8.83 -0.75
N LYS A 55 -1.45 9.15 -1.70
CA LYS A 55 -1.62 10.38 -2.53
C LYS A 55 -2.71 10.32 -3.62
N THR A 56 -3.21 9.15 -4.02
CA THR A 56 -4.36 8.97 -4.93
C THR A 56 -5.74 9.10 -4.26
N HIS A 57 -5.80 9.17 -2.92
CA HIS A 57 -7.04 9.05 -2.12
C HIS A 57 -8.14 10.14 -2.27
N GLY A 58 -7.91 11.18 -3.06
CA GLY A 58 -8.62 12.46 -3.09
C GLY A 58 -10.12 12.41 -2.87
N GLN A 59 -10.88 11.91 -3.86
CA GLN A 59 -12.30 11.52 -3.72
C GLN A 59 -12.64 10.26 -4.55
N VAL A 60 -12.56 9.09 -3.92
CA VAL A 60 -12.85 7.78 -4.50
C VAL A 60 -13.69 6.93 -3.53
N GLY A 61 -13.60 7.08 -2.19
CA GLY A 61 -14.43 6.33 -1.24
C GLY A 61 -14.00 4.86 -1.05
N LYS A 62 -13.03 4.37 -1.85
CA LYS A 62 -12.30 3.11 -1.69
C LYS A 62 -10.84 3.21 -2.20
N ASP A 63 -10.07 2.12 -2.08
CA ASP A 63 -8.66 1.96 -2.55
C ASP A 63 -8.52 1.80 -4.09
N VAL A 64 -9.64 1.79 -4.84
CA VAL A 64 -9.81 1.36 -6.26
C VAL A 64 -9.75 2.57 -7.21
N TYR A 65 -8.60 2.73 -7.84
CA TYR A 65 -8.31 3.75 -8.85
C TYR A 65 -8.97 3.34 -10.18
N LYS A 66 -8.88 4.25 -11.15
CA LYS A 66 -9.21 3.96 -12.55
C LYS A 66 -8.11 4.39 -13.55
N CYS A 67 -7.72 3.47 -14.45
CA CYS A 67 -6.65 3.62 -15.44
C CYS A 67 -6.83 4.91 -16.25
N GLU A 68 -5.86 5.83 -16.19
CA GLU A 68 -5.94 7.20 -16.77
C GLU A 68 -5.98 7.21 -18.32
N ILE A 69 -5.80 6.01 -18.91
CA ILE A 69 -5.93 5.72 -20.35
C ILE A 69 -7.18 4.91 -20.71
N CYS A 70 -7.48 3.81 -20.00
CA CYS A 70 -8.68 3.01 -20.31
C CYS A 70 -10.02 3.53 -19.75
N LYS A 71 -9.99 4.25 -18.61
CA LYS A 71 -11.05 4.32 -17.58
C LYS A 71 -11.33 2.99 -16.82
N MET A 72 -10.57 1.92 -17.05
CA MET A 72 -10.69 0.59 -16.41
C MET A 72 -10.34 0.61 -14.88
N PRO A 73 -11.23 0.20 -13.94
CA PRO A 73 -11.00 0.18 -12.47
C PRO A 73 -10.05 -0.95 -12.03
N PHE A 74 -9.14 -0.59 -11.14
CA PHE A 74 -8.24 -1.52 -10.45
C PHE A 74 -7.88 -1.02 -9.04
N SER A 75 -7.42 -1.88 -8.12
CA SER A 75 -6.90 -1.45 -6.80
C SER A 75 -5.58 -0.66 -6.92
N VAL A 76 -4.43 -1.34 -6.86
CA VAL A 76 -3.12 -0.64 -6.76
C VAL A 76 -2.50 -0.19 -8.12
N TYR A 77 -1.64 0.85 -8.11
CA TYR A 77 -0.95 1.36 -9.31
C TYR A 77 -0.05 0.28 -9.97
N SER A 78 0.57 -0.63 -9.21
CA SER A 78 1.45 -1.63 -9.81
C SER A 78 0.73 -2.75 -10.52
N THR A 79 -0.58 -2.96 -10.26
CA THR A 79 -1.39 -3.80 -11.17
C THR A 79 -1.76 -3.04 -12.43
N LEU A 80 -2.02 -1.72 -12.39
CA LEU A 80 -2.18 -0.95 -13.62
C LEU A 80 -0.92 -1.01 -14.48
N GLU A 81 0.27 -0.74 -13.97
CA GLU A 81 1.54 -0.87 -14.74
C GLU A 81 1.69 -2.26 -15.37
N LYS A 82 1.41 -3.34 -14.64
CA LYS A 82 1.51 -4.69 -15.21
C LYS A 82 0.35 -5.04 -16.20
N HIS A 83 -0.88 -4.52 -16.01
CA HIS A 83 -2.00 -4.62 -16.95
C HIS A 83 -1.65 -3.80 -18.25
N MET A 84 -1.00 -2.62 -18.17
CA MET A 84 -0.50 -1.81 -19.31
C MET A 84 0.65 -2.54 -20.08
N LYS A 85 1.67 -3.06 -19.39
CA LYS A 85 2.83 -3.81 -19.94
C LYS A 85 2.53 -5.26 -20.40
N LYS A 86 1.35 -5.80 -20.09
CA LYS A 86 0.86 -7.09 -20.60
C LYS A 86 0.57 -7.09 -22.10
N TRP A 87 -0.46 -6.37 -22.54
CA TRP A 87 -0.96 -6.46 -23.93
C TRP A 87 -1.65 -5.18 -24.43
N HIS A 88 -1.37 -4.03 -23.82
CA HIS A 88 -2.33 -2.92 -23.76
C HIS A 88 -2.40 -2.02 -25.03
N SER A 89 -2.28 -2.56 -26.25
CA SER A 89 -2.24 -1.83 -27.52
C SER A 89 -3.42 -0.84 -27.64
N ASP A 90 -4.66 -1.32 -27.49
CA ASP A 90 -5.90 -0.53 -27.69
C ASP A 90 -6.79 -0.39 -26.42
N ARG A 91 -6.18 -0.47 -25.23
CA ARG A 91 -6.66 0.26 -24.02
C ARG A 91 -8.13 0.00 -23.58
N VAL A 92 -8.61 -1.26 -23.55
CA VAL A 92 -10.06 -1.57 -23.40
C VAL A 92 -10.32 -2.91 -22.66
N LEU A 93 -9.47 -3.35 -21.72
CA LEU A 93 -9.53 -4.70 -21.08
C LEU A 93 -8.87 -4.77 -19.67
N ASN A 94 -9.61 -5.25 -18.65
CA ASN A 94 -9.18 -5.43 -17.26
C ASN A 94 -8.21 -6.61 -17.18
N ASN A 95 -8.79 -7.81 -17.03
CA ASN A 95 -8.15 -9.08 -16.66
C ASN A 95 -7.33 -9.11 -15.36
N ASP A 96 -6.97 -10.32 -14.97
CA ASP A 96 -6.03 -10.70 -13.92
C ASP A 96 -4.62 -10.02 -13.99
N ILE A 97 -3.94 -9.99 -12.85
CA ILE A 97 -2.63 -9.37 -12.64
C ILE A 97 -1.50 -10.02 -13.52
N LYS A 98 -0.88 -9.21 -14.39
CA LYS A 98 0.13 -9.61 -15.41
C LYS A 98 -0.27 -10.90 -16.19
N THR A 99 0.63 -11.83 -16.46
CA THR A 99 0.42 -13.01 -17.34
C THR A 99 1.02 -14.22 -16.65
N GLU A 100 0.49 -14.44 -15.44
CA GLU A 100 1.12 -15.06 -14.27
C GLU A 100 2.20 -14.16 -13.69
ZN ZN B . 6.52 -0.95 12.46
ZN ZN C . -7.59 4.04 2.09
ZN ZN D . -5.69 0.35 -18.73
N SER A 1 23.69 -10.81 25.02
CA SER A 1 23.83 -9.36 24.80
C SER A 1 22.52 -8.77 24.29
N GLU A 2 22.14 -7.61 24.81
CA GLU A 2 20.79 -7.05 24.63
C GLU A 2 20.77 -5.65 23.95
N GLY A 3 19.82 -5.44 23.03
CA GLY A 3 19.76 -4.25 22.18
C GLY A 3 18.66 -3.26 22.56
N ARG A 4 18.75 -2.62 23.72
CA ARG A 4 17.63 -1.83 24.33
C ARG A 4 16.37 -2.72 24.59
N ARG A 5 15.20 -2.16 24.92
CA ARG A 5 13.91 -2.87 25.12
C ARG A 5 12.79 -1.94 24.67
N SER A 6 11.82 -2.45 23.93
CA SER A 6 10.69 -1.65 23.42
C SER A 6 9.67 -2.58 22.81
N ASP A 7 10.08 -3.40 21.84
CA ASP A 7 9.25 -4.39 21.12
C ASP A 7 7.93 -3.83 20.48
N THR A 8 7.92 -2.59 19.98
CA THR A 8 6.84 -1.99 19.20
C THR A 8 7.44 -1.16 18.05
N CYS A 9 6.63 -0.74 17.09
CA CYS A 9 6.98 0.17 15.97
C CYS A 9 6.54 1.59 16.35
N GLU A 10 7.46 2.50 16.74
CA GLU A 10 7.11 3.92 17.01
C GLU A 10 6.51 4.66 15.81
N TYR A 11 6.31 4.01 14.65
CA TYR A 11 5.60 4.59 13.51
C TYR A 11 4.10 4.19 13.44
N CYS A 12 3.67 3.04 13.99
CA CYS A 12 2.23 2.66 13.93
C CYS A 12 1.61 1.97 15.14
N GLY A 13 2.40 1.51 16.13
CA GLY A 13 1.77 1.13 17.41
C GLY A 13 1.03 -0.20 17.42
N LYS A 14 1.30 -1.04 16.43
CA LYS A 14 0.86 -2.45 16.43
C LYS A 14 1.88 -3.37 17.08
N VAL A 15 1.44 -4.25 17.97
CA VAL A 15 2.30 -5.19 18.73
C VAL A 15 2.19 -6.64 18.24
N PHE A 16 3.27 -7.40 18.31
CA PHE A 16 3.39 -8.81 17.91
C PHE A 16 4.21 -9.63 18.94
N LYS A 17 4.04 -10.96 18.97
CA LYS A 17 4.69 -11.90 19.93
C LYS A 17 6.20 -12.11 19.73
N ASN A 18 6.88 -11.32 18.90
CA ASN A 18 8.35 -11.36 18.75
C ASN A 18 8.81 -10.03 18.14
N CYS A 19 9.82 -9.44 18.75
CA CYS A 19 10.44 -8.18 18.38
C CYS A 19 11.05 -8.19 16.95
N SER A 20 11.43 -9.38 16.45
CA SER A 20 11.84 -9.53 15.05
C SER A 20 10.72 -9.13 14.07
N ASN A 21 9.48 -9.55 14.32
CA ASN A 21 8.34 -9.32 13.44
C ASN A 21 7.98 -7.83 13.32
N LEU A 22 8.28 -7.05 14.36
CA LEU A 22 8.14 -5.60 14.36
C LEU A 22 9.05 -4.98 13.33
N THR A 23 10.32 -5.35 13.39
CA THR A 23 11.32 -4.78 12.49
C THR A 23 11.03 -5.16 11.05
N VAL A 24 10.62 -6.42 10.82
CA VAL A 24 10.19 -6.96 9.54
C VAL A 24 8.98 -6.18 9.00
N HIS A 25 7.86 -6.01 9.77
CA HIS A 25 6.66 -5.27 9.32
C HIS A 25 7.05 -3.82 9.06
N ARG A 26 7.82 -3.19 9.96
CA ARG A 26 8.30 -1.80 9.83
C ARG A 26 9.06 -1.51 8.55
N ARG A 27 10.10 -2.26 8.18
CA ARG A 27 10.78 -2.05 6.89
C ARG A 27 9.91 -2.41 5.67
N SER A 28 8.87 -3.27 5.76
CA SER A 28 7.91 -3.52 4.64
C SER A 28 7.07 -2.27 4.36
N HIS A 29 6.55 -1.65 5.42
CA HIS A 29 5.60 -0.53 5.31
C HIS A 29 6.17 0.90 5.47
N THR A 30 7.47 1.07 5.76
CA THR A 30 8.09 2.37 6.08
C THR A 30 7.59 3.53 5.17
N GLY A 31 7.31 4.70 5.74
CA GLY A 31 6.57 5.79 5.08
C GLY A 31 5.62 6.46 6.06
N GLU A 32 4.33 6.42 5.74
CA GLU A 32 3.31 7.18 6.47
C GLU A 32 2.95 6.53 7.80
N ARG A 33 2.82 7.37 8.84
CA ARG A 33 2.37 7.00 10.18
C ARG A 33 0.84 6.95 10.36
N PRO A 34 0.06 8.01 9.99
CA PRO A 34 -1.40 7.99 10.12
C PRO A 34 -2.12 7.19 9.03
N TYR A 35 -1.50 6.96 7.86
CA TYR A 35 -1.90 6.03 6.76
C TYR A 35 -3.40 5.96 6.34
N LYS A 36 -4.23 7.00 6.61
CA LYS A 36 -5.71 6.92 6.61
C LYS A 36 -6.31 7.82 5.53
N CYS A 37 -7.46 7.45 4.95
CA CYS A 37 -8.20 8.27 3.97
C CYS A 37 -9.45 8.92 4.61
N GLU A 38 -9.65 10.25 4.53
CA GLU A 38 -10.90 10.97 4.89
C GLU A 38 -12.08 10.77 3.92
N LEU A 39 -11.83 10.26 2.71
CA LEU A 39 -12.80 10.11 1.61
C LEU A 39 -13.35 8.67 1.54
N CYS A 40 -12.52 7.64 1.71
CA CYS A 40 -12.93 6.20 1.64
C CYS A 40 -13.03 5.48 3.02
N ASN A 41 -12.51 6.12 4.09
CA ASN A 41 -12.27 5.57 5.42
C ASN A 41 -11.29 4.36 5.54
N TYR A 42 -10.85 3.74 4.45
CA TYR A 42 -9.85 2.67 4.44
C TYR A 42 -8.50 3.15 4.95
N ALA A 43 -7.60 2.19 5.20
CA ALA A 43 -6.22 2.43 5.59
C ALA A 43 -5.18 1.77 4.67
N CYS A 44 -3.99 2.37 4.61
CA CYS A 44 -2.83 1.96 3.79
C CYS A 44 -1.69 1.38 4.62
N ALA A 45 -0.86 0.61 3.97
CA ALA A 45 0.41 0.12 4.52
C ALA A 45 1.46 1.24 4.39
N GLN A 46 1.76 1.74 3.17
CA GLN A 46 3.00 2.45 2.85
C GLN A 46 2.77 3.87 2.31
N SER A 47 3.74 4.80 2.41
CA SER A 47 3.55 6.16 1.85
C SER A 47 3.21 6.15 0.35
N SER A 48 3.89 5.35 -0.47
CA SER A 48 3.67 5.35 -1.94
C SER A 48 2.30 4.74 -2.37
N LYS A 49 1.54 4.25 -1.40
CA LYS A 49 0.11 3.98 -1.51
C LYS A 49 -0.68 5.23 -1.19
N LEU A 50 -0.74 5.73 0.06
CA LEU A 50 -1.64 6.84 0.43
C LEU A 50 -1.42 8.09 -0.43
N THR A 51 -0.18 8.55 -0.57
CA THR A 51 0.21 9.76 -1.31
C THR A 51 -0.21 9.72 -2.79
N ARG A 52 0.00 8.58 -3.50
CA ARG A 52 -0.41 8.41 -4.91
C ARG A 52 -1.95 8.34 -4.99
N HIS A 53 -2.61 7.52 -4.15
CA HIS A 53 -4.08 7.54 -3.97
C HIS A 53 -4.63 8.95 -3.66
N MET A 54 -3.92 9.79 -2.92
CA MET A 54 -4.37 11.14 -2.63
C MET A 54 -4.47 11.99 -3.91
N LYS A 55 -3.40 12.12 -4.72
CA LYS A 55 -3.46 12.96 -5.93
C LYS A 55 -4.30 12.35 -7.06
N THR A 56 -4.55 11.04 -7.03
CA THR A 56 -5.40 10.34 -8.02
C THR A 56 -6.88 10.27 -7.65
N HIS A 57 -7.25 10.75 -6.46
CA HIS A 57 -8.63 10.73 -5.95
C HIS A 57 -9.68 11.44 -6.83
N GLY A 58 -9.30 12.43 -7.66
CA GLY A 58 -10.16 13.32 -8.44
C GLY A 58 -10.94 12.69 -9.59
N GLN A 59 -11.21 11.40 -9.51
CA GLN A 59 -12.09 10.65 -10.44
C GLN A 59 -13.00 9.63 -9.74
N VAL A 60 -12.86 9.34 -8.44
CA VAL A 60 -13.66 8.29 -7.82
C VAL A 60 -13.77 8.39 -6.27
N GLY A 61 -14.82 7.83 -5.66
CA GLY A 61 -15.13 7.92 -4.23
C GLY A 61 -15.48 6.58 -3.53
N LYS A 62 -14.95 5.43 -3.97
CA LYS A 62 -15.20 4.06 -3.50
C LYS A 62 -13.88 3.27 -3.46
N ASP A 63 -12.81 3.89 -2.98
CA ASP A 63 -11.42 3.43 -2.89
C ASP A 63 -10.71 3.13 -4.21
N VAL A 64 -11.40 2.59 -5.19
CA VAL A 64 -10.91 1.89 -6.37
C VAL A 64 -10.95 2.71 -7.65
N TYR A 65 -9.83 2.74 -8.35
CA TYR A 65 -9.70 3.37 -9.66
C TYR A 65 -9.93 2.36 -10.80
N LYS A 66 -10.56 2.77 -11.90
CA LYS A 66 -10.60 1.98 -13.13
C LYS A 66 -9.45 2.32 -14.07
N CYS A 67 -8.57 1.36 -14.35
CA CYS A 67 -7.36 1.51 -15.16
C CYS A 67 -7.64 2.16 -16.52
N GLU A 68 -7.05 3.32 -16.83
CA GLU A 68 -7.41 4.01 -18.08
C GLU A 68 -6.95 3.25 -19.35
N ILE A 69 -6.13 2.20 -19.21
CA ILE A 69 -5.59 1.42 -20.34
C ILE A 69 -6.12 -0.01 -20.44
N CYS A 70 -6.86 -0.53 -19.47
CA CYS A 70 -7.69 -1.73 -19.69
C CYS A 70 -9.14 -1.70 -19.17
N LYS A 71 -9.48 -0.56 -18.59
CA LYS A 71 -10.76 -0.26 -17.94
C LYS A 71 -11.09 -1.13 -16.70
N MET A 72 -10.16 -1.97 -16.19
CA MET A 72 -10.33 -2.88 -15.02
C MET A 72 -10.26 -2.08 -13.69
N PRO A 73 -11.16 -2.30 -12.71
CA PRO A 73 -11.08 -1.69 -11.37
C PRO A 73 -9.99 -2.31 -10.51
N PHE A 74 -9.18 -1.46 -9.90
CA PHE A 74 -8.14 -1.82 -8.91
C PHE A 74 -8.09 -0.80 -7.75
N SER A 75 -7.67 -1.26 -6.58
CA SER A 75 -7.66 -0.53 -5.27
C SER A 75 -6.70 0.66 -5.27
N VAL A 76 -5.40 0.51 -5.01
CA VAL A 76 -4.43 1.63 -4.85
C VAL A 76 -3.73 1.99 -6.16
N TYR A 77 -3.61 3.29 -6.52
CA TYR A 77 -2.92 3.71 -7.75
C TYR A 77 -1.54 3.06 -7.97
N SER A 78 -0.72 2.91 -6.92
CA SER A 78 0.56 2.17 -7.03
C SER A 78 0.44 0.69 -7.44
N THR A 79 -0.68 -0.02 -7.16
CA THR A 79 -0.88 -1.33 -7.80
C THR A 79 -1.09 -1.19 -9.32
N LEU A 80 -1.79 -0.17 -9.81
CA LEU A 80 -1.97 0.05 -11.24
C LEU A 80 -0.66 0.37 -11.95
N GLU A 81 0.29 1.08 -11.34
CA GLU A 81 1.67 1.32 -11.85
C GLU A 81 2.39 -0.04 -12.05
N LYS A 82 2.43 -0.88 -11.00
CA LYS A 82 3.04 -2.22 -11.13
C LYS A 82 2.30 -3.23 -12.02
N HIS A 83 0.99 -3.08 -12.21
CA HIS A 83 0.18 -3.86 -13.15
C HIS A 83 0.43 -3.37 -14.59
N MET A 84 0.43 -2.05 -14.76
CA MET A 84 0.83 -1.36 -15.99
C MET A 84 2.25 -1.67 -16.47
N LYS A 85 3.25 -1.70 -15.57
CA LYS A 85 4.65 -1.91 -15.96
C LYS A 85 5.09 -3.38 -15.94
N LYS A 86 4.30 -4.35 -15.48
CA LYS A 86 4.53 -5.81 -15.60
C LYS A 86 3.55 -6.41 -16.65
N TRP A 87 2.36 -6.93 -16.25
CA TRP A 87 1.54 -7.77 -17.15
C TRP A 87 0.94 -7.07 -18.38
N HIS A 88 0.75 -5.75 -18.36
CA HIS A 88 0.40 -4.94 -19.56
C HIS A 88 1.46 -4.98 -20.69
N SER A 89 2.70 -5.42 -20.40
CA SER A 89 3.85 -5.41 -21.32
C SER A 89 3.71 -6.28 -22.59
N ASP A 90 2.55 -6.92 -22.82
CA ASP A 90 2.22 -7.61 -24.06
C ASP A 90 0.73 -7.33 -24.44
N ARG A 91 -0.23 -7.51 -23.51
CA ARG A 91 -1.70 -7.40 -23.72
C ARG A 91 -2.42 -6.98 -22.44
N VAL A 92 -3.66 -6.51 -22.52
CA VAL A 92 -4.56 -6.22 -21.39
C VAL A 92 -5.14 -7.51 -20.77
N LEU A 93 -5.20 -7.58 -19.44
CA LEU A 93 -5.78 -8.68 -18.65
C LEU A 93 -6.03 -8.29 -17.20
N ASN A 94 -6.67 -9.17 -16.42
CA ASN A 94 -6.91 -8.95 -14.97
C ASN A 94 -5.60 -8.87 -14.11
N ASN A 95 -4.96 -10.00 -13.80
CA ASN A 95 -3.88 -10.18 -12.80
C ASN A 95 -4.25 -9.86 -11.32
N ASP A 96 -3.62 -10.57 -10.36
CA ASP A 96 -3.86 -10.44 -8.90
C ASP A 96 -2.67 -9.72 -8.18
N ILE A 97 -2.49 -8.41 -8.43
CA ILE A 97 -1.55 -7.48 -7.78
C ILE A 97 -0.08 -7.88 -7.93
N LYS A 98 0.65 -7.28 -8.89
CA LYS A 98 2.12 -7.53 -9.17
C LYS A 98 2.54 -8.99 -9.45
N THR A 99 1.59 -9.89 -9.61
CA THR A 99 1.76 -11.34 -9.92
C THR A 99 2.82 -11.60 -11.00
N GLU A 100 3.51 -12.73 -10.94
CA GLU A 100 4.51 -13.30 -11.87
C GLU A 100 5.86 -12.57 -12.01
ZN ZN B . 4.61 -0.08 11.89
ZN ZN C . -9.72 7.41 -0.45
ZN ZN D . -4.92 -2.12 -16.65
N SER A 1 1.54 -4.33 41.61
CA SER A 1 2.94 -4.60 41.31
C SER A 1 3.03 -5.50 40.06
N GLU A 2 3.29 -4.96 38.86
CA GLU A 2 3.57 -5.64 37.57
C GLU A 2 4.54 -4.76 36.74
N GLY A 3 5.05 -5.29 35.62
CA GLY A 3 5.82 -4.56 34.61
C GLY A 3 4.91 -3.79 33.63
N ARG A 4 5.48 -3.32 32.50
CA ARG A 4 4.72 -2.67 31.42
C ARG A 4 5.10 -2.98 29.97
N ARG A 5 6.31 -3.46 29.65
CA ARG A 5 6.81 -3.85 28.30
C ARG A 5 6.32 -2.96 27.15
N SER A 6 6.78 -1.72 27.06
CA SER A 6 6.47 -0.80 25.93
C SER A 6 7.45 -0.88 24.73
N ASP A 7 7.78 -2.09 24.27
CA ASP A 7 8.95 -2.39 23.42
C ASP A 7 8.64 -2.88 21.97
N THR A 8 7.40 -2.74 21.51
CA THR A 8 6.93 -3.27 20.22
C THR A 8 6.34 -2.18 19.33
N CYS A 9 6.47 -2.37 18.01
CA CYS A 9 5.81 -1.54 17.00
C CYS A 9 4.28 -1.73 16.96
N GLU A 10 3.55 -0.66 17.29
CA GLU A 10 2.10 -0.54 17.08
C GLU A 10 1.60 -0.83 15.65
N TYR A 11 2.47 -0.82 14.63
CA TYR A 11 2.07 -1.00 13.23
C TYR A 11 2.67 -2.22 12.52
N CYS A 12 3.85 -2.74 12.94
CA CYS A 12 4.40 -3.98 12.38
C CYS A 12 3.92 -5.21 13.15
N GLY A 13 3.90 -5.12 14.48
CA GLY A 13 4.12 -6.28 15.31
C GLY A 13 5.57 -6.81 15.40
N LYS A 14 6.57 -5.94 15.19
CA LYS A 14 8.02 -6.21 15.38
C LYS A 14 8.44 -5.73 16.78
N VAL A 15 8.83 -6.67 17.63
CA VAL A 15 9.48 -6.44 18.94
C VAL A 15 10.91 -5.89 18.75
N PHE A 16 11.23 -4.83 19.50
CA PHE A 16 12.54 -4.18 19.66
C PHE A 16 13.10 -4.38 21.07
N LYS A 17 14.24 -3.73 21.42
CA LYS A 17 14.86 -3.77 22.75
C LYS A 17 15.18 -2.38 23.33
N ASN A 18 14.68 -1.30 22.71
CA ASN A 18 14.80 0.09 23.19
C ASN A 18 13.74 0.95 22.46
N CYS A 19 13.10 1.85 23.20
CA CYS A 19 12.01 2.70 22.71
C CYS A 19 12.46 3.62 21.57
N SER A 20 13.71 4.14 21.58
CA SER A 20 14.18 5.00 20.47
C SER A 20 14.34 4.28 19.15
N ASN A 21 14.86 3.06 19.19
CA ASN A 21 14.98 2.19 18.02
C ASN A 21 13.59 1.82 17.43
N LEU A 22 12.58 1.49 18.26
CA LEU A 22 11.21 1.27 17.82
C LEU A 22 10.68 2.58 17.20
N THR A 23 10.93 3.75 17.80
CA THR A 23 10.45 5.03 17.27
C THR A 23 11.00 5.40 15.89
N VAL A 24 12.33 5.29 15.69
CA VAL A 24 12.97 5.74 14.44
C VAL A 24 12.55 4.87 13.26
N HIS A 25 12.42 3.55 13.46
CA HIS A 25 11.97 2.59 12.42
C HIS A 25 10.49 2.88 12.09
N ARG A 26 9.65 3.17 13.11
CA ARG A 26 8.21 3.46 12.97
C ARG A 26 7.94 4.72 12.10
N ARG A 27 8.69 5.83 12.28
CA ARG A 27 8.71 7.04 11.38
C ARG A 27 9.30 6.79 9.98
N SER A 28 10.25 5.84 9.91
CA SER A 28 10.97 5.35 8.70
C SER A 28 10.11 4.46 7.76
N HIS A 29 8.91 4.05 8.21
CA HIS A 29 7.96 3.25 7.39
C HIS A 29 6.47 3.67 7.41
N THR A 30 6.14 4.86 7.91
CA THR A 30 4.78 5.40 7.64
C THR A 30 4.49 5.42 6.11
N GLY A 31 3.35 4.85 5.68
CA GLY A 31 3.08 4.63 4.25
C GLY A 31 3.88 3.51 3.55
N GLU A 32 4.59 2.61 4.27
CA GLU A 32 5.40 1.56 3.66
C GLU A 32 5.24 0.15 4.26
N ARG A 33 6.08 -0.34 5.20
CA ARG A 33 6.15 -1.75 5.65
C ARG A 33 4.91 -2.25 6.45
N PRO A 34 4.14 -1.45 7.22
CA PRO A 34 2.95 -1.91 7.92
C PRO A 34 1.69 -1.86 6.98
N TYR A 35 0.55 -1.36 7.46
CA TYR A 35 -0.70 -1.35 6.72
C TYR A 35 -1.65 -0.16 6.93
N LYS A 36 -1.24 1.11 6.81
CA LYS A 36 -2.05 2.31 7.07
C LYS A 36 -1.55 3.46 6.19
N CYS A 37 -2.40 4.08 5.40
CA CYS A 37 -2.09 5.29 4.62
C CYS A 37 -1.93 6.59 5.46
N GLU A 38 -0.98 7.47 5.10
CA GLU A 38 -0.82 8.79 5.74
C GLU A 38 -1.96 9.77 5.37
N LEU A 39 -2.77 9.48 4.32
CA LEU A 39 -3.80 10.33 3.73
C LEU A 39 -5.22 9.77 4.02
N CYS A 40 -5.46 8.47 3.72
CA CYS A 40 -6.75 7.81 3.90
C CYS A 40 -6.75 6.75 5.02
N ASN A 41 -7.83 5.97 5.15
CA ASN A 41 -7.97 4.83 6.07
C ASN A 41 -7.72 3.47 5.40
N TYR A 42 -7.30 3.43 4.13
CA TYR A 42 -6.95 2.20 3.43
C TYR A 42 -5.65 1.57 3.98
N ALA A 43 -5.54 0.25 3.81
CA ALA A 43 -4.48 -0.60 4.31
C ALA A 43 -3.94 -1.50 3.18
N CYS A 44 -2.62 -1.76 3.16
CA CYS A 44 -1.96 -2.71 2.25
C CYS A 44 -0.71 -3.40 2.88
N ALA A 45 -0.73 -4.70 3.13
CA ALA A 45 0.34 -5.43 3.82
C ALA A 45 1.69 -5.65 3.03
N GLN A 46 2.02 -4.79 2.06
CA GLN A 46 3.25 -4.87 1.26
C GLN A 46 3.73 -3.49 0.72
N SER A 47 5.04 -3.18 0.79
CA SER A 47 5.61 -1.85 0.44
C SER A 47 5.30 -1.37 -0.97
N SER A 48 5.46 -2.24 -1.97
CA SER A 48 5.15 -1.95 -3.40
C SER A 48 3.66 -1.87 -3.71
N LYS A 49 2.79 -2.17 -2.74
CA LYS A 49 1.39 -1.75 -2.82
C LYS A 49 1.18 -0.40 -2.12
N LEU A 50 1.54 -0.28 -0.84
CA LEU A 50 1.17 0.89 -0.05
C LEU A 50 1.79 2.20 -0.56
N THR A 51 3.08 2.16 -0.85
CA THR A 51 3.84 3.25 -1.45
C THR A 51 3.29 3.64 -2.82
N ARG A 52 2.84 2.66 -3.64
CA ARG A 52 2.27 2.98 -4.95
C ARG A 52 0.86 3.52 -4.87
N HIS A 53 -0.01 2.96 -4.01
CA HIS A 53 -1.28 3.62 -3.68
C HIS A 53 -1.08 5.07 -3.20
N MET A 54 -0.19 5.36 -2.23
CA MET A 54 0.01 6.70 -1.66
C MET A 54 0.35 7.76 -2.74
N LYS A 55 1.32 7.54 -3.65
CA LYS A 55 1.71 8.53 -4.71
C LYS A 55 0.62 8.68 -5.81
N THR A 56 -0.35 7.74 -5.85
CA THR A 56 -1.45 7.70 -6.81
C THR A 56 -2.76 8.28 -6.28
N HIS A 57 -2.76 9.03 -5.18
CA HIS A 57 -3.94 9.84 -4.75
C HIS A 57 -4.18 11.13 -5.59
N GLY A 58 -4.26 10.99 -6.93
CA GLY A 58 -4.58 12.05 -7.88
C GLY A 58 -6.02 12.55 -7.84
N GLN A 59 -6.36 13.26 -6.74
CA GLN A 59 -7.74 13.60 -6.37
C GLN A 59 -8.69 12.38 -6.37
N VAL A 60 -8.21 11.27 -5.80
CA VAL A 60 -8.92 9.98 -5.65
C VAL A 60 -9.51 9.87 -4.23
N GLY A 61 -10.71 10.41 -4.03
CA GLY A 61 -11.48 10.46 -2.74
C GLY A 61 -12.24 9.18 -2.29
N LYS A 62 -11.74 8.04 -2.78
CA LYS A 62 -12.21 6.67 -2.57
C LYS A 62 -11.10 5.62 -2.73
N ASP A 63 -9.85 6.07 -2.67
CA ASP A 63 -8.62 5.26 -2.66
C ASP A 63 -8.33 4.47 -3.95
N VAL A 64 -9.36 3.99 -4.66
CA VAL A 64 -9.30 3.28 -5.96
C VAL A 64 -9.28 4.25 -7.16
N TYR A 65 -8.16 4.33 -7.90
CA TYR A 65 -7.96 5.12 -9.13
C TYR A 65 -8.68 4.48 -10.32
N LYS A 66 -8.91 5.31 -11.34
CA LYS A 66 -9.39 4.88 -12.69
C LYS A 66 -8.16 4.74 -13.62
N CYS A 67 -8.02 3.65 -14.36
CA CYS A 67 -6.92 3.44 -15.30
C CYS A 67 -7.12 4.35 -16.51
N GLU A 68 -6.33 5.39 -16.76
CA GLU A 68 -6.68 6.37 -17.81
C GLU A 68 -6.76 5.78 -19.26
N ILE A 69 -6.14 4.61 -19.52
CA ILE A 69 -6.10 3.89 -20.83
C ILE A 69 -7.26 2.86 -21.04
N CYS A 70 -8.06 2.53 -20.01
CA CYS A 70 -9.37 1.84 -20.21
C CYS A 70 -10.58 2.38 -19.38
N LYS A 71 -10.33 3.35 -18.49
CA LYS A 71 -11.22 4.02 -17.50
C LYS A 71 -11.72 3.11 -16.39
N MET A 72 -11.49 1.81 -16.46
CA MET A 72 -11.89 0.86 -15.39
C MET A 72 -11.20 1.19 -14.04
N PRO A 73 -11.89 1.10 -12.90
CA PRO A 73 -11.29 1.33 -11.57
C PRO A 73 -10.49 0.11 -11.07
N PHE A 74 -9.39 0.29 -10.32
CA PHE A 74 -8.58 -0.82 -9.80
C PHE A 74 -7.91 -0.65 -8.42
N SER A 75 -7.87 -1.77 -7.68
CA SER A 75 -7.63 -1.84 -6.22
C SER A 75 -6.26 -1.46 -5.72
N VAL A 76 -5.19 -1.73 -6.49
CA VAL A 76 -3.80 -1.30 -6.25
C VAL A 76 -3.04 -1.05 -7.60
N TYR A 77 -2.15 -0.05 -7.72
CA TYR A 77 -1.43 0.26 -8.97
C TYR A 77 -0.45 -0.81 -9.53
N SER A 78 0.13 -1.68 -8.69
CA SER A 78 0.78 -2.89 -9.24
C SER A 78 -0.18 -3.84 -9.95
N THR A 79 -1.46 -3.88 -9.57
CA THR A 79 -2.46 -4.68 -10.29
C THR A 79 -2.68 -4.08 -11.68
N LEU A 80 -2.59 -2.74 -11.82
CA LEU A 80 -2.70 -2.01 -13.09
C LEU A 80 -1.54 -2.26 -14.02
N GLU A 81 -0.29 -2.21 -13.55
CA GLU A 81 0.87 -2.63 -14.36
C GLU A 81 0.75 -4.07 -14.88
N LYS A 82 0.29 -5.04 -14.09
CA LYS A 82 0.05 -6.39 -14.58
C LYS A 82 -1.13 -6.44 -15.55
N HIS A 83 -2.27 -5.82 -15.26
CA HIS A 83 -3.40 -5.72 -16.19
C HIS A 83 -3.03 -5.05 -17.53
N MET A 84 -2.14 -4.05 -17.52
CA MET A 84 -1.62 -3.37 -18.71
C MET A 84 -0.74 -4.31 -19.53
N LYS A 85 0.24 -4.92 -18.86
CA LYS A 85 1.27 -5.73 -19.50
C LYS A 85 0.83 -7.14 -19.92
N LYS A 86 -0.42 -7.62 -19.75
CA LYS A 86 -0.88 -8.86 -20.43
C LYS A 86 -1.33 -8.60 -21.86
N TRP A 87 -2.32 -7.73 -22.00
CA TRP A 87 -3.07 -7.65 -23.25
C TRP A 87 -3.51 -6.25 -23.68
N HIS A 88 -3.12 -5.18 -22.95
CA HIS A 88 -3.72 -3.82 -23.04
C HIS A 88 -3.36 -3.03 -24.29
N SER A 89 -2.66 -3.66 -25.25
CA SER A 89 -2.09 -3.00 -26.42
C SER A 89 -3.07 -2.21 -27.27
N ASP A 90 -4.32 -2.64 -27.38
CA ASP A 90 -5.32 -1.97 -28.24
C ASP A 90 -6.43 -1.28 -27.43
N ARG A 91 -6.24 -1.22 -26.11
CA ARG A 91 -7.10 -0.61 -25.08
C ARG A 91 -8.54 -1.22 -24.92
N VAL A 92 -9.35 -0.60 -24.05
CA VAL A 92 -10.82 -0.77 -23.84
C VAL A 92 -11.19 -2.22 -23.46
N LEU A 93 -10.81 -2.65 -22.26
CA LEU A 93 -10.99 -4.06 -21.84
C LEU A 93 -11.18 -4.24 -20.32
N ASN A 94 -11.60 -5.45 -19.88
CA ASN A 94 -11.74 -5.87 -18.47
C ASN A 94 -10.36 -6.32 -17.87
N ASN A 95 -10.29 -7.36 -17.02
CA ASN A 95 -8.98 -7.88 -16.60
C ASN A 95 -8.92 -9.41 -16.48
N ASP A 96 -7.74 -9.95 -16.76
CA ASP A 96 -7.47 -11.40 -16.79
C ASP A 96 -6.25 -11.79 -15.94
N ILE A 97 -5.66 -10.82 -15.23
CA ILE A 97 -4.38 -10.87 -14.48
C ILE A 97 -3.17 -11.26 -15.33
N LYS A 98 -1.98 -10.72 -15.02
CA LYS A 98 -0.75 -11.11 -15.74
C LYS A 98 -0.35 -12.52 -15.32
N THR A 99 -0.10 -13.30 -16.35
CA THR A 99 0.59 -14.58 -16.24
C THR A 99 1.98 -14.50 -16.85
N GLU A 100 2.82 -15.51 -16.62
CA GLU A 100 3.82 -15.93 -17.61
C GLU A 100 3.17 -16.54 -18.85
ZN ZN B . 7.01 -1.06 12.54
ZN ZN C . -4.61 6.23 0.91
ZN ZN D . -6.74 -0.34 -18.06
N SER A 1 -1.26 0.42 25.75
CA SER A 1 -1.36 0.62 27.23
C SER A 1 -0.22 1.47 27.75
N GLU A 2 0.94 0.92 28.12
CA GLU A 2 2.05 1.64 28.77
C GLU A 2 3.43 1.07 28.42
N GLY A 3 4.44 1.95 28.31
CA GLY A 3 5.81 1.71 27.87
C GLY A 3 6.82 2.12 28.96
N ARG A 4 8.12 1.90 28.73
CA ARG A 4 9.20 2.26 29.69
C ARG A 4 10.60 2.39 29.04
N ARG A 5 10.94 1.49 28.10
CA ARG A 5 12.15 1.56 27.24
C ARG A 5 11.84 2.39 26.01
N SER A 6 12.87 2.87 25.30
CA SER A 6 12.82 3.56 24.00
C SER A 6 12.22 2.74 22.83
N ASP A 7 11.43 1.68 23.08
CA ASP A 7 11.04 0.68 22.07
C ASP A 7 9.79 1.05 21.22
N THR A 8 9.91 1.94 20.23
CA THR A 8 8.80 2.37 19.37
C THR A 8 9.14 2.39 17.90
N CYS A 9 8.17 2.03 17.04
CA CYS A 9 8.34 1.97 15.60
C CYS A 9 8.15 3.38 15.01
N GLU A 10 9.22 3.95 14.47
CA GLU A 10 9.27 5.27 13.79
C GLU A 10 8.36 5.35 12.55
N TYR A 11 7.83 4.22 12.07
CA TYR A 11 6.79 4.19 11.03
C TYR A 11 5.38 4.04 11.60
N CYS A 12 5.16 3.07 12.49
CA CYS A 12 3.82 2.82 13.10
C CYS A 12 3.38 3.92 14.07
N GLY A 13 4.24 4.19 15.05
CA GLY A 13 3.91 4.81 16.32
C GLY A 13 3.69 3.79 17.46
N LYS A 14 3.59 2.48 17.13
CA LYS A 14 3.40 1.35 18.05
C LYS A 14 4.65 1.23 18.91
N VAL A 15 4.39 1.18 20.21
CA VAL A 15 5.37 0.87 21.27
C VAL A 15 5.44 -0.64 21.55
N PHE A 16 6.55 -1.07 22.13
CA PHE A 16 6.88 -2.48 22.41
C PHE A 16 7.61 -2.62 23.75
N LYS A 17 7.92 -3.86 24.14
CA LYS A 17 8.72 -4.21 25.33
C LYS A 17 10.20 -4.48 25.07
N ASN A 18 10.60 -4.59 23.80
CA ASN A 18 12.00 -4.70 23.41
C ASN A 18 12.25 -4.17 21.99
N CYS A 19 13.47 -3.68 21.72
CA CYS A 19 13.90 -3.18 20.40
C CYS A 19 14.05 -4.35 19.37
N SER A 20 14.35 -5.61 19.77
CA SER A 20 14.32 -6.79 18.87
C SER A 20 12.94 -7.00 18.23
N ASN A 21 11.87 -6.87 19.04
CA ASN A 21 10.46 -7.02 18.66
C ASN A 21 10.02 -5.87 17.75
N LEU A 22 10.46 -4.66 18.11
CA LEU A 22 10.35 -3.47 17.25
C LEU A 22 10.99 -3.78 15.89
N THR A 23 12.24 -4.26 15.86
CA THR A 23 13.03 -4.45 14.64
C THR A 23 12.49 -5.51 13.68
N VAL A 24 12.14 -6.70 14.18
CA VAL A 24 11.50 -7.76 13.38
C VAL A 24 10.12 -7.36 12.86
N HIS A 25 9.20 -6.81 13.69
CA HIS A 25 7.94 -6.35 13.11
C HIS A 25 8.15 -5.25 12.06
N ARG A 26 9.09 -4.31 12.27
CA ARG A 26 9.39 -3.20 11.33
C ARG A 26 9.85 -3.70 9.95
N ARG A 27 10.69 -4.76 9.87
CA ARG A 27 11.17 -5.36 8.60
C ARG A 27 10.04 -6.16 7.99
N SER A 28 9.24 -6.84 8.82
CA SER A 28 8.11 -7.65 8.30
C SER A 28 7.03 -6.86 7.55
N HIS A 29 6.85 -5.57 7.86
CA HIS A 29 5.97 -4.69 7.09
C HIS A 29 6.70 -3.70 6.17
N THR A 30 7.85 -3.20 6.61
CA THR A 30 8.64 -2.13 5.99
C THR A 30 7.75 -0.98 5.48
N GLY A 31 7.38 -0.86 4.19
CA GLY A 31 6.21 -0.04 3.81
C GLY A 31 6.37 1.48 3.99
N GLU A 32 5.28 2.14 4.37
CA GLU A 32 5.16 3.46 5.00
C GLU A 32 4.06 3.39 6.12
N ARG A 33 4.09 4.31 7.08
CA ARG A 33 3.03 4.49 8.11
C ARG A 33 2.75 3.23 8.96
N PRO A 34 1.74 3.19 9.85
CA PRO A 34 1.18 1.93 10.37
C PRO A 34 0.30 1.17 9.37
N TYR A 35 0.75 1.11 8.13
CA TYR A 35 0.12 0.35 7.04
C TYR A 35 -1.42 0.57 6.91
N LYS A 36 -1.82 1.84 6.96
CA LYS A 36 -3.19 2.43 6.94
C LYS A 36 -3.21 3.75 6.17
N CYS A 37 -3.97 3.83 5.05
CA CYS A 37 -4.17 5.10 4.35
C CYS A 37 -5.27 5.95 5.04
N GLU A 38 -5.19 7.27 4.92
CA GLU A 38 -6.06 8.23 5.64
C GLU A 38 -7.47 8.36 5.01
N LEU A 39 -7.67 7.72 3.84
CA LEU A 39 -8.82 7.95 2.95
C LEU A 39 -9.71 6.71 2.74
N CYS A 40 -9.15 5.50 2.62
CA CYS A 40 -9.83 4.18 2.74
C CYS A 40 -9.78 3.68 4.21
N ASN A 41 -10.35 2.51 4.47
CA ASN A 41 -9.86 1.67 5.56
C ASN A 41 -8.56 0.91 5.24
N TYR A 42 -8.13 0.84 3.97
CA TYR A 42 -7.25 -0.19 3.39
C TYR A 42 -5.77 -0.08 3.79
N ALA A 43 -5.04 -1.19 3.70
CA ALA A 43 -3.67 -1.37 4.19
C ALA A 43 -2.73 -1.86 3.07
N CYS A 44 -1.41 -1.78 3.25
CA CYS A 44 -0.39 -2.15 2.26
C CYS A 44 0.97 -2.31 2.98
N ALA A 45 1.65 -3.44 2.74
CA ALA A 45 2.98 -3.83 3.29
C ALA A 45 4.18 -3.42 2.38
N GLN A 46 4.03 -2.35 1.61
CA GLN A 46 4.99 -1.86 0.62
C GLN A 46 4.91 -0.35 0.39
N SER A 47 6.07 0.33 0.36
CA SER A 47 6.21 1.78 0.43
C SER A 47 5.67 2.47 -0.83
N SER A 48 6.13 2.06 -2.02
CA SER A 48 5.65 2.47 -3.35
C SER A 48 4.19 2.05 -3.54
N LYS A 49 3.77 0.86 -3.08
CA LYS A 49 2.35 0.46 -3.14
C LYS A 49 1.47 1.45 -2.35
N LEU A 50 1.76 1.71 -1.08
CA LEU A 50 0.90 2.62 -0.31
C LEU A 50 0.97 4.07 -0.76
N THR A 51 2.17 4.63 -0.99
CA THR A 51 2.37 6.06 -1.39
C THR A 51 1.66 6.34 -2.70
N ARG A 52 1.75 5.40 -3.65
CA ARG A 52 1.17 5.53 -4.98
C ARG A 52 -0.37 5.41 -4.94
N HIS A 53 -0.92 4.37 -4.27
CA HIS A 53 -2.37 4.24 -4.09
C HIS A 53 -2.95 5.46 -3.32
N MET A 54 -2.31 5.92 -2.24
CA MET A 54 -2.72 7.11 -1.46
C MET A 54 -2.90 8.40 -2.31
N LYS A 55 -1.88 8.83 -3.06
CA LYS A 55 -1.99 10.06 -3.89
C LYS A 55 -2.83 9.88 -5.17
N THR A 56 -2.90 8.68 -5.74
CA THR A 56 -3.80 8.36 -6.87
C THR A 56 -5.28 8.58 -6.60
N HIS A 57 -5.80 8.17 -5.45
CA HIS A 57 -7.21 8.41 -5.05
C HIS A 57 -7.44 9.71 -4.24
N GLY A 58 -6.66 10.76 -4.49
CA GLY A 58 -6.74 12.06 -3.81
C GLY A 58 -8.05 12.86 -3.98
N GLN A 59 -9.02 12.31 -4.71
CA GLN A 59 -10.34 12.87 -5.00
C GLN A 59 -11.49 11.80 -4.88
N VAL A 60 -11.19 10.56 -4.45
CA VAL A 60 -12.07 9.38 -4.55
C VAL A 60 -12.22 8.66 -3.19
N GLY A 61 -13.45 8.58 -2.67
CA GLY A 61 -13.83 7.83 -1.45
C GLY A 61 -14.58 6.53 -1.74
N LYS A 62 -13.86 5.47 -2.12
CA LYS A 62 -14.45 4.15 -2.54
C LYS A 62 -13.77 2.90 -1.99
N ASP A 63 -12.80 3.07 -1.08
CA ASP A 63 -11.88 2.04 -0.64
C ASP A 63 -11.03 1.35 -1.74
N VAL A 64 -11.29 1.58 -3.03
CA VAL A 64 -10.61 1.00 -4.20
C VAL A 64 -10.42 2.10 -5.25
N TYR A 65 -9.33 2.14 -6.02
CA TYR A 65 -9.13 3.08 -7.15
C TYR A 65 -9.28 2.37 -8.51
N LYS A 66 -9.30 3.11 -9.65
CA LYS A 66 -9.57 2.64 -11.02
C LYS A 66 -8.71 3.32 -12.09
N CYS A 67 -8.45 2.60 -13.16
CA CYS A 67 -7.57 3.02 -14.25
C CYS A 67 -8.26 4.10 -15.08
N GLU A 68 -7.67 5.29 -15.26
CA GLU A 68 -8.23 6.35 -16.11
C GLU A 68 -8.19 6.05 -17.62
N ILE A 69 -7.42 5.04 -18.04
CA ILE A 69 -7.33 4.64 -19.43
C ILE A 69 -8.05 3.32 -19.84
N CYS A 70 -8.48 2.39 -18.94
CA CYS A 70 -9.41 1.32 -19.30
C CYS A 70 -10.69 1.27 -18.42
N LYS A 71 -10.87 2.25 -17.52
CA LYS A 71 -11.94 2.40 -16.51
C LYS A 71 -11.96 1.28 -15.45
N MET A 72 -11.16 0.22 -15.54
CA MET A 72 -11.19 -0.95 -14.61
C MET A 72 -10.65 -0.69 -13.19
N PRO A 73 -11.26 -1.25 -12.10
CA PRO A 73 -10.78 -1.13 -10.70
C PRO A 73 -9.62 -2.10 -10.35
N PHE A 74 -8.75 -1.68 -9.41
CA PHE A 74 -7.55 -2.41 -8.90
C PHE A 74 -7.14 -2.10 -7.44
N SER A 75 -6.39 -3.04 -6.84
CA SER A 75 -5.92 -2.98 -5.45
C SER A 75 -4.80 -1.97 -5.17
N VAL A 76 -3.65 -2.00 -5.87
CA VAL A 76 -2.43 -1.18 -5.56
C VAL A 76 -1.81 -0.65 -6.85
N TYR A 77 -1.31 0.59 -6.87
CA TYR A 77 -1.01 1.31 -8.12
C TYR A 77 0.18 0.76 -8.89
N SER A 78 1.18 0.13 -8.23
CA SER A 78 2.24 -0.60 -8.97
C SER A 78 1.69 -1.80 -9.77
N THR A 79 0.53 -2.35 -9.40
CA THR A 79 -0.19 -3.33 -10.25
C THR A 79 -0.72 -2.67 -11.52
N LEU A 80 -1.23 -1.43 -11.45
CA LEU A 80 -1.62 -0.69 -12.63
C LEU A 80 -0.39 -0.39 -13.48
N GLU A 81 0.75 0.02 -12.94
CA GLU A 81 1.95 0.26 -13.79
C GLU A 81 2.45 -0.97 -14.54
N LYS A 82 2.46 -2.14 -13.91
CA LYS A 82 2.69 -3.38 -14.66
C LYS A 82 1.58 -3.64 -15.71
N HIS A 83 0.31 -3.52 -15.40
CA HIS A 83 -0.78 -3.70 -16.38
C HIS A 83 -0.73 -2.66 -17.50
N MET A 84 -0.50 -1.39 -17.20
CA MET A 84 -0.42 -0.30 -18.13
C MET A 84 0.74 -0.38 -19.14
N LYS A 85 1.80 -1.19 -18.91
CA LYS A 85 2.99 -1.35 -19.78
C LYS A 85 3.21 -2.79 -20.28
N LYS A 86 2.41 -3.75 -19.82
CA LYS A 86 2.29 -5.12 -20.38
C LYS A 86 0.92 -5.50 -20.97
N TRP A 87 -0.22 -5.25 -20.34
CA TRP A 87 -1.56 -5.62 -20.81
C TRP A 87 -2.20 -4.53 -21.67
N HIS A 88 -1.89 -3.25 -21.42
CA HIS A 88 -2.18 -2.17 -22.39
C HIS A 88 -1.18 -2.24 -23.58
N SER A 89 -1.10 -3.38 -24.25
CA SER A 89 -0.27 -3.56 -25.46
C SER A 89 -0.92 -3.01 -26.74
N ASP A 90 -2.25 -2.99 -26.82
CA ASP A 90 -3.02 -2.57 -27.96
C ASP A 90 -4.07 -1.53 -27.58
N ARG A 91 -5.01 -1.82 -26.66
CA ARG A 91 -5.98 -0.82 -26.14
C ARG A 91 -6.42 -1.00 -24.69
N VAL A 92 -7.61 -1.56 -24.47
CA VAL A 92 -8.21 -1.75 -23.14
C VAL A 92 -7.75 -3.04 -22.50
N LEU A 93 -8.41 -4.14 -22.85
CA LEU A 93 -8.13 -5.52 -22.43
C LEU A 93 -8.41 -5.90 -20.96
N ASN A 94 -9.29 -6.89 -20.83
CA ASN A 94 -9.89 -7.31 -19.55
C ASN A 94 -8.87 -7.63 -18.43
N ASN A 95 -7.79 -8.30 -18.78
CA ASN A 95 -6.59 -8.67 -18.00
C ASN A 95 -6.83 -9.64 -16.80
N ASP A 96 -5.76 -10.30 -16.35
CA ASP A 96 -5.60 -10.77 -14.96
C ASP A 96 -4.18 -10.41 -14.43
N ILE A 97 -4.05 -10.09 -13.14
CA ILE A 97 -3.02 -9.13 -12.63
C ILE A 97 -1.58 -9.47 -13.10
N LYS A 98 -0.91 -8.51 -13.76
CA LYS A 98 0.40 -8.60 -14.48
C LYS A 98 0.51 -9.75 -15.51
N THR A 99 0.51 -11.01 -15.07
CA THR A 99 0.59 -12.27 -15.87
C THR A 99 0.10 -13.49 -15.04
N GLU A 100 -1.14 -13.43 -14.55
CA GLU A 100 -1.93 -14.55 -13.98
C GLU A 100 -1.58 -14.98 -12.54
ZN ZN B . 5.82 -0.63 12.62
ZN ZN C . -6.54 4.45 0.44
ZN ZN D . -5.95 -0.10 -17.38
N SER A 1 -0.97 8.48 31.85
CA SER A 1 0.19 7.72 31.33
C SER A 1 1.46 8.55 31.47
N GLU A 2 2.12 8.27 32.58
CA GLU A 2 3.19 9.07 33.21
C GLU A 2 4.58 8.57 32.81
N GLY A 3 5.54 8.50 33.72
CA GLY A 3 6.94 8.06 33.51
C GLY A 3 7.20 6.57 33.19
N ARG A 4 6.49 6.00 32.20
CA ARG A 4 6.66 4.64 31.68
C ARG A 4 6.55 4.62 30.16
N ARG A 5 7.67 4.97 29.52
CA ARG A 5 7.87 4.86 28.07
C ARG A 5 9.32 4.52 27.68
N SER A 6 9.44 3.72 26.64
CA SER A 6 10.68 3.24 25.98
C SER A 6 10.29 2.54 24.65
N ASP A 7 11.17 1.77 23.99
CA ASP A 7 10.80 0.81 22.93
C ASP A 7 9.83 1.37 21.85
N THR A 8 10.27 2.38 21.09
CA THR A 8 9.48 2.98 20.02
C THR A 8 9.99 2.58 18.65
N CYS A 9 9.08 2.55 17.68
CA CYS A 9 9.35 2.25 16.29
C CYS A 9 9.85 3.48 15.55
N GLU A 10 11.07 3.44 15.02
CA GLU A 10 11.64 4.50 14.19
C GLU A 10 10.87 4.81 12.89
N TYR A 11 10.18 3.82 12.31
CA TYR A 11 9.43 4.03 11.05
C TYR A 11 7.92 4.35 11.23
N CYS A 12 7.24 3.78 12.26
CA CYS A 12 5.84 4.17 12.63
C CYS A 12 5.76 5.45 13.46
N GLY A 13 6.67 5.60 14.38
CA GLY A 13 6.58 6.52 15.50
C GLY A 13 5.70 6.04 16.68
N LYS A 14 5.00 4.89 16.57
CA LYS A 14 4.25 4.16 17.61
C LYS A 14 5.16 3.52 18.69
N VAL A 15 4.81 3.86 19.92
CA VAL A 15 5.46 3.41 21.15
C VAL A 15 4.91 2.04 21.56
N PHE A 16 5.76 1.05 21.92
CA PHE A 16 5.35 -0.23 22.55
C PHE A 16 5.63 -0.32 24.07
N LYS A 17 5.31 -1.49 24.68
CA LYS A 17 5.61 -1.81 26.10
C LYS A 17 6.57 -3.01 26.28
N ASN A 18 7.10 -3.53 25.17
CA ASN A 18 7.98 -4.70 25.09
C ASN A 18 8.86 -4.73 23.82
N CYS A 19 10.19 -4.64 23.98
CA CYS A 19 11.16 -4.67 22.84
C CYS A 19 11.02 -5.87 21.89
N SER A 20 10.63 -7.05 22.37
CA SER A 20 10.47 -8.22 21.52
C SER A 20 9.27 -8.13 20.57
N ASN A 21 8.09 -7.67 21.04
CA ASN A 21 6.98 -7.34 20.15
C ASN A 21 7.29 -6.11 19.28
N LEU A 22 8.00 -5.10 19.80
CA LEU A 22 8.43 -4.00 18.91
C LEU A 22 9.23 -4.58 17.74
N THR A 23 10.23 -5.40 18.05
CA THR A 23 11.20 -5.88 17.05
C THR A 23 10.55 -6.73 15.93
N VAL A 24 9.59 -7.59 16.26
CA VAL A 24 8.94 -8.45 15.26
C VAL A 24 7.95 -7.67 14.38
N HIS A 25 7.27 -6.66 14.93
CA HIS A 25 6.49 -5.70 14.16
C HIS A 25 7.41 -4.83 13.28
N ARG A 26 8.52 -4.30 13.80
CA ARG A 26 9.52 -3.52 13.07
C ARG A 26 10.20 -4.29 11.94
N ARG A 27 10.61 -5.54 12.09
CA ARG A 27 11.13 -6.30 10.92
C ARG A 27 10.11 -6.47 9.77
N SER A 28 8.82 -6.51 10.09
CA SER A 28 7.72 -6.54 9.11
C SER A 28 7.46 -5.12 8.54
N HIS A 29 8.49 -4.31 8.29
CA HIS A 29 8.43 -3.05 7.56
C HIS A 29 9.46 -3.03 6.41
N THR A 30 9.85 -4.21 5.89
CA THR A 30 10.98 -4.38 4.96
C THR A 30 10.75 -3.72 3.59
N GLY A 31 9.50 -3.65 3.13
CA GLY A 31 9.00 -2.72 2.10
C GLY A 31 8.91 -1.27 2.62
N GLU A 32 7.75 -0.85 3.11
CA GLU A 32 7.49 0.48 3.68
C GLU A 32 6.34 0.35 4.70
N ARG A 33 6.36 1.21 5.72
CA ARG A 33 5.31 1.39 6.75
C ARG A 33 4.89 0.10 7.48
N PRO A 34 3.86 0.04 8.38
CA PRO A 34 3.32 -1.19 8.93
C PRO A 34 2.54 -2.00 7.84
N TYR A 35 2.99 -2.01 6.58
CA TYR A 35 2.40 -2.76 5.47
C TYR A 35 0.92 -2.45 5.16
N LYS A 36 0.31 -1.42 5.76
CA LYS A 36 -1.11 -1.03 5.59
C LYS A 36 -1.23 0.50 5.37
N CYS A 37 -2.15 0.91 4.51
CA CYS A 37 -2.36 2.29 4.07
C CYS A 37 -3.16 3.11 5.09
N GLU A 38 -2.87 4.39 5.29
CA GLU A 38 -3.68 5.27 6.15
C GLU A 38 -4.99 5.67 5.43
N LEU A 39 -5.06 5.61 4.10
CA LEU A 39 -6.22 6.06 3.31
C LEU A 39 -7.23 4.95 3.00
N CYS A 40 -6.76 3.70 2.89
CA CYS A 40 -7.60 2.53 2.74
C CYS A 40 -7.18 1.39 3.70
N ASN A 41 -8.13 0.57 4.16
CA ASN A 41 -7.82 -0.61 5.04
C ASN A 41 -7.32 -1.84 4.24
N TYR A 42 -6.49 -1.64 3.21
CA TYR A 42 -5.75 -2.69 2.50
C TYR A 42 -4.31 -2.79 3.03
N ALA A 43 -3.67 -3.93 2.75
CA ALA A 43 -2.31 -4.24 3.19
C ALA A 43 -1.46 -4.96 2.13
N CYS A 44 -0.23 -4.51 1.89
CA CYS A 44 0.65 -4.89 0.77
C CYS A 44 2.14 -4.88 1.21
N ALA A 45 2.89 -5.92 0.83
CA ALA A 45 4.22 -6.19 1.39
C ALA A 45 5.43 -5.38 0.80
N GLN A 46 5.26 -4.71 -0.33
CA GLN A 46 6.36 -4.17 -1.16
C GLN A 46 6.29 -2.63 -1.19
N SER A 47 7.42 -1.92 -1.08
CA SER A 47 7.47 -0.44 -1.06
C SER A 47 6.96 0.18 -2.35
N SER A 48 7.41 -0.32 -3.51
CA SER A 48 6.97 0.19 -4.83
C SER A 48 5.51 -0.08 -5.19
N LYS A 49 4.84 -0.96 -4.44
CA LYS A 49 3.38 -1.13 -4.47
C LYS A 49 2.70 -0.17 -3.49
N LEU A 50 3.06 -0.20 -2.20
CA LEU A 50 2.40 0.64 -1.19
C LEU A 50 2.59 2.16 -1.39
N THR A 51 3.82 2.64 -1.54
CA THR A 51 4.06 4.09 -1.59
C THR A 51 3.55 4.71 -2.89
N ARG A 52 3.55 3.94 -3.97
CA ARG A 52 3.11 4.44 -5.30
C ARG A 52 1.60 4.41 -5.40
N HIS A 53 0.88 3.49 -4.72
CA HIS A 53 -0.60 3.57 -4.68
C HIS A 53 -1.13 4.72 -3.82
N MET A 54 -0.57 4.86 -2.61
CA MET A 54 -1.00 5.82 -1.60
C MET A 54 -1.08 7.26 -2.09
N LYS A 55 0.01 7.87 -2.61
CA LYS A 55 -0.04 9.26 -3.09
C LYS A 55 -0.88 9.38 -4.36
N THR A 56 -0.97 8.30 -5.13
CA THR A 56 -1.77 8.31 -6.36
C THR A 56 -3.27 8.37 -6.10
N HIS A 57 -3.80 7.64 -5.12
CA HIS A 57 -5.24 7.65 -4.89
C HIS A 57 -5.65 8.81 -4.01
N GLY A 58 -4.89 9.08 -2.94
CA GLY A 58 -5.17 10.26 -2.10
C GLY A 58 -6.64 10.33 -1.65
N GLN A 59 -7.25 11.52 -1.79
CA GLN A 59 -8.71 11.68 -1.70
C GLN A 59 -9.38 11.33 -3.04
N VAL A 60 -9.63 10.04 -3.31
CA VAL A 60 -10.45 9.52 -4.42
C VAL A 60 -11.95 9.53 -4.01
N GLY A 61 -12.34 10.59 -3.29
CA GLY A 61 -13.59 10.68 -2.51
C GLY A 61 -13.61 9.81 -1.26
N LYS A 62 -13.20 8.55 -1.38
CA LYS A 62 -13.21 7.58 -0.30
C LYS A 62 -11.97 6.67 -0.34
N ASP A 63 -12.10 5.46 0.19
CA ASP A 63 -11.07 4.40 0.23
C ASP A 63 -10.63 3.82 -1.12
N VAL A 64 -11.57 3.39 -1.98
CA VAL A 64 -11.28 2.52 -3.14
C VAL A 64 -10.63 3.32 -4.26
N TYR A 65 -9.42 2.94 -4.65
CA TYR A 65 -8.78 3.46 -5.86
C TYR A 65 -9.30 2.86 -7.17
N LYS A 66 -9.38 3.66 -8.23
CA LYS A 66 -9.88 3.21 -9.54
C LYS A 66 -9.22 3.96 -10.72
N CYS A 67 -9.03 3.29 -11.87
CA CYS A 67 -8.40 3.81 -13.11
C CYS A 67 -9.20 4.99 -13.68
N GLU A 68 -8.66 6.22 -13.70
CA GLU A 68 -9.41 7.40 -14.14
C GLU A 68 -9.95 7.33 -15.59
N ILE A 69 -9.33 6.51 -16.46
CA ILE A 69 -9.69 6.34 -17.88
C ILE A 69 -10.66 5.17 -18.20
N CYS A 70 -10.87 4.19 -17.29
CA CYS A 70 -11.82 3.07 -17.46
C CYS A 70 -12.73 2.71 -16.26
N LYS A 71 -12.54 3.42 -15.15
CA LYS A 71 -13.22 3.38 -13.87
C LYS A 71 -13.09 2.06 -13.08
N MET A 72 -12.36 1.08 -13.61
CA MET A 72 -12.07 -0.19 -12.93
C MET A 72 -11.40 0.05 -11.58
N PRO A 73 -11.91 -0.50 -10.46
CA PRO A 73 -11.21 -0.46 -9.18
C PRO A 73 -10.02 -1.43 -9.14
N PHE A 74 -8.90 -1.04 -8.53
CA PHE A 74 -7.68 -1.87 -8.49
C PHE A 74 -6.83 -1.62 -7.24
N SER A 75 -6.20 -2.69 -6.74
CA SER A 75 -5.47 -2.71 -5.45
C SER A 75 -4.28 -1.73 -5.32
N VAL A 76 -3.50 -1.55 -6.40
CA VAL A 76 -2.24 -0.79 -6.39
C VAL A 76 -1.96 -0.12 -7.74
N TYR A 77 -1.06 0.88 -7.71
CA TYR A 77 -0.71 1.65 -8.91
C TYR A 77 0.00 0.80 -9.98
N SER A 78 0.92 -0.10 -9.61
CA SER A 78 1.66 -0.96 -10.57
C SER A 78 0.83 -2.01 -11.31
N THR A 79 -0.19 -2.55 -10.66
CA THR A 79 -1.18 -3.36 -11.37
C THR A 79 -1.91 -2.49 -12.39
N LEU A 80 -2.16 -1.20 -12.13
CA LEU A 80 -2.82 -0.32 -13.11
C LEU A 80 -1.88 0.11 -14.23
N GLU A 81 -0.59 0.26 -13.98
CA GLU A 81 0.35 0.46 -15.05
C GLU A 81 0.39 -0.79 -15.96
N LYS A 82 0.36 -1.99 -15.39
CA LYS A 82 0.44 -3.22 -16.17
C LYS A 82 -0.91 -3.60 -16.76
N HIS A 83 -2.02 -3.15 -16.18
CA HIS A 83 -3.33 -3.19 -16.81
C HIS A 83 -3.36 -2.19 -17.98
N MET A 84 -3.08 -0.89 -17.78
CA MET A 84 -3.33 0.17 -18.77
C MET A 84 -2.56 -0.06 -20.07
N LYS A 85 -1.26 -0.34 -19.96
CA LYS A 85 -0.34 -0.69 -21.06
C LYS A 85 -0.58 -2.08 -21.68
N LYS A 86 -1.73 -2.74 -21.44
CA LYS A 86 -2.13 -3.91 -22.24
C LYS A 86 -3.64 -4.20 -22.30
N TRP A 87 -4.40 -4.04 -21.21
CA TRP A 87 -5.86 -4.23 -21.15
C TRP A 87 -6.62 -3.17 -21.95
N HIS A 88 -6.00 -2.00 -22.14
CA HIS A 88 -6.52 -0.98 -23.08
C HIS A 88 -5.91 -1.08 -24.48
N SER A 89 -5.06 -2.08 -24.76
CA SER A 89 -4.60 -2.37 -26.11
C SER A 89 -5.63 -3.22 -26.87
N ASP A 90 -5.54 -4.55 -26.77
CA ASP A 90 -6.49 -5.54 -27.36
C ASP A 90 -7.85 -5.66 -26.59
N ARG A 91 -8.34 -4.51 -26.13
CA ARG A 91 -9.65 -4.17 -25.56
C ARG A 91 -10.26 -5.23 -24.62
N VAL A 92 -9.93 -5.15 -23.32
CA VAL A 92 -10.47 -5.96 -22.18
C VAL A 92 -10.18 -7.48 -22.26
N LEU A 93 -9.02 -7.83 -22.81
CA LEU A 93 -8.42 -9.18 -22.79
C LEU A 93 -8.28 -9.81 -21.40
N ASN A 94 -7.87 -11.08 -21.35
CA ASN A 94 -7.82 -11.85 -20.09
C ASN A 94 -6.57 -11.56 -19.23
N ASN A 95 -6.29 -10.28 -19.04
CA ASN A 95 -5.27 -9.66 -18.20
C ASN A 95 -3.85 -10.29 -18.28
N ASP A 96 -3.24 -10.30 -19.49
CA ASP A 96 -1.87 -10.81 -19.71
C ASP A 96 -0.69 -10.02 -19.05
N ILE A 97 -0.94 -8.84 -18.47
CA ILE A 97 0.05 -7.88 -17.90
C ILE A 97 1.05 -7.29 -18.93
N LYS A 98 1.42 -6.03 -18.73
CA LYS A 98 2.54 -5.41 -19.45
C LYS A 98 3.87 -6.13 -19.09
N THR A 99 4.22 -7.21 -19.79
CA THR A 99 5.60 -7.76 -19.91
C THR A 99 6.40 -7.11 -21.04
N GLU A 100 7.60 -7.64 -21.31
CA GLU A 100 8.53 -7.33 -22.42
C GLU A 100 8.24 -8.06 -23.75
ZN ZN B . 6.37 0.27 13.24
ZN ZN C . -4.61 3.12 0.15
ZN ZN D . -7.92 1.38 -16.98
N SER A 1 13.61 -13.41 25.98
CA SER A 1 13.78 -12.16 26.78
C SER A 1 13.49 -10.91 25.96
N GLU A 2 12.22 -10.49 25.97
CA GLU A 2 11.62 -9.90 24.77
C GLU A 2 11.57 -8.38 24.79
N GLY A 3 11.78 -7.76 25.96
CA GLY A 3 11.71 -6.31 26.14
C GLY A 3 11.73 -5.87 27.60
N ARG A 4 11.94 -4.56 27.80
CA ARG A 4 11.84 -3.82 29.07
C ARG A 4 11.73 -2.30 28.82
N ARG A 5 10.95 -1.87 27.83
CA ARG A 5 10.61 -0.45 27.57
C ARG A 5 9.09 -0.32 27.44
N SER A 6 8.48 0.77 27.92
CA SER A 6 7.05 1.09 27.70
C SER A 6 6.72 1.43 26.24
N ASP A 7 7.72 1.81 25.45
CA ASP A 7 7.63 2.11 24.03
C ASP A 7 7.31 0.89 23.15
N THR A 8 6.07 0.75 22.70
CA THR A 8 5.66 -0.31 21.76
C THR A 8 4.63 0.27 20.82
N CYS A 9 4.82 -0.09 19.55
CA CYS A 9 4.02 0.34 18.42
C CYS A 9 2.66 -0.36 18.44
N GLU A 10 1.60 0.42 18.58
CA GLU A 10 0.26 -0.16 18.52
C GLU A 10 -0.04 -0.79 17.13
N TYR A 11 0.68 -0.39 16.07
CA TYR A 11 0.58 -1.02 14.75
C TYR A 11 1.49 -2.29 14.60
N CYS A 12 2.81 -2.26 14.86
CA CYS A 12 3.62 -3.48 14.70
C CYS A 12 3.30 -4.53 15.78
N GLY A 13 3.13 -4.11 17.05
CA GLY A 13 3.19 -4.92 18.26
C GLY A 13 4.58 -5.16 18.82
N LYS A 14 5.62 -4.58 18.22
CA LYS A 14 7.01 -4.71 18.69
C LYS A 14 7.37 -3.64 19.73
N VAL A 15 8.20 -3.99 20.70
CA VAL A 15 8.83 -2.98 21.60
C VAL A 15 9.86 -2.12 20.85
N PHE A 16 10.34 -1.04 21.46
CA PHE A 16 11.29 -0.09 20.92
C PHE A 16 12.34 0.34 21.99
N LYS A 17 12.98 1.49 21.72
CA LYS A 17 14.17 1.98 22.44
C LYS A 17 14.06 3.42 22.93
N ASN A 18 13.05 4.16 22.49
CA ASN A 18 12.79 5.54 22.90
C ASN A 18 11.43 5.98 22.31
N CYS A 19 10.62 6.75 23.05
CA CYS A 19 9.28 7.17 22.60
C CYS A 19 9.17 8.05 21.33
N SER A 20 10.04 9.07 21.19
CA SER A 20 10.14 9.92 19.99
C SER A 20 10.57 9.05 18.80
N ASN A 21 11.51 8.14 19.04
CA ASN A 21 11.95 7.22 17.99
C ASN A 21 10.82 6.25 17.59
N LEU A 22 10.00 5.79 18.54
CA LEU A 22 8.81 5.01 18.30
C LEU A 22 7.83 5.77 17.37
N THR A 23 7.50 7.02 17.69
CA THR A 23 6.55 7.86 16.93
C THR A 23 6.98 8.10 15.48
N VAL A 24 8.24 8.44 15.24
CA VAL A 24 8.75 8.59 13.87
C VAL A 24 8.87 7.24 13.12
N HIS A 25 9.30 6.15 13.77
CA HIS A 25 9.31 4.85 13.08
C HIS A 25 7.90 4.49 12.59
N ARG A 26 6.85 4.67 13.39
CA ARG A 26 5.47 4.32 13.02
C ARG A 26 5.06 5.03 11.72
N ARG A 27 5.10 6.38 11.68
CA ARG A 27 4.79 7.15 10.45
C ARG A 27 5.83 7.05 9.32
N SER A 28 7.02 6.49 9.57
CA SER A 28 7.97 6.08 8.52
C SER A 28 7.66 4.76 7.82
N HIS A 29 6.91 3.85 8.45
CA HIS A 29 6.51 2.61 7.80
C HIS A 29 5.03 2.53 7.39
N THR A 30 4.09 3.14 8.15
CA THR A 30 2.63 3.08 8.06
C THR A 30 2.13 2.70 6.68
N GLY A 31 1.51 1.52 6.63
CA GLY A 31 1.71 0.64 5.49
C GLY A 31 2.61 -0.56 5.88
N GLU A 32 2.70 -1.54 4.98
CA GLU A 32 3.51 -2.76 5.14
C GLU A 32 3.20 -3.53 6.45
N ARG A 33 4.11 -3.58 7.44
CA ARG A 33 4.07 -4.43 8.65
C ARG A 33 2.71 -4.62 9.34
N PRO A 34 1.90 -3.56 9.55
CA PRO A 34 0.67 -3.67 10.30
C PRO A 34 -0.57 -3.77 9.38
N TYR A 35 -0.42 -4.01 8.07
CA TYR A 35 -1.49 -4.26 7.09
C TYR A 35 -2.55 -3.14 6.97
N LYS A 36 -2.22 -1.85 7.22
CA LYS A 36 -3.16 -0.72 7.32
C LYS A 36 -2.65 0.53 6.57
N CYS A 37 -3.57 1.17 5.84
CA CYS A 37 -3.42 2.54 5.28
C CYS A 37 -3.77 3.60 6.34
N GLU A 38 -3.02 4.68 6.48
CA GLU A 38 -3.45 5.84 7.32
C GLU A 38 -4.52 6.71 6.65
N LEU A 39 -4.74 6.58 5.34
CA LEU A 39 -5.77 7.34 4.60
C LEU A 39 -7.10 6.56 4.46
N CYS A 40 -7.02 5.27 4.19
CA CYS A 40 -8.16 4.33 4.04
C CYS A 40 -8.28 3.36 5.22
N ASN A 41 -9.47 2.81 5.44
CA ASN A 41 -9.66 1.57 6.21
C ASN A 41 -9.10 0.31 5.47
N TYR A 42 -8.27 0.44 4.42
CA TYR A 42 -7.87 -0.63 3.50
C TYR A 42 -6.64 -1.40 3.96
N ALA A 43 -6.65 -2.70 3.67
CA ALA A 43 -5.67 -3.64 4.21
C ALA A 43 -5.14 -4.69 3.20
N CYS A 44 -4.05 -5.38 3.56
CA CYS A 44 -3.57 -6.67 3.01
C CYS A 44 -2.23 -7.07 3.68
N ALA A 45 -1.84 -8.36 3.77
CA ALA A 45 -0.49 -8.81 4.14
C ALA A 45 0.61 -8.26 3.23
N GLN A 46 0.35 -8.08 1.93
CA GLN A 46 1.42 -7.87 0.94
C GLN A 46 2.02 -6.46 1.10
N SER A 47 3.36 -6.41 1.22
CA SER A 47 4.18 -5.19 1.41
C SER A 47 4.08 -4.23 0.21
N SER A 48 4.36 -4.70 -1.01
CA SER A 48 4.30 -3.93 -2.25
C SER A 48 2.88 -3.54 -2.61
N LYS A 49 1.87 -4.44 -2.43
CA LYS A 49 0.46 -4.06 -2.64
C LYS A 49 0.11 -2.87 -1.75
N LEU A 50 0.40 -2.91 -0.44
CA LEU A 50 -0.02 -1.86 0.51
C LEU A 50 0.77 -0.54 0.38
N THR A 51 2.08 -0.61 0.25
CA THR A 51 3.00 0.50 0.02
C THR A 51 2.73 1.23 -1.31
N ARG A 52 2.48 0.52 -2.43
CA ARG A 52 2.21 1.16 -3.73
C ARG A 52 0.86 1.85 -3.75
N HIS A 53 -0.18 1.18 -3.25
CA HIS A 53 -1.55 1.72 -3.20
C HIS A 53 -1.59 3.11 -2.54
N MET A 54 -0.90 3.23 -1.39
CA MET A 54 -0.84 4.45 -0.57
C MET A 54 -0.41 5.64 -1.39
N LYS A 55 0.75 5.61 -2.06
CA LYS A 55 1.17 6.80 -2.87
C LYS A 55 0.39 6.97 -4.19
N THR A 56 -0.09 5.85 -4.72
CA THR A 56 -0.91 5.83 -5.95
C THR A 56 -2.26 6.53 -5.79
N HIS A 57 -2.85 6.65 -4.58
CA HIS A 57 -4.00 7.55 -4.40
C HIS A 57 -3.67 8.81 -3.58
N GLY A 58 -2.38 9.11 -3.34
CA GLY A 58 -1.95 10.02 -2.27
C GLY A 58 -2.42 11.46 -2.40
N GLN A 59 -2.84 11.89 -3.60
CA GLN A 59 -3.55 13.13 -3.87
C GLN A 59 -4.92 12.91 -4.59
N VAL A 60 -5.43 11.68 -4.64
CA VAL A 60 -6.71 11.29 -5.31
C VAL A 60 -7.85 11.25 -4.30
N GLY A 61 -7.61 10.74 -3.07
CA GLY A 61 -8.56 10.73 -1.95
C GLY A 61 -9.83 9.85 -2.15
N LYS A 62 -9.76 8.70 -2.84
CA LYS A 62 -10.90 7.80 -3.19
C LYS A 62 -10.66 6.28 -2.92
N ASP A 63 -9.55 5.93 -2.26
CA ASP A 63 -8.93 4.57 -2.14
C ASP A 63 -8.47 4.00 -3.51
N VAL A 64 -9.45 3.78 -4.39
CA VAL A 64 -9.32 3.29 -5.75
C VAL A 64 -8.70 4.35 -6.66
N TYR A 65 -7.59 4.01 -7.27
CA TYR A 65 -6.96 4.68 -8.42
C TYR A 65 -7.59 4.24 -9.77
N LYS A 66 -7.43 5.08 -10.82
CA LYS A 66 -7.87 4.84 -12.20
C LYS A 66 -6.66 4.95 -13.12
N CYS A 67 -6.43 3.93 -13.95
CA CYS A 67 -5.36 3.82 -14.92
C CYS A 67 -5.44 4.99 -15.91
N GLU A 68 -4.47 5.92 -15.93
CA GLU A 68 -4.55 7.10 -16.83
C GLU A 68 -4.53 6.80 -18.34
N ILE A 69 -4.18 5.57 -18.75
CA ILE A 69 -4.08 5.15 -20.16
C ILE A 69 -5.30 4.31 -20.66
N CYS A 70 -6.19 3.80 -19.80
CA CYS A 70 -7.56 3.33 -20.21
C CYS A 70 -8.75 3.84 -19.36
N LYS A 71 -8.44 4.74 -18.43
CA LYS A 71 -9.32 5.48 -17.51
C LYS A 71 -10.08 4.65 -16.45
N MET A 72 -9.99 3.31 -16.48
CA MET A 72 -10.72 2.37 -15.63
C MET A 72 -10.11 2.18 -14.23
N PRO A 73 -10.93 2.04 -13.18
CA PRO A 73 -10.49 1.66 -11.86
C PRO A 73 -9.96 0.20 -11.79
N PHE A 74 -8.99 -0.04 -10.91
CA PHE A 74 -8.41 -1.36 -10.62
C PHE A 74 -8.20 -1.58 -9.07
N SER A 75 -8.03 -2.83 -8.65
CA SER A 75 -7.81 -3.28 -7.26
C SER A 75 -6.50 -2.74 -6.64
N VAL A 76 -5.35 -2.82 -7.33
CA VAL A 76 -4.00 -2.58 -6.77
C VAL A 76 -2.99 -2.08 -7.81
N TYR A 77 -2.10 -1.12 -7.49
CA TYR A 77 -1.16 -0.60 -8.49
C TYR A 77 -0.24 -1.66 -9.13
N SER A 78 0.16 -2.70 -8.40
CA SER A 78 0.89 -3.86 -8.92
C SER A 78 0.14 -4.68 -9.99
N THR A 79 -1.19 -4.69 -10.00
CA THR A 79 -1.95 -5.30 -11.11
C THR A 79 -1.94 -4.39 -12.33
N LEU A 80 -2.11 -3.07 -12.14
CA LEU A 80 -2.01 -2.06 -13.19
C LEU A 80 -0.71 -2.07 -13.96
N GLU A 81 0.43 -2.17 -13.31
CA GLU A 81 1.76 -2.27 -13.95
C GLU A 81 1.83 -3.50 -14.87
N LYS A 82 1.31 -4.65 -14.41
CA LYS A 82 1.30 -5.89 -15.21
C LYS A 82 0.23 -5.82 -16.35
N HIS A 83 -0.96 -5.27 -16.11
CA HIS A 83 -2.05 -4.97 -17.10
C HIS A 83 -1.50 -4.03 -18.20
N MET A 84 -0.80 -2.95 -17.80
CA MET A 84 -0.08 -1.97 -18.64
C MET A 84 1.02 -2.60 -19.50
N LYS A 85 1.83 -3.52 -18.95
CA LYS A 85 2.93 -4.25 -19.62
C LYS A 85 2.57 -5.68 -20.12
N LYS A 86 1.28 -5.99 -20.30
CA LYS A 86 0.81 -7.15 -21.08
C LYS A 86 -0.09 -6.73 -22.25
N TRP A 87 -1.41 -6.74 -22.04
CA TRP A 87 -2.39 -6.51 -23.12
C TRP A 87 -2.57 -5.06 -23.53
N HIS A 88 -2.13 -4.08 -22.74
CA HIS A 88 -2.24 -2.66 -23.16
C HIS A 88 -1.52 -2.21 -24.45
N SER A 89 -0.70 -3.04 -25.11
CA SER A 89 0.20 -2.63 -26.18
C SER A 89 -0.52 -2.05 -27.43
N ASP A 90 -1.68 -2.59 -27.80
CA ASP A 90 -2.61 -2.01 -28.80
C ASP A 90 -3.91 -1.48 -28.16
N ARG A 91 -3.87 -1.10 -26.88
CA ARG A 91 -4.95 -0.54 -26.04
C ARG A 91 -6.25 -1.39 -26.05
N VAL A 92 -7.38 -0.82 -25.61
CA VAL A 92 -8.75 -1.38 -25.71
C VAL A 92 -8.95 -2.71 -24.97
N LEU A 93 -8.36 -2.86 -23.77
CA LEU A 93 -8.41 -4.06 -22.93
C LEU A 93 -8.31 -3.70 -21.42
N ASN A 94 -9.05 -4.43 -20.59
CA ASN A 94 -9.15 -4.27 -19.12
C ASN A 94 -8.67 -5.50 -18.30
N ASN A 95 -9.39 -6.62 -18.21
CA ASN A 95 -9.05 -7.87 -17.49
C ASN A 95 -8.95 -7.89 -15.95
N ASP A 96 -8.76 -6.73 -15.33
CA ASP A 96 -8.52 -6.48 -13.90
C ASP A 96 -7.16 -7.05 -13.38
N ILE A 97 -6.81 -8.27 -13.78
CA ILE A 97 -5.55 -8.99 -13.53
C ILE A 97 -4.75 -9.31 -14.81
N LYS A 98 -3.52 -9.85 -14.68
CA LYS A 98 -2.50 -9.95 -15.72
C LYS A 98 -2.97 -10.70 -16.98
N THR A 99 -3.66 -11.83 -16.75
CA THR A 99 -4.35 -12.70 -17.71
C THR A 99 -3.60 -12.81 -19.03
N GLU A 100 -2.66 -13.75 -19.10
CA GLU A 100 -2.10 -14.27 -20.36
C GLU A 100 -3.12 -15.10 -21.14
ZN ZN B . 5.61 -0.07 13.88
ZN ZN C . -5.33 3.86 1.12
ZN ZN D . -5.44 0.54 -18.27
N SER A 1 -0.08 10.76 29.39
CA SER A 1 0.37 11.71 28.36
C SER A 1 1.88 11.91 28.46
N GLU A 2 2.69 11.10 27.78
CA GLU A 2 4.12 11.00 28.01
C GLU A 2 4.88 10.66 26.70
N GLY A 3 6.20 10.80 26.71
CA GLY A 3 7.10 10.22 25.71
C GLY A 3 7.87 9.00 26.25
N ARG A 4 8.71 8.40 25.42
CA ARG A 4 9.59 7.27 25.72
C ARG A 4 10.86 7.28 24.86
N ARG A 5 11.79 6.33 25.14
CA ARG A 5 13.06 6.19 24.40
C ARG A 5 12.86 5.60 23.00
N SER A 6 13.92 5.56 22.19
CA SER A 6 13.77 5.17 20.76
C SER A 6 13.42 3.70 20.46
N ASP A 7 13.21 2.90 21.50
CA ASP A 7 12.86 1.47 21.50
C ASP A 7 11.49 1.08 20.89
N THR A 8 11.00 1.79 19.85
CA THR A 8 9.69 1.64 19.21
C THR A 8 9.72 1.60 17.67
N CYS A 9 8.69 0.98 17.06
CA CYS A 9 8.60 0.80 15.57
C CYS A 9 8.15 2.04 14.80
N GLU A 10 9.13 2.77 14.29
CA GLU A 10 8.98 3.86 13.30
C GLU A 10 8.21 3.49 12.00
N TYR A 11 7.96 2.19 11.74
CA TYR A 11 7.18 1.71 10.62
C TYR A 11 5.70 1.44 10.95
N CYS A 12 5.29 1.18 12.22
CA CYS A 12 3.85 0.96 12.53
C CYS A 12 3.33 1.48 13.88
N GLY A 13 4.19 2.12 14.68
CA GLY A 13 3.83 2.71 15.97
C GLY A 13 3.60 1.73 17.13
N LYS A 14 3.90 0.44 16.97
CA LYS A 14 3.72 -0.56 18.04
C LYS A 14 4.92 -0.56 19.02
N VAL A 15 4.64 -0.23 20.29
CA VAL A 15 5.54 -0.21 21.47
C VAL A 15 5.73 -1.63 22.03
N PHE A 16 6.90 -1.91 22.62
CA PHE A 16 7.29 -3.14 23.28
C PHE A 16 8.22 -2.82 24.50
N LYS A 17 8.34 -3.72 25.48
CA LYS A 17 9.21 -3.55 26.65
C LYS A 17 10.72 -3.68 26.35
N ASN A 18 11.10 -4.16 25.16
CA ASN A 18 12.49 -4.32 24.66
C ASN A 18 12.57 -4.13 23.12
N CYS A 19 13.60 -3.44 22.62
CA CYS A 19 13.87 -3.13 21.19
C CYS A 19 14.18 -4.33 20.29
N SER A 20 14.46 -5.51 20.84
CA SER A 20 14.61 -6.74 20.04
C SER A 20 13.23 -7.27 19.57
N ASN A 21 12.17 -7.07 20.38
CA ASN A 21 10.76 -7.33 20.04
C ASN A 21 10.28 -6.34 18.95
N LEU A 22 10.64 -5.04 19.04
CA LEU A 22 10.52 -4.09 17.92
C LEU A 22 11.14 -4.66 16.64
N THR A 23 12.41 -5.05 16.70
CA THR A 23 13.17 -5.40 15.50
C THR A 23 12.71 -6.66 14.81
N VAL A 24 12.40 -7.72 15.55
CA VAL A 24 11.96 -8.98 14.93
C VAL A 24 10.57 -8.81 14.32
N HIS A 25 9.60 -8.14 14.96
CA HIS A 25 8.28 -7.88 14.34
C HIS A 25 8.44 -6.89 13.15
N ARG A 26 9.29 -5.82 13.23
CA ARG A 26 9.49 -4.83 12.16
C ARG A 26 10.01 -5.48 10.88
N ARG A 27 10.94 -6.44 10.91
CA ARG A 27 11.26 -7.25 9.71
C ARG A 27 10.26 -8.40 9.43
N SER A 28 9.48 -8.89 10.42
CA SER A 28 8.40 -9.86 10.15
C SER A 28 7.16 -9.29 9.46
N HIS A 29 7.10 -7.96 9.29
CA HIS A 29 6.05 -7.26 8.53
C HIS A 29 6.59 -6.43 7.35
N THR A 30 7.58 -5.56 7.61
CA THR A 30 8.12 -4.52 6.73
C THR A 30 7.02 -3.49 6.43
N GLY A 31 6.16 -3.65 5.43
CA GLY A 31 4.94 -2.84 5.20
C GLY A 31 5.13 -1.29 5.20
N GLU A 32 4.09 -0.63 5.72
CA GLU A 32 4.10 0.78 6.17
C GLU A 32 2.85 1.03 7.05
N ARG A 33 2.93 2.04 7.92
CA ARG A 33 1.87 2.62 8.79
C ARG A 33 1.22 1.53 9.70
N PRO A 34 0.09 1.79 10.40
CA PRO A 34 -0.66 0.75 11.14
C PRO A 34 -1.47 -0.11 10.16
N TYR A 35 -1.00 -0.37 8.92
CA TYR A 35 -1.61 -1.21 7.86
C TYR A 35 -2.98 -0.76 7.29
N LYS A 36 -3.82 -0.08 8.08
CA LYS A 36 -5.02 0.67 7.65
C LYS A 36 -4.63 1.95 6.83
N CYS A 37 -5.53 2.42 5.97
CA CYS A 37 -5.50 3.71 5.31
C CYS A 37 -5.89 4.87 6.25
N GLU A 38 -5.40 6.07 5.95
CA GLU A 38 -5.79 7.35 6.62
C GLU A 38 -7.11 7.92 6.07
N LEU A 39 -7.64 7.32 5.00
CA LEU A 39 -8.80 7.79 4.23
C LEU A 39 -9.85 6.67 3.95
N CYS A 40 -9.44 5.51 3.42
CA CYS A 40 -10.33 4.34 3.23
C CYS A 40 -10.49 3.56 4.55
N ASN A 41 -11.52 2.73 4.70
CA ASN A 41 -11.49 1.60 5.65
C ASN A 41 -10.66 0.38 5.19
N TYR A 42 -9.96 0.43 4.04
CA TYR A 42 -9.08 -0.61 3.46
C TYR A 42 -7.82 -0.83 4.30
N ALA A 43 -7.23 -2.04 4.20
CA ALA A 43 -6.00 -2.40 4.90
C ALA A 43 -5.10 -3.33 4.07
N CYS A 44 -3.78 -3.11 4.11
CA CYS A 44 -2.75 -3.88 3.42
C CYS A 44 -1.38 -3.95 4.15
N ALA A 45 -0.88 -5.16 4.45
CA ALA A 45 0.37 -5.40 5.16
C ALA A 45 1.66 -5.01 4.37
N GLN A 46 1.57 -4.65 3.08
CA GLN A 46 2.71 -4.61 2.13
C GLN A 46 3.17 -3.18 1.74
N SER A 47 4.48 -2.91 1.77
CA SER A 47 5.10 -1.56 1.64
C SER A 47 4.70 -0.84 0.34
N SER A 48 5.04 -1.41 -0.81
CA SER A 48 4.80 -0.87 -2.19
C SER A 48 3.31 -0.75 -2.53
N LYS A 49 2.48 -1.64 -1.96
CA LYS A 49 1.00 -1.59 -2.05
C LYS A 49 0.37 -0.39 -1.34
N LEU A 50 0.65 -0.21 -0.04
CA LEU A 50 0.04 0.89 0.73
C LEU A 50 0.64 2.24 0.31
N THR A 51 1.95 2.31 0.00
CA THR A 51 2.64 3.53 -0.47
C THR A 51 2.07 4.02 -1.78
N ARG A 52 1.84 3.09 -2.72
CA ARG A 52 1.35 3.46 -4.05
C ARG A 52 -0.13 3.86 -4.05
N HIS A 53 -1.00 3.14 -3.33
CA HIS A 53 -2.41 3.53 -3.10
C HIS A 53 -2.52 4.88 -2.37
N MET A 54 -1.61 5.12 -1.41
CA MET A 54 -1.45 6.39 -0.63
C MET A 54 -1.11 7.61 -1.51
N LYS A 55 -0.05 7.55 -2.35
CA LYS A 55 0.36 8.69 -3.23
C LYS A 55 -0.45 8.84 -4.53
N THR A 56 -1.40 7.93 -4.78
CA THR A 56 -2.39 7.99 -5.89
C THR A 56 -3.83 8.29 -5.39
N HIS A 57 -4.04 8.69 -4.14
CA HIS A 57 -5.35 9.05 -3.55
C HIS A 57 -5.92 10.42 -3.98
N GLY A 58 -5.51 10.93 -5.16
CA GLY A 58 -5.81 12.26 -5.68
C GLY A 58 -7.25 12.46 -6.15
N GLN A 59 -8.19 12.58 -5.21
CA GLN A 59 -9.64 12.68 -5.40
C GLN A 59 -10.24 11.72 -6.43
N VAL A 60 -9.89 10.44 -6.32
CA VAL A 60 -10.31 9.37 -7.24
C VAL A 60 -11.78 8.93 -7.13
N GLY A 61 -12.69 9.86 -6.82
CA GLY A 61 -14.17 9.73 -6.93
C GLY A 61 -14.87 8.88 -5.90
N LYS A 62 -14.20 7.85 -5.35
CA LYS A 62 -14.79 6.90 -4.42
C LYS A 62 -13.75 6.44 -3.36
N ASP A 63 -14.24 5.71 -2.35
CA ASP A 63 -13.50 5.00 -1.30
C ASP A 63 -12.63 3.85 -1.82
N VAL A 64 -12.54 3.68 -3.14
CA VAL A 64 -11.69 2.70 -3.85
C VAL A 64 -11.19 3.28 -5.19
N TYR A 65 -9.90 3.15 -5.53
CA TYR A 65 -9.40 3.54 -6.87
C TYR A 65 -9.91 2.68 -8.05
N LYS A 66 -9.45 2.99 -9.26
CA LYS A 66 -9.76 2.29 -10.50
C LYS A 66 -8.82 2.77 -11.63
N CYS A 67 -8.65 1.98 -12.69
CA CYS A 67 -7.78 2.32 -13.84
C CYS A 67 -8.47 3.38 -14.77
N GLU A 68 -8.00 4.63 -14.77
CA GLU A 68 -8.61 5.74 -15.54
C GLU A 68 -8.60 5.53 -17.07
N ILE A 69 -7.69 4.69 -17.58
CA ILE A 69 -7.52 4.41 -19.01
C ILE A 69 -8.23 3.15 -19.55
N CYS A 70 -8.71 2.20 -18.73
CA CYS A 70 -9.67 1.19 -19.18
C CYS A 70 -10.97 1.08 -18.31
N LYS A 71 -11.10 1.82 -17.21
CA LYS A 71 -12.25 1.98 -16.27
C LYS A 71 -12.58 0.78 -15.39
N MET A 72 -11.86 -0.33 -15.53
CA MET A 72 -12.05 -1.42 -14.59
C MET A 72 -11.54 -1.10 -13.16
N PRO A 73 -12.16 -1.62 -12.09
CA PRO A 73 -11.60 -1.75 -10.73
C PRO A 73 -10.55 -2.90 -10.62
N PHE A 74 -9.53 -2.79 -9.76
CA PHE A 74 -8.43 -3.76 -9.56
C PHE A 74 -8.07 -3.79 -8.07
N SER A 75 -7.03 -4.53 -7.69
CA SER A 75 -6.60 -4.65 -6.28
C SER A 75 -5.83 -3.39 -5.83
N VAL A 76 -4.66 -3.10 -6.43
CA VAL A 76 -3.69 -2.07 -6.04
C VAL A 76 -3.03 -1.43 -7.28
N TYR A 77 -2.52 -0.21 -7.16
CA TYR A 77 -1.91 0.59 -8.24
C TYR A 77 -0.62 -0.04 -8.76
N SER A 78 0.14 -0.75 -7.92
CA SER A 78 1.24 -1.56 -8.44
C SER A 78 0.79 -2.56 -9.50
N THR A 79 -0.36 -3.23 -9.33
CA THR A 79 -0.90 -4.16 -10.35
C THR A 79 -1.29 -3.42 -11.61
N LEU A 80 -1.82 -2.19 -11.48
CA LEU A 80 -2.17 -1.36 -12.64
C LEU A 80 -0.93 -0.94 -13.41
N GLU A 81 0.17 -0.56 -12.77
CA GLU A 81 1.39 -0.20 -13.49
C GLU A 81 1.90 -1.33 -14.40
N LYS A 82 1.78 -2.59 -13.93
CA LYS A 82 2.22 -3.80 -14.62
C LYS A 82 1.18 -4.38 -15.58
N HIS A 83 -0.05 -3.92 -15.46
CA HIS A 83 -1.17 -4.18 -16.38
C HIS A 83 -1.16 -3.20 -17.57
N MET A 84 -0.91 -1.89 -17.30
CA MET A 84 -0.72 -0.78 -18.26
C MET A 84 0.51 -0.99 -19.11
N LYS A 85 1.66 -1.12 -18.44
CA LYS A 85 2.99 -1.32 -19.04
C LYS A 85 3.14 -2.79 -19.48
N LYS A 86 2.16 -3.31 -20.26
CA LYS A 86 2.14 -4.62 -20.92
C LYS A 86 1.64 -4.56 -22.37
N TRP A 87 0.46 -3.98 -22.64
CA TRP A 87 -0.13 -3.96 -23.99
C TRP A 87 -1.24 -2.89 -24.16
N HIS A 88 -1.25 -1.87 -23.28
CA HIS A 88 -2.44 -1.05 -23.03
C HIS A 88 -2.64 0.12 -24.00
N SER A 89 -2.17 -0.03 -25.24
CA SER A 89 -2.02 1.03 -26.25
C SER A 89 -3.35 1.64 -26.75
N ASP A 90 -4.17 0.83 -27.43
CA ASP A 90 -5.55 1.15 -27.85
C ASP A 90 -6.57 1.09 -26.70
N ARG A 91 -6.10 0.67 -25.52
CA ARG A 91 -6.89 0.53 -24.28
C ARG A 91 -7.97 -0.58 -24.29
N VAL A 92 -8.84 -0.60 -23.25
CA VAL A 92 -10.01 -1.50 -23.00
C VAL A 92 -9.67 -3.00 -22.92
N LEU A 93 -9.25 -3.43 -21.72
CA LEU A 93 -8.72 -4.76 -21.44
C LEU A 93 -8.69 -5.20 -19.94
N ASN A 94 -8.47 -6.49 -19.69
CA ASN A 94 -8.37 -7.08 -18.34
C ASN A 94 -6.91 -7.49 -17.98
N ASN A 95 -6.69 -8.62 -17.32
CA ASN A 95 -5.43 -9.11 -16.77
C ASN A 95 -4.91 -8.27 -15.60
N ASP A 96 -4.32 -8.96 -14.63
CA ASP A 96 -3.76 -8.37 -13.41
C ASP A 96 -2.20 -8.32 -13.38
N ILE A 97 -1.49 -8.95 -14.36
CA ILE A 97 -0.02 -9.17 -14.41
C ILE A 97 0.66 -8.82 -15.76
N LYS A 98 1.96 -8.51 -15.74
CA LYS A 98 2.82 -8.06 -16.88
C LYS A 98 3.09 -9.23 -17.87
N THR A 99 3.93 -8.98 -18.89
CA THR A 99 4.57 -9.97 -19.79
C THR A 99 5.98 -10.24 -19.24
N GLU A 100 6.92 -9.36 -19.55
CA GLU A 100 8.33 -9.50 -19.15
C GLU A 100 8.94 -8.16 -18.80
ZN ZN B . 6.07 -2.38 13.23
ZN ZN C . -7.22 4.56 1.03
ZN ZN D . -6.42 -0.44 -17.38
N SER A 1 0.63 2.89 34.99
CA SER A 1 2.03 3.27 34.75
C SER A 1 2.11 3.99 33.43
N GLU A 2 3.09 4.86 33.24
CA GLU A 2 3.10 5.85 32.16
C GLU A 2 4.49 5.96 31.51
N GLY A 3 4.64 6.47 30.29
CA GLY A 3 5.96 6.67 29.75
C GLY A 3 5.99 7.33 28.38
N ARG A 4 7.16 7.82 27.97
CA ARG A 4 7.55 8.22 26.59
C ARG A 4 9.06 7.91 26.38
N ARG A 5 9.46 7.17 25.33
CA ARG A 5 10.86 6.79 24.97
C ARG A 5 10.96 6.49 23.45
N SER A 6 12.13 6.05 22.97
CA SER A 6 12.35 5.66 21.57
C SER A 6 11.93 4.20 21.23
N ASP A 7 10.65 3.88 21.52
CA ASP A 7 10.04 2.52 21.45
C ASP A 7 8.86 2.35 20.44
N THR A 8 8.82 3.12 19.35
CA THR A 8 7.80 3.10 18.30
C THR A 8 8.41 2.82 16.92
N CYS A 9 7.69 2.06 16.10
CA CYS A 9 8.02 1.75 14.73
C CYS A 9 7.96 3.02 13.86
N GLU A 10 9.09 3.30 13.20
CA GLU A 10 9.28 4.29 12.14
C GLU A 10 8.30 4.12 10.96
N TYR A 11 7.78 2.91 10.67
CA TYR A 11 6.90 2.62 9.54
C TYR A 11 5.47 2.34 10.00
N CYS A 12 5.23 1.58 11.09
CA CYS A 12 3.83 1.33 11.50
C CYS A 12 3.16 2.61 12.09
N GLY A 13 3.88 3.30 12.98
CA GLY A 13 3.31 4.08 14.06
C GLY A 13 2.87 3.30 15.30
N LYS A 14 3.09 1.97 15.30
CA LYS A 14 2.88 1.11 16.47
C LYS A 14 3.90 1.40 17.56
N VAL A 15 3.40 1.77 18.74
CA VAL A 15 4.13 1.77 20.02
C VAL A 15 4.31 0.35 20.56
N PHE A 16 5.55 0.00 20.93
CA PHE A 16 5.98 -1.23 21.59
C PHE A 16 6.42 -0.94 23.04
N LYS A 17 7.22 -1.85 23.63
CA LYS A 17 7.71 -1.85 25.02
C LYS A 17 9.24 -2.03 25.14
N ASN A 18 9.93 -2.24 24.01
CA ASN A 18 11.40 -2.50 23.92
C ASN A 18 11.89 -2.22 22.50
N CYS A 19 13.07 -1.62 22.34
CA CYS A 19 13.70 -1.32 21.05
C CYS A 19 14.09 -2.59 20.26
N SER A 20 14.32 -3.71 20.95
CA SER A 20 14.55 -5.03 20.36
C SER A 20 13.27 -5.53 19.64
N ASN A 21 12.14 -5.52 20.33
CA ASN A 21 10.81 -5.89 19.81
C ASN A 21 10.36 -4.98 18.63
N LEU A 22 10.63 -3.66 18.73
CA LEU A 22 10.45 -2.72 17.62
C LEU A 22 11.35 -3.11 16.40
N THR A 23 12.65 -3.36 16.64
CA THR A 23 13.58 -3.61 15.53
C THR A 23 13.22 -4.91 14.81
N VAL A 24 13.05 -6.00 15.58
CA VAL A 24 12.72 -7.31 15.00
C VAL A 24 11.38 -7.30 14.26
N HIS A 25 10.30 -6.72 14.81
CA HIS A 25 9.04 -6.69 14.04
C HIS A 25 9.17 -5.86 12.70
N ARG A 26 9.85 -4.69 12.69
CA ARG A 26 10.07 -3.80 11.51
C ARG A 26 10.80 -4.51 10.38
N ARG A 27 11.83 -5.31 10.72
CA ARG A 27 12.60 -6.09 9.72
C ARG A 27 11.87 -7.35 9.28
N SER A 28 11.06 -7.96 10.15
CA SER A 28 10.19 -9.13 9.88
C SER A 28 8.92 -8.79 9.13
N HIS A 29 8.57 -7.51 8.99
CA HIS A 29 7.54 -7.04 8.05
C HIS A 29 8.14 -6.36 6.81
N THR A 30 9.07 -5.42 6.96
CA THR A 30 9.42 -4.39 5.96
C THR A 30 8.22 -3.54 5.59
N GLY A 31 7.41 -3.93 4.63
CA GLY A 31 6.08 -3.35 4.37
C GLY A 31 6.06 -1.83 4.22
N GLU A 32 4.95 -1.24 4.65
CA GLU A 32 4.78 0.21 4.90
C GLU A 32 3.49 0.49 5.69
N ARG A 33 3.42 1.58 6.49
CA ARG A 33 2.32 1.99 7.40
C ARG A 33 1.96 0.84 8.37
N PRO A 34 0.89 0.84 9.18
CA PRO A 34 0.59 -0.34 10.00
C PRO A 34 -0.11 -1.44 9.13
N TYR A 35 0.42 -1.76 7.93
CA TYR A 35 -0.10 -2.78 6.98
C TYR A 35 -1.46 -2.48 6.33
N LYS A 36 -2.23 -1.53 6.88
CA LYS A 36 -3.56 -1.11 6.40
C LYS A 36 -3.63 0.37 5.94
N CYS A 37 -4.67 0.69 5.18
CA CYS A 37 -4.97 2.04 4.76
C CYS A 37 -5.50 2.89 5.94
N GLU A 38 -5.09 4.15 5.97
CA GLU A 38 -5.69 5.11 6.92
C GLU A 38 -7.05 5.66 6.40
N LEU A 39 -7.44 5.35 5.15
CA LEU A 39 -8.66 5.85 4.48
C LEU A 39 -9.66 4.72 4.07
N CYS A 40 -9.24 3.69 3.33
CA CYS A 40 -9.96 2.44 3.12
C CYS A 40 -9.91 1.53 4.37
N ASN A 41 -10.83 0.58 4.48
CA ASN A 41 -10.71 -0.57 5.37
C ASN A 41 -9.61 -1.58 4.95
N TYR A 42 -9.20 -1.55 3.67
CA TYR A 42 -8.28 -2.50 3.05
C TYR A 42 -6.86 -2.58 3.68
N ALA A 43 -6.14 -3.70 3.46
CA ALA A 43 -4.81 -4.02 3.97
C ALA A 43 -3.98 -4.75 2.89
N CYS A 44 -2.67 -4.43 2.83
CA CYS A 44 -1.69 -4.72 1.76
C CYS A 44 -0.27 -4.94 2.33
N ALA A 45 0.07 -6.19 2.58
CA ALA A 45 1.31 -6.72 3.16
C ALA A 45 2.58 -6.60 2.27
N GLN A 46 2.72 -5.52 1.47
CA GLN A 46 3.83 -5.25 0.56
C GLN A 46 4.14 -3.75 0.46
N SER A 47 5.41 -3.37 0.55
CA SER A 47 5.86 -1.98 0.66
C SER A 47 5.40 -1.11 -0.53
N SER A 48 5.78 -1.50 -1.74
CA SER A 48 5.53 -0.71 -2.97
C SER A 48 4.02 -0.58 -3.26
N LYS A 49 3.24 -1.62 -2.93
CA LYS A 49 1.77 -1.62 -3.04
C LYS A 49 1.14 -0.55 -2.16
N LEU A 50 1.39 -0.63 -0.86
CA LEU A 50 0.82 0.34 0.07
C LEU A 50 1.33 1.77 -0.22
N THR A 51 2.64 1.98 -0.48
CA THR A 51 3.29 3.30 -0.77
C THR A 51 2.65 4.03 -1.98
N ARG A 52 2.44 3.28 -3.05
CA ARG A 52 1.90 3.78 -4.33
C ARG A 52 0.42 4.08 -4.24
N HIS A 53 -0.33 3.29 -3.48
CA HIS A 53 -1.76 3.53 -3.22
C HIS A 53 -1.95 4.73 -2.26
N MET A 54 -1.04 4.93 -1.30
CA MET A 54 -1.02 6.11 -0.46
C MET A 54 -0.72 7.41 -1.21
N LYS A 55 0.41 7.54 -1.94
CA LYS A 55 0.73 8.82 -2.58
C LYS A 55 -0.29 9.27 -3.63
N THR A 56 -1.01 8.34 -4.26
CA THR A 56 -2.08 8.60 -5.25
C THR A 56 -3.47 8.81 -4.68
N HIS A 57 -3.66 8.67 -3.38
CA HIS A 57 -4.99 8.55 -2.75
C HIS A 57 -5.89 9.77 -2.87
N GLY A 58 -5.36 10.96 -3.23
CA GLY A 58 -5.83 12.32 -2.78
C GLY A 58 -7.34 12.60 -2.97
N GLN A 59 -7.91 12.11 -4.08
CA GLN A 59 -9.34 11.99 -4.40
C GLN A 59 -9.63 10.86 -5.46
N VAL A 60 -10.71 10.08 -5.32
CA VAL A 60 -11.06 8.97 -6.25
C VAL A 60 -12.56 8.59 -6.17
N GLY A 61 -13.12 8.60 -4.97
CA GLY A 61 -14.57 8.58 -4.73
C GLY A 61 -14.96 8.19 -3.30
N LYS A 62 -14.42 7.05 -2.87
CA LYS A 62 -14.51 6.43 -1.51
C LYS A 62 -13.43 5.31 -1.34
N ASP A 63 -13.76 4.17 -0.70
CA ASP A 63 -12.91 3.01 -0.32
C ASP A 63 -12.45 2.11 -1.50
N VAL A 64 -12.10 2.68 -2.68
CA VAL A 64 -11.79 1.98 -3.93
C VAL A 64 -10.86 2.83 -4.79
N TYR A 65 -9.81 2.23 -5.37
CA TYR A 65 -8.90 2.87 -6.32
C TYR A 65 -9.23 2.47 -7.79
N LYS A 66 -9.02 3.40 -8.74
CA LYS A 66 -9.39 3.24 -10.16
C LYS A 66 -8.21 3.40 -11.09
N CYS A 67 -8.27 2.70 -12.21
CA CYS A 67 -7.31 2.90 -13.30
C CYS A 67 -7.40 4.29 -13.89
N GLU A 68 -6.34 5.11 -13.78
CA GLU A 68 -6.18 6.45 -14.37
C GLU A 68 -6.25 6.47 -15.92
N ILE A 69 -6.34 5.28 -16.53
CA ILE A 69 -6.51 5.05 -17.97
C ILE A 69 -7.92 4.53 -18.25
N CYS A 70 -8.41 3.47 -17.58
CA CYS A 70 -9.77 2.91 -17.88
C CYS A 70 -10.92 3.66 -17.20
N LYS A 71 -10.62 4.27 -16.04
CA LYS A 71 -11.52 4.56 -14.89
C LYS A 71 -12.11 3.32 -14.15
N MET A 72 -11.77 2.10 -14.57
CA MET A 72 -12.24 0.85 -13.93
C MET A 72 -11.60 0.62 -12.55
N PRO A 73 -12.28 -0.01 -11.59
CA PRO A 73 -11.69 -0.26 -10.27
C PRO A 73 -10.64 -1.39 -10.26
N PHE A 74 -9.65 -1.33 -9.35
CA PHE A 74 -8.62 -2.39 -9.22
C PHE A 74 -8.07 -2.59 -7.80
N SER A 75 -7.49 -3.76 -7.54
CA SER A 75 -6.92 -4.05 -6.18
C SER A 75 -5.80 -3.14 -5.71
N VAL A 76 -4.75 -2.97 -6.52
CA VAL A 76 -3.54 -2.23 -6.10
C VAL A 76 -2.82 -1.57 -7.27
N TYR A 77 -2.06 -0.51 -7.02
CA TYR A 77 -1.35 0.26 -8.04
C TYR A 77 -0.40 -0.60 -8.86
N SER A 78 0.32 -1.53 -8.23
CA SER A 78 1.27 -2.38 -8.98
C SER A 78 0.56 -3.44 -9.83
N THR A 79 -0.74 -3.62 -9.64
CA THR A 79 -1.57 -4.26 -10.67
C THR A 79 -1.84 -3.29 -11.83
N LEU A 80 -2.18 -2.01 -11.58
CA LEU A 80 -2.35 -1.00 -12.65
C LEU A 80 -1.10 -0.88 -13.54
N GLU A 81 0.09 -0.73 -12.94
CA GLU A 81 1.33 -0.52 -13.71
C GLU A 81 1.58 -1.65 -14.69
N LYS A 82 1.37 -2.89 -14.26
CA LYS A 82 1.47 -4.06 -15.10
C LYS A 82 0.29 -4.28 -16.04
N HIS A 83 -0.92 -3.91 -15.66
CA HIS A 83 -2.08 -3.86 -16.58
C HIS A 83 -1.84 -2.86 -17.74
N MET A 84 -1.26 -1.72 -17.39
CA MET A 84 -0.88 -0.63 -18.28
C MET A 84 0.24 -1.03 -19.25
N LYS A 85 1.42 -1.37 -18.73
CA LYS A 85 2.61 -1.62 -19.57
C LYS A 85 2.52 -2.88 -20.43
N LYS A 86 1.61 -3.83 -20.12
CA LYS A 86 1.26 -5.04 -20.91
C LYS A 86 0.74 -4.77 -22.29
N TRP A 87 -0.36 -4.05 -22.41
CA TRP A 87 -0.95 -3.86 -23.76
C TRP A 87 -1.81 -2.62 -23.96
N HIS A 88 -1.76 -1.67 -23.03
CA HIS A 88 -2.82 -0.68 -22.88
C HIS A 88 -2.97 0.41 -23.96
N SER A 89 -2.47 0.25 -25.18
CA SER A 89 -2.44 1.21 -26.29
C SER A 89 -3.81 1.66 -26.84
N ASP A 90 -4.62 0.68 -27.24
CA ASP A 90 -6.05 0.80 -27.59
C ASP A 90 -7.00 0.92 -26.36
N ARG A 91 -6.41 0.99 -25.15
CA ARG A 91 -7.09 1.17 -23.85
C ARG A 91 -8.13 0.10 -23.41
N VAL A 92 -8.21 -1.02 -24.14
CA VAL A 92 -9.25 -2.09 -24.12
C VAL A 92 -9.50 -2.78 -22.76
N LEU A 93 -8.52 -2.89 -21.85
CA LEU A 93 -8.63 -3.79 -20.66
C LEU A 93 -8.55 -5.31 -20.98
N ASN A 94 -7.96 -6.08 -20.07
CA ASN A 94 -7.97 -7.54 -20.09
C ASN A 94 -7.99 -8.10 -18.65
N ASN A 95 -6.85 -7.98 -17.93
CA ASN A 95 -6.61 -8.48 -16.56
C ASN A 95 -5.78 -7.51 -15.70
N ASP A 96 -5.59 -7.91 -14.43
CA ASP A 96 -4.77 -7.27 -13.40
C ASP A 96 -3.25 -7.49 -13.56
N ILE A 97 -2.75 -8.28 -14.53
CA ILE A 97 -1.38 -8.90 -14.43
C ILE A 97 -0.60 -8.80 -15.76
N LYS A 98 0.75 -8.72 -15.78
CA LYS A 98 1.55 -8.72 -17.05
C LYS A 98 1.55 -10.06 -17.81
N THR A 99 2.31 -10.21 -18.92
CA THR A 99 2.40 -11.44 -19.70
C THR A 99 3.67 -11.38 -20.56
N GLU A 100 4.10 -12.53 -21.09
CA GLU A 100 5.46 -12.68 -21.65
C GLU A 100 5.61 -13.93 -22.51
ZN ZN B . 6.32 -1.72 12.05
ZN ZN C . -6.85 3.46 0.70
ZN ZN D . -6.78 0.60 -17.42
N SER A 1 -0.30 16.52 30.16
CA SER A 1 -0.97 15.27 30.62
C SER A 1 -0.89 14.20 29.55
N GLU A 2 0.27 14.04 28.90
CA GLU A 2 0.47 13.14 27.76
C GLU A 2 1.85 12.49 27.88
N GLY A 3 1.97 11.24 27.42
CA GLY A 3 3.18 10.40 27.54
C GLY A 3 2.83 8.92 27.72
N ARG A 4 2.55 8.15 26.66
CA ARG A 4 2.05 6.74 26.69
C ARG A 4 2.36 5.92 25.44
N ARG A 5 3.53 6.11 24.82
CA ARG A 5 3.92 5.47 23.54
C ARG A 5 4.21 3.95 23.68
N SER A 6 4.04 3.12 22.66
CA SER A 6 4.36 1.67 22.68
C SER A 6 5.84 1.36 23.05
N ASP A 7 6.15 0.21 23.66
CA ASP A 7 7.53 -0.25 23.86
C ASP A 7 8.10 -1.03 22.65
N THR A 8 7.24 -1.56 21.78
CA THR A 8 7.63 -2.26 20.54
C THR A 8 6.59 -2.10 19.42
N CYS A 9 6.97 -2.39 18.17
CA CYS A 9 6.08 -2.39 16.99
C CYS A 9 5.29 -3.70 16.96
N GLU A 10 4.10 -3.70 17.57
CA GLU A 10 3.11 -4.81 17.53
C GLU A 10 2.74 -5.29 16.12
N TYR A 11 3.23 -4.59 15.10
CA TYR A 11 3.07 -5.02 13.72
C TYR A 11 4.13 -6.04 13.27
N CYS A 12 5.40 -5.83 13.61
CA CYS A 12 6.52 -6.62 13.11
C CYS A 12 7.47 -7.16 14.20
N GLY A 13 7.39 -6.72 15.46
CA GLY A 13 8.09 -7.34 16.59
C GLY A 13 9.61 -7.06 16.73
N LYS A 14 10.25 -6.36 15.79
CA LYS A 14 11.65 -5.94 15.92
C LYS A 14 11.78 -4.94 17.06
N VAL A 15 12.76 -5.26 17.93
CA VAL A 15 13.21 -4.48 19.11
C VAL A 15 14.17 -3.32 18.77
N PHE A 16 14.04 -2.18 19.46
CA PHE A 16 14.87 -0.98 19.26
C PHE A 16 15.25 -0.28 20.58
N LYS A 17 16.40 0.43 20.60
CA LYS A 17 16.99 1.00 21.81
C LYS A 17 16.20 2.22 22.37
N ASN A 18 15.40 2.92 21.56
CA ASN A 18 14.74 4.21 21.85
C ASN A 18 13.44 4.40 21.02
N CYS A 19 12.42 4.98 21.65
CA CYS A 19 11.04 4.97 21.23
C CYS A 19 10.83 5.75 19.89
N SER A 20 11.63 6.78 19.58
CA SER A 20 11.59 7.47 18.26
C SER A 20 12.02 6.54 17.11
N ASN A 21 13.05 5.72 17.32
CA ASN A 21 13.63 4.80 16.33
C ASN A 21 12.59 3.78 15.90
N LEU A 22 11.90 3.18 16.89
CA LEU A 22 10.78 2.29 16.59
C LEU A 22 9.66 2.99 15.85
N THR A 23 9.29 4.21 16.24
CA THR A 23 8.13 4.91 15.67
C THR A 23 8.40 5.26 14.22
N VAL A 24 9.59 5.82 13.93
CA VAL A 24 9.96 6.23 12.58
C VAL A 24 10.04 4.97 11.70
N HIS A 25 10.54 3.81 12.18
CA HIS A 25 10.46 2.58 11.41
C HIS A 25 9.02 2.18 11.14
N ARG A 26 8.16 2.08 12.16
CA ARG A 26 6.77 1.60 11.97
C ARG A 26 6.07 2.42 10.91
N ARG A 27 6.23 3.74 10.93
CA ARG A 27 5.66 4.58 9.86
C ARG A 27 6.39 4.54 8.53
N SER A 28 7.67 4.21 8.55
CA SER A 28 8.49 3.98 7.34
C SER A 28 8.22 2.64 6.61
N HIS A 29 7.35 1.77 7.15
CA HIS A 29 6.85 0.51 6.54
C HIS A 29 5.31 0.36 6.61
N THR A 30 4.66 0.18 7.78
CA THR A 30 3.19 0.05 7.94
C THR A 30 2.63 -0.99 6.99
N GLY A 31 2.19 -0.62 5.79
CA GLY A 31 1.68 -1.53 4.79
C GLY A 31 2.72 -2.34 4.03
N GLU A 32 3.31 -3.33 4.71
CA GLU A 32 4.37 -4.21 4.23
C GLU A 32 4.40 -5.53 5.04
N ARG A 33 5.45 -5.84 5.82
CA ARG A 33 5.63 -7.05 6.65
C ARG A 33 4.42 -7.46 7.51
N PRO A 34 3.60 -6.56 8.12
CA PRO A 34 2.45 -7.01 8.92
C PRO A 34 1.17 -7.37 8.14
N TYR A 35 1.20 -7.14 6.82
CA TYR A 35 0.09 -7.38 5.89
C TYR A 35 -1.19 -6.56 6.26
N LYS A 36 -1.01 -5.29 6.66
CA LYS A 36 -2.01 -4.37 7.26
C LYS A 36 -1.73 -2.92 6.84
N CYS A 37 -2.58 -2.41 5.96
CA CYS A 37 -2.55 -0.98 5.54
C CYS A 37 -3.03 -0.07 6.72
N GLU A 38 -2.39 1.10 6.86
CA GLU A 38 -2.77 2.13 7.86
C GLU A 38 -4.07 2.88 7.47
N LEU A 39 -4.37 2.86 6.16
CA LEU A 39 -5.50 3.61 5.61
C LEU A 39 -6.74 2.72 5.38
N CYS A 40 -6.63 1.58 4.67
CA CYS A 40 -7.65 0.52 4.50
C CYS A 40 -7.39 -0.66 5.48
N ASN A 41 -8.43 -1.23 6.10
CA ASN A 41 -8.37 -2.58 6.69
C ASN A 41 -8.28 -3.67 5.56
N TYR A 42 -7.16 -3.72 4.84
CA TYR A 42 -6.82 -4.70 3.79
C TYR A 42 -5.39 -5.25 3.88
N ALA A 43 -5.23 -6.46 3.35
CA ALA A 43 -4.00 -7.23 3.39
C ALA A 43 -3.43 -7.56 1.98
N CYS A 44 -2.17 -8.03 1.92
CA CYS A 44 -1.47 -8.53 0.73
C CYS A 44 -0.19 -9.24 1.19
N ALA A 45 0.11 -10.41 0.62
CA ALA A 45 1.26 -11.27 0.89
C ALA A 45 2.62 -10.66 0.48
N GLN A 46 2.63 -9.78 -0.53
CA GLN A 46 3.84 -9.17 -1.07
C GLN A 46 4.03 -7.73 -0.60
N SER A 47 5.21 -7.51 0.00
CA SER A 47 5.73 -6.19 0.43
C SER A 47 5.62 -5.11 -0.67
N SER A 48 6.04 -5.40 -1.90
CA SER A 48 6.01 -4.48 -3.06
C SER A 48 4.61 -4.23 -3.58
N LYS A 49 3.64 -5.13 -3.38
CA LYS A 49 2.22 -4.84 -3.61
C LYS A 49 1.69 -3.80 -2.62
N LEU A 50 1.81 -4.10 -1.33
CA LEU A 50 1.18 -3.30 -0.29
C LEU A 50 1.80 -1.89 -0.13
N THR A 51 3.12 -1.79 -0.21
CA THR A 51 3.86 -0.52 -0.15
C THR A 51 3.50 0.44 -1.25
N ARG A 52 3.39 -0.06 -2.49
CA ARG A 52 2.97 0.73 -3.64
C ARG A 52 1.53 1.25 -3.47
N HIS A 53 0.53 0.38 -3.25
CA HIS A 53 -0.86 0.82 -2.96
C HIS A 53 -0.87 1.85 -1.82
N MET A 54 -0.12 1.59 -0.72
CA MET A 54 -0.08 2.46 0.46
C MET A 54 0.13 3.94 0.12
N LYS A 55 1.18 4.26 -0.65
CA LYS A 55 1.45 5.65 -1.04
C LYS A 55 0.58 6.18 -2.21
N THR A 56 0.29 5.36 -3.24
CA THR A 56 -0.48 5.81 -4.42
C THR A 56 -1.94 6.12 -4.13
N HIS A 57 -2.55 5.59 -3.08
CA HIS A 57 -3.85 6.06 -2.61
C HIS A 57 -3.75 7.05 -1.42
N GLY A 58 -2.62 7.75 -1.19
CA GLY A 58 -2.42 8.72 -0.07
C GLY A 58 -3.40 9.90 0.08
N GLN A 59 -4.35 10.01 -0.84
CA GLN A 59 -5.41 11.03 -1.00
C GLN A 59 -6.76 10.38 -1.36
N VAL A 60 -6.92 9.06 -1.20
CA VAL A 60 -8.14 8.32 -1.55
C VAL A 60 -8.47 7.35 -0.41
N GLY A 61 -9.44 7.66 0.44
CA GLY A 61 -9.82 6.88 1.63
C GLY A 61 -10.79 5.74 1.32
N LYS A 62 -10.52 4.96 0.27
CA LYS A 62 -11.52 4.07 -0.38
C LYS A 62 -11.06 2.72 -0.93
N ASP A 63 -10.01 2.13 -0.33
CA ASP A 63 -9.58 0.75 -0.66
C ASP A 63 -9.12 0.59 -2.12
N VAL A 64 -9.09 1.65 -2.94
CA VAL A 64 -8.98 1.57 -4.41
C VAL A 64 -8.04 2.67 -4.96
N TYR A 65 -7.03 2.33 -5.77
CA TYR A 65 -6.13 3.26 -6.50
C TYR A 65 -6.65 3.48 -7.93
N LYS A 66 -6.97 4.73 -8.30
CA LYS A 66 -7.32 5.15 -9.67
C LYS A 66 -6.11 5.59 -10.46
N CYS A 67 -5.97 5.03 -11.67
CA CYS A 67 -4.83 5.22 -12.57
C CYS A 67 -4.67 6.68 -12.98
N GLU A 68 -3.46 7.22 -12.85
CA GLU A 68 -3.29 8.65 -13.17
C GLU A 68 -3.39 8.92 -14.69
N ILE A 69 -3.28 7.93 -15.59
CA ILE A 69 -3.39 8.10 -17.05
C ILE A 69 -4.73 7.59 -17.65
N CYS A 70 -5.45 6.62 -17.04
CA CYS A 70 -6.76 6.20 -17.58
C CYS A 70 -7.97 6.46 -16.68
N LYS A 71 -7.77 6.99 -15.45
CA LYS A 71 -8.75 7.28 -14.39
C LYS A 71 -9.58 6.10 -13.88
N MET A 72 -9.49 4.94 -14.55
CA MET A 72 -10.17 3.71 -14.11
C MET A 72 -9.67 3.16 -12.73
N PRO A 73 -10.57 2.64 -11.86
CA PRO A 73 -10.30 2.16 -10.51
C PRO A 73 -9.69 0.73 -10.47
N PHE A 74 -8.67 0.57 -9.61
CA PHE A 74 -7.88 -0.64 -9.43
C PHE A 74 -7.49 -0.92 -7.98
N SER A 75 -6.96 -2.13 -7.78
CA SER A 75 -6.49 -2.63 -6.51
C SER A 75 -5.13 -2.05 -6.12
N VAL A 76 -4.09 -2.46 -6.83
CA VAL A 76 -2.69 -2.17 -6.51
C VAL A 76 -1.79 -1.75 -7.67
N TYR A 77 -0.73 -0.98 -7.41
CA TYR A 77 0.12 -0.48 -8.49
C TYR A 77 0.72 -1.56 -9.40
N SER A 78 1.10 -2.74 -8.89
CA SER A 78 1.62 -3.79 -9.77
C SER A 78 0.55 -4.44 -10.65
N THR A 79 -0.74 -4.28 -10.32
CA THR A 79 -1.77 -4.68 -11.28
C THR A 79 -1.86 -3.65 -12.41
N LEU A 80 -1.72 -2.35 -12.11
CA LEU A 80 -1.71 -1.24 -13.07
C LEU A 80 -0.41 -1.18 -13.91
N GLU A 81 0.74 -1.59 -13.40
CA GLU A 81 1.99 -1.78 -14.17
C GLU A 81 1.83 -2.83 -15.29
N LYS A 82 1.25 -4.01 -14.96
CA LYS A 82 0.86 -5.04 -15.95
C LYS A 82 -0.26 -4.58 -16.88
N HIS A 83 -1.33 -3.96 -16.37
CA HIS A 83 -2.42 -3.40 -17.18
C HIS A 83 -1.87 -2.36 -18.18
N MET A 84 -1.04 -1.44 -17.69
CA MET A 84 -0.46 -0.36 -18.51
C MET A 84 0.47 -0.90 -19.63
N LYS A 85 1.17 -2.03 -19.46
CA LYS A 85 1.99 -2.64 -20.54
C LYS A 85 1.24 -3.70 -21.35
N LYS A 86 0.02 -4.08 -20.93
CA LYS A 86 -0.97 -4.84 -21.72
C LYS A 86 -1.78 -3.87 -22.59
N TRP A 87 -3.04 -3.63 -22.23
CA TRP A 87 -4.04 -3.10 -23.17
C TRP A 87 -3.94 -1.57 -23.39
N HIS A 88 -3.20 -0.80 -22.56
CA HIS A 88 -2.94 0.64 -22.84
C HIS A 88 -2.20 0.99 -24.15
N SER A 89 -1.61 -0.01 -24.82
CA SER A 89 -0.99 0.12 -26.15
C SER A 89 -1.99 0.56 -27.24
N ASP A 90 -3.21 0.02 -27.23
CA ASP A 90 -4.37 0.47 -28.02
C ASP A 90 -5.41 1.27 -27.21
N ARG A 91 -5.43 1.15 -25.86
CA ARG A 91 -6.50 1.60 -24.95
C ARG A 91 -7.78 0.76 -25.12
N VAL A 92 -8.88 1.21 -24.50
CA VAL A 92 -10.25 0.66 -24.63
C VAL A 92 -10.47 -0.84 -24.35
N LEU A 93 -10.37 -1.20 -23.07
CA LEU A 93 -10.63 -2.54 -22.53
C LEU A 93 -10.87 -2.49 -21.00
N ASN A 94 -11.74 -3.35 -20.44
CA ASN A 94 -12.00 -3.47 -18.97
C ASN A 94 -11.39 -4.78 -18.39
N ASN A 95 -10.35 -4.71 -17.53
CA ASN A 95 -9.82 -5.84 -16.76
C ASN A 95 -9.00 -5.37 -15.54
N ASP A 96 -9.07 -6.03 -14.37
CA ASP A 96 -8.30 -5.71 -13.12
C ASP A 96 -6.81 -6.14 -13.19
N ILE A 97 -6.43 -6.94 -14.21
CA ILE A 97 -5.19 -7.73 -14.26
C ILE A 97 -4.66 -7.89 -15.69
N LYS A 98 -3.54 -8.59 -15.80
CA LYS A 98 -2.78 -8.98 -16.99
C LYS A 98 -3.66 -9.70 -18.04
N THR A 99 -4.53 -10.61 -17.57
CA THR A 99 -5.37 -11.50 -18.39
C THR A 99 -4.48 -12.42 -19.22
N GLU A 100 -3.59 -13.17 -18.55
CA GLU A 100 -2.89 -14.34 -19.11
C GLU A 100 -2.85 -15.45 -18.05
ZN ZN B . 7.45 -2.57 12.50
ZN ZN C . -4.84 1.09 1.86
ZN ZN D . -4.49 2.77 -16.61
N SER A 1 -0.65 -0.13 39.98
CA SER A 1 -0.81 0.33 38.59
C SER A 1 0.13 1.48 38.28
N GLU A 2 0.96 1.40 37.22
CA GLU A 2 1.92 2.39 36.71
C GLU A 2 2.02 2.34 35.19
N GLY A 3 2.62 3.37 34.59
CA GLY A 3 2.92 3.51 33.17
C GLY A 3 4.36 3.93 32.88
N ARG A 4 5.09 3.15 32.07
CA ARG A 4 6.50 3.33 31.65
C ARG A 4 6.82 2.45 30.42
N ARG A 5 7.53 3.00 29.43
CA ARG A 5 7.97 2.44 28.15
C ARG A 5 9.05 3.37 27.57
N SER A 6 9.84 2.84 26.65
CA SER A 6 10.83 3.55 25.83
C SER A 6 10.90 2.98 24.41
N ASP A 7 9.85 2.32 23.93
CA ASP A 7 9.89 1.43 22.79
C ASP A 7 8.59 1.62 22.00
N THR A 8 8.65 2.35 20.89
CA THR A 8 7.60 2.48 19.88
C THR A 8 8.28 2.49 18.49
N CYS A 9 7.57 2.10 17.42
CA CYS A 9 8.12 2.15 16.04
C CYS A 9 8.12 3.59 15.49
N GLU A 10 9.24 4.08 14.96
CA GLU A 10 9.27 5.39 14.28
C GLU A 10 8.58 5.33 12.90
N TYR A 11 8.22 4.14 12.38
CA TYR A 11 7.47 3.99 11.11
C TYR A 11 6.01 3.50 11.26
N CYS A 12 5.68 2.53 12.13
CA CYS A 12 4.26 2.26 12.45
C CYS A 12 3.54 3.39 13.24
N GLY A 13 4.21 3.93 14.27
CA GLY A 13 3.62 4.68 15.38
C GLY A 13 2.99 3.81 16.45
N LYS A 14 3.33 2.50 16.51
CA LYS A 14 2.76 1.55 17.48
C LYS A 14 3.77 1.27 18.59
N VAL A 15 3.35 1.23 19.86
CA VAL A 15 4.14 0.79 21.02
C VAL A 15 4.51 -0.69 20.92
N PHE A 16 5.61 -1.05 21.60
CA PHE A 16 6.21 -2.38 21.60
C PHE A 16 6.34 -3.01 23.00
N LYS A 17 7.23 -4.02 23.12
CA LYS A 17 7.53 -4.78 24.36
C LYS A 17 9.02 -5.00 24.68
N ASN A 18 9.89 -4.71 23.72
CA ASN A 18 11.35 -4.85 23.85
C ASN A 18 12.11 -4.06 22.78
N CYS A 19 13.22 -3.41 23.14
CA CYS A 19 13.94 -2.53 22.22
C CYS A 19 14.52 -3.20 20.95
N SER A 20 15.18 -4.35 21.08
CA SER A 20 15.74 -5.12 19.96
C SER A 20 14.64 -5.77 19.14
N ASN A 21 13.57 -6.22 19.82
CA ASN A 21 12.37 -6.78 19.19
C ASN A 21 11.66 -5.72 18.31
N LEU A 22 11.61 -4.47 18.80
CA LEU A 22 11.20 -3.27 18.05
C LEU A 22 12.11 -3.07 16.84
N THR A 23 13.42 -2.98 17.05
CA THR A 23 14.42 -2.77 16.01
C THR A 23 14.26 -3.75 14.84
N VAL A 24 14.17 -5.05 15.10
CA VAL A 24 13.99 -6.10 14.08
C VAL A 24 12.63 -6.06 13.38
N HIS A 25 11.50 -5.76 14.07
CA HIS A 25 10.16 -5.56 13.43
C HIS A 25 10.15 -4.37 12.44
N ARG A 26 10.72 -3.22 12.82
CA ARG A 26 10.84 -2.05 11.91
C ARG A 26 11.74 -2.27 10.70
N ARG A 27 12.71 -3.20 10.76
CA ARG A 27 13.53 -3.68 9.62
C ARG A 27 12.86 -4.81 8.82
N SER A 28 12.06 -5.73 9.41
CA SER A 28 11.38 -6.82 8.68
C SER A 28 10.29 -6.30 7.77
N HIS A 29 9.56 -5.25 8.19
CA HIS A 29 8.45 -4.70 7.40
C HIS A 29 8.82 -3.50 6.53
N THR A 30 10.09 -3.08 6.51
CA THR A 30 10.42 -1.65 6.41
C THR A 30 9.56 -0.86 5.44
N GLY A 31 9.46 -1.25 4.16
CA GLY A 31 8.26 -0.99 3.36
C GLY A 31 7.98 0.51 3.18
N GLU A 32 6.79 0.89 3.60
CA GLU A 32 6.37 2.25 3.93
C GLU A 32 5.33 2.29 5.08
N ARG A 33 5.47 3.29 5.95
CA ARG A 33 4.49 3.72 7.01
C ARG A 33 4.01 2.51 7.90
N PRO A 34 2.83 2.47 8.61
CA PRO A 34 2.27 1.26 9.25
C PRO A 34 1.62 0.33 8.26
N TYR A 35 2.05 0.36 6.99
CA TYR A 35 1.56 -0.46 5.86
C TYR A 35 0.00 -0.38 5.74
N LYS A 36 -0.55 0.79 6.04
CA LYS A 36 -1.99 1.09 6.24
C LYS A 36 -2.25 2.54 5.80
N CYS A 37 -3.44 2.78 5.25
CA CYS A 37 -3.88 4.14 4.87
C CYS A 37 -4.32 4.98 6.08
N GLU A 38 -4.09 6.27 5.98
CA GLU A 38 -4.70 7.27 6.88
C GLU A 38 -6.10 7.64 6.41
N LEU A 39 -6.48 7.27 5.17
CA LEU A 39 -7.66 7.81 4.48
C LEU A 39 -8.64 6.69 4.04
N CYS A 40 -8.16 5.55 3.52
CA CYS A 40 -8.94 4.30 3.31
C CYS A 40 -8.91 3.37 4.55
N ASN A 41 -9.75 2.31 4.62
CA ASN A 41 -9.38 1.14 5.44
C ASN A 41 -8.25 0.27 4.83
N TYR A 42 -7.84 0.46 3.57
CA TYR A 42 -6.79 -0.33 2.87
C TYR A 42 -5.41 -0.41 3.53
N ALA A 43 -4.68 -1.50 3.25
CA ALA A 43 -3.39 -1.85 3.82
C ALA A 43 -2.50 -2.65 2.83
N CYS A 44 -1.18 -2.38 2.79
CA CYS A 44 -0.18 -3.03 1.90
C CYS A 44 1.27 -2.78 2.41
N ALA A 45 2.05 -3.86 2.49
CA ALA A 45 3.45 -3.87 2.94
C ALA A 45 4.38 -3.12 1.96
N GLN A 46 4.09 -3.21 0.66
CA GLN A 46 5.01 -2.83 -0.39
C GLN A 46 5.10 -1.30 -0.56
N SER A 47 6.30 -0.74 -0.41
CA SER A 47 6.56 0.67 -0.58
C SER A 47 6.02 1.22 -1.90
N SER A 48 6.33 0.58 -3.02
CA SER A 48 5.84 1.01 -4.34
C SER A 48 4.30 0.95 -4.52
N LYS A 49 3.58 0.02 -3.86
CA LYS A 49 2.11 0.04 -3.81
C LYS A 49 1.67 1.25 -3.00
N LEU A 50 2.17 1.40 -1.77
CA LEU A 50 1.68 2.41 -0.82
C LEU A 50 1.94 3.82 -1.33
N THR A 51 3.12 4.04 -1.90
CA THR A 51 3.55 5.31 -2.48
C THR A 51 2.71 5.67 -3.72
N ARG A 52 2.46 4.74 -4.65
CA ARG A 52 1.58 4.99 -5.81
C ARG A 52 0.13 5.32 -5.37
N HIS A 53 -0.52 4.51 -4.52
CA HIS A 53 -1.81 4.80 -3.81
C HIS A 53 -1.85 6.22 -3.15
N MET A 54 -0.82 6.54 -2.34
CA MET A 54 -0.65 7.83 -1.61
C MET A 54 -0.73 9.04 -2.57
N LYS A 55 0.04 9.06 -3.66
CA LYS A 55 -0.06 10.23 -4.59
C LYS A 55 -1.29 10.18 -5.52
N THR A 56 -1.92 9.01 -5.67
CA THR A 56 -3.17 8.84 -6.41
C THR A 56 -4.40 9.27 -5.61
N HIS A 57 -4.20 9.60 -4.32
CA HIS A 57 -5.26 10.31 -3.55
C HIS A 57 -5.54 11.76 -4.04
N GLY A 58 -6.17 11.90 -5.22
CA GLY A 58 -6.93 13.10 -5.55
C GLY A 58 -8.35 13.04 -4.99
N GLN A 59 -9.22 12.29 -5.66
CA GLN A 59 -10.68 12.21 -5.45
C GLN A 59 -11.30 10.83 -5.81
N VAL A 60 -10.88 9.73 -5.17
CA VAL A 60 -11.38 8.36 -5.50
C VAL A 60 -12.71 8.02 -4.80
N GLY A 61 -12.82 8.30 -3.50
CA GLY A 61 -13.96 8.00 -2.63
C GLY A 61 -14.20 6.54 -2.18
N LYS A 62 -13.24 5.63 -2.37
CA LYS A 62 -13.20 4.29 -1.73
C LYS A 62 -11.77 3.70 -1.73
N ASP A 63 -11.53 2.60 -1.02
CA ASP A 63 -10.28 1.82 -0.92
C ASP A 63 -9.78 1.21 -2.27
N VAL A 64 -10.55 1.25 -3.35
CA VAL A 64 -10.30 0.56 -4.62
C VAL A 64 -10.27 1.58 -5.76
N TYR A 65 -9.19 1.59 -6.56
CA TYR A 65 -8.93 2.60 -7.58
C TYR A 65 -9.41 2.11 -8.97
N LYS A 66 -9.96 2.95 -9.85
CA LYS A 66 -10.29 2.57 -11.24
C LYS A 66 -9.16 2.97 -12.19
N CYS A 67 -8.88 2.08 -13.15
CA CYS A 67 -8.07 2.35 -14.33
C CYS A 67 -8.63 3.58 -15.06
N GLU A 68 -7.86 4.65 -15.21
CA GLU A 68 -8.30 5.78 -16.05
C GLU A 68 -8.55 5.38 -17.51
N ILE A 69 -7.94 4.30 -17.99
CA ILE A 69 -8.07 3.74 -19.34
C ILE A 69 -9.23 2.74 -19.46
N CYS A 70 -9.35 1.76 -18.55
CA CYS A 70 -10.44 0.74 -18.55
C CYS A 70 -11.73 1.23 -17.87
N LYS A 71 -11.67 2.26 -17.03
CA LYS A 71 -12.76 2.74 -16.13
C LYS A 71 -13.28 1.69 -15.12
N MET A 72 -13.00 0.40 -15.29
CA MET A 72 -13.26 -0.67 -14.30
C MET A 72 -12.40 -0.42 -13.04
N PRO A 73 -12.86 -0.68 -11.80
CA PRO A 73 -11.99 -0.80 -10.60
C PRO A 73 -10.97 -1.98 -10.67
N PHE A 74 -9.84 -1.88 -9.93
CA PHE A 74 -8.72 -2.80 -9.78
C PHE A 74 -8.09 -2.71 -8.39
N SER A 75 -7.53 -3.82 -7.94
CA SER A 75 -7.04 -3.97 -6.57
C SER A 75 -6.00 -2.88 -6.18
N VAL A 76 -4.90 -2.69 -6.94
CA VAL A 76 -3.84 -1.69 -6.64
C VAL A 76 -3.29 -0.97 -7.89
N TYR A 77 -2.71 0.23 -7.74
CA TYR A 77 -2.15 1.04 -8.84
C TYR A 77 -0.96 0.37 -9.54
N SER A 78 -0.18 -0.43 -8.81
CA SER A 78 0.95 -1.10 -9.48
C SER A 78 0.55 -2.26 -10.38
N THR A 79 -0.56 -2.91 -10.08
CA THR A 79 -1.10 -3.94 -10.99
C THR A 79 -1.64 -3.25 -12.23
N LEU A 80 -2.28 -2.06 -12.05
CA LEU A 80 -2.63 -1.17 -13.16
C LEU A 80 -1.44 -0.85 -14.08
N GLU A 81 -0.26 -0.47 -13.58
CA GLU A 81 0.89 -0.08 -14.43
C GLU A 81 1.47 -1.26 -15.21
N LYS A 82 1.52 -2.45 -14.59
CA LYS A 82 1.95 -3.71 -15.20
C LYS A 82 0.94 -4.07 -16.27
N HIS A 83 -0.35 -4.00 -15.97
CA HIS A 83 -1.46 -4.16 -16.92
C HIS A 83 -1.41 -3.13 -18.10
N MET A 84 -1.12 -1.86 -17.79
CA MET A 84 -0.80 -0.78 -18.74
C MET A 84 0.42 -1.02 -19.66
N LYS A 85 1.50 -1.57 -19.12
CA LYS A 85 2.78 -1.76 -19.81
C LYS A 85 2.90 -3.16 -20.49
N LYS A 86 1.91 -4.02 -20.25
CA LYS A 86 1.67 -5.33 -20.89
C LYS A 86 0.45 -5.25 -21.79
N TRP A 87 -0.72 -5.73 -21.36
CA TRP A 87 -1.92 -5.99 -22.21
C TRP A 87 -2.57 -4.76 -22.87
N HIS A 88 -2.33 -3.54 -22.38
CA HIS A 88 -2.94 -2.28 -22.88
C HIS A 88 -2.40 -1.81 -24.22
N SER A 89 -1.37 -2.41 -24.81
CA SER A 89 -0.54 -1.85 -25.92
C SER A 89 -1.33 -1.33 -27.16
N ASP A 90 -2.29 -2.09 -27.67
CA ASP A 90 -3.27 -1.78 -28.74
C ASP A 90 -4.71 -1.47 -28.26
N ARG A 91 -4.85 -1.28 -26.94
CA ARG A 91 -6.14 -1.19 -26.24
C ARG A 91 -6.96 -2.48 -26.33
N VAL A 92 -8.25 -2.44 -26.00
CA VAL A 92 -9.23 -3.55 -26.14
C VAL A 92 -8.78 -4.84 -25.46
N LEU A 93 -9.00 -4.95 -24.15
CA LEU A 93 -8.44 -6.00 -23.30
C LEU A 93 -9.42 -6.38 -22.19
N ASN A 94 -9.34 -7.58 -21.63
CA ASN A 94 -10.00 -8.04 -20.39
C ASN A 94 -9.08 -9.07 -19.67
N ASN A 95 -8.57 -8.76 -18.46
CA ASN A 95 -7.58 -9.59 -17.77
C ASN A 95 -7.49 -9.44 -16.23
N ASP A 96 -8.13 -8.47 -15.58
CA ASP A 96 -8.11 -8.19 -14.12
C ASP A 96 -6.82 -7.82 -13.40
N ILE A 97 -5.69 -8.28 -13.90
CA ILE A 97 -4.39 -8.12 -13.27
C ILE A 97 -3.33 -7.97 -14.37
N LYS A 98 -2.06 -7.86 -13.98
CA LYS A 98 -0.81 -7.95 -14.78
C LYS A 98 -0.94 -8.69 -16.13
N THR A 99 -1.24 -9.99 -16.16
CA THR A 99 -1.30 -10.87 -17.36
C THR A 99 -1.93 -12.17 -16.91
N GLU A 100 -2.88 -12.64 -17.72
CA GLU A 100 -3.10 -14.05 -18.06
C GLU A 100 -2.12 -14.52 -19.15
ZN ZN B . 6.73 -0.80 12.66
ZN ZN C . -6.04 5.42 0.90
ZN ZN D . -6.90 -0.70 -17.91
N SER A 1 -4.02 -10.98 34.16
CA SER A 1 -3.12 -10.36 33.17
C SER A 1 -3.96 -9.53 32.20
N GLU A 2 -3.36 -8.55 31.52
CA GLU A 2 -3.93 -7.70 30.45
C GLU A 2 -2.83 -7.04 29.61
N GLY A 3 -2.19 -5.97 30.11
CA GLY A 3 -1.17 -5.18 29.44
C GLY A 3 -1.28 -3.66 29.66
N ARG A 4 -0.18 -2.90 29.49
CA ARG A 4 -0.13 -1.42 29.54
C ARG A 4 1.18 -0.85 28.98
N ARG A 5 1.20 -0.28 27.76
CA ARG A 5 2.40 0.37 27.16
C ARG A 5 1.92 1.48 26.22
N SER A 6 2.62 2.61 26.10
CA SER A 6 2.30 3.64 25.08
C SER A 6 3.36 3.81 23.95
N ASP A 7 4.61 3.36 24.11
CA ASP A 7 5.81 3.77 23.36
C ASP A 7 6.41 2.53 22.66
N THR A 8 5.75 2.14 21.58
CA THR A 8 6.08 0.98 20.71
C THR A 8 5.47 1.11 19.33
N CYS A 9 6.11 0.52 18.30
CA CYS A 9 5.52 0.57 16.96
C CYS A 9 4.28 -0.32 16.81
N GLU A 10 3.07 0.26 16.92
CA GLU A 10 1.76 -0.37 16.77
C GLU A 10 1.45 -0.84 15.31
N TYR A 11 2.35 -0.56 14.34
CA TYR A 11 2.26 -1.05 12.96
C TYR A 11 3.01 -2.40 12.74
N CYS A 12 4.23 -2.60 13.28
CA CYS A 12 5.01 -3.84 13.09
C CYS A 12 5.36 -4.64 14.38
N GLY A 13 5.15 -4.07 15.56
CA GLY A 13 5.27 -4.84 16.81
C GLY A 13 6.70 -5.09 17.32
N LYS A 14 7.74 -4.52 16.69
CA LYS A 14 9.11 -4.50 17.27
C LYS A 14 9.30 -3.44 18.36
N VAL A 15 10.07 -3.76 19.41
CA VAL A 15 10.36 -2.95 20.61
C VAL A 15 11.73 -2.24 20.52
N PHE A 16 11.85 -1.07 21.13
CA PHE A 16 13.06 -0.23 21.11
C PHE A 16 13.32 0.41 22.47
N LYS A 17 14.60 0.68 22.83
CA LYS A 17 15.04 1.30 24.10
C LYS A 17 14.71 2.80 24.24
N ASN A 18 14.42 3.47 23.13
CA ASN A 18 14.14 4.91 23.05
C ASN A 18 13.11 5.26 21.98
N CYS A 19 12.30 6.27 22.27
CA CYS A 19 11.25 6.77 21.39
C CYS A 19 11.72 7.31 20.01
N SER A 20 12.90 7.93 19.93
CA SER A 20 13.45 8.38 18.64
C SER A 20 13.85 7.23 17.69
N ASN A 21 14.36 6.14 18.26
CA ASN A 21 14.60 4.88 17.55
C ASN A 21 13.30 4.31 16.96
N LEU A 22 12.22 4.20 17.75
CA LEU A 22 10.95 3.58 17.26
C LEU A 22 10.29 4.42 16.16
N THR A 23 10.33 5.75 16.30
CA THR A 23 9.84 6.72 15.32
C THR A 23 10.61 6.64 13.99
N VAL A 24 11.97 6.59 14.00
CA VAL A 24 12.74 6.65 12.74
C VAL A 24 12.54 5.41 11.90
N HIS A 25 12.56 4.24 12.53
CA HIS A 25 12.27 2.99 11.80
C HIS A 25 10.81 3.01 11.26
N ARG A 26 9.83 3.51 12.04
CA ARG A 26 8.41 3.64 11.67
C ARG A 26 8.30 4.41 10.38
N ARG A 27 8.94 5.57 10.25
CA ARG A 27 8.94 6.32 8.98
C ARG A 27 9.83 5.71 7.87
N SER A 28 10.78 4.83 8.19
CA SER A 28 11.54 4.04 7.17
C SER A 28 10.75 2.88 6.55
N HIS A 29 9.60 2.44 7.11
CA HIS A 29 8.79 1.34 6.58
C HIS A 29 7.30 1.71 6.44
N THR A 30 6.84 2.95 6.76
CA THR A 30 5.45 3.37 6.50
C THR A 30 5.11 3.12 5.04
N GLY A 31 4.24 2.17 4.78
CA GLY A 31 3.95 1.75 3.41
C GLY A 31 4.70 0.54 2.90
N GLU A 32 5.32 -0.29 3.74
CA GLU A 32 5.95 -1.55 3.29
C GLU A 32 5.66 -2.74 4.26
N ARG A 33 6.59 -3.03 5.18
CA ARG A 33 6.69 -4.29 5.98
C ARG A 33 5.40 -4.78 6.70
N PRO A 34 4.48 -3.97 7.24
CA PRO A 34 3.30 -4.45 7.94
C PRO A 34 2.09 -4.69 6.98
N TYR A 35 2.28 -4.49 5.67
CA TYR A 35 1.28 -4.53 4.59
C TYR A 35 0.07 -3.54 4.62
N LYS A 36 -0.15 -2.97 5.81
CA LYS A 36 -1.15 -1.94 6.22
C LYS A 36 -0.70 -0.51 5.89
N CYS A 37 -1.64 0.38 5.58
CA CYS A 37 -1.41 1.81 5.23
C CYS A 37 -1.60 2.80 6.40
N GLU A 38 -1.05 4.00 6.28
CA GLU A 38 -1.30 5.21 7.10
C GLU A 38 -2.37 6.12 6.47
N LEU A 39 -2.78 5.80 5.24
CA LEU A 39 -3.77 6.57 4.46
C LEU A 39 -5.02 5.78 3.99
N CYS A 40 -4.98 4.44 3.96
CA CYS A 40 -6.15 3.53 3.90
C CYS A 40 -6.22 2.71 5.21
N ASN A 41 -7.25 1.88 5.40
CA ASN A 41 -7.14 0.70 6.26
C ASN A 41 -6.92 -0.61 5.47
N TYR A 42 -6.75 -0.56 4.14
CA TYR A 42 -6.34 -1.69 3.27
C TYR A 42 -5.03 -2.44 3.71
N ALA A 43 -5.01 -3.76 3.48
CA ALA A 43 -3.88 -4.70 3.66
C ALA A 43 -3.80 -5.72 2.51
N CYS A 44 -2.63 -6.32 2.28
CA CYS A 44 -2.36 -7.32 1.21
C CYS A 44 -1.15 -8.18 1.60
N ALA A 45 -0.66 -9.08 0.74
CA ALA A 45 0.53 -9.92 0.96
C ALA A 45 1.86 -9.48 0.30
N GLN A 46 1.90 -8.45 -0.55
CA GLN A 46 3.11 -7.97 -1.23
C GLN A 46 3.62 -6.65 -0.63
N SER A 47 4.94 -6.47 -0.57
CA SER A 47 5.70 -5.26 -0.26
C SER A 47 5.45 -4.13 -1.26
N SER A 48 6.13 -4.12 -2.40
CA SER A 48 6.07 -3.05 -3.43
C SER A 48 4.69 -2.64 -3.92
N LYS A 49 3.63 -3.46 -3.72
CA LYS A 49 2.23 -3.06 -3.91
C LYS A 49 1.96 -1.78 -3.11
N LEU A 50 2.52 -1.63 -1.91
CA LEU A 50 2.17 -0.60 -0.92
C LEU A 50 3.06 0.67 -1.03
N THR A 51 4.38 0.54 -1.16
CA THR A 51 5.30 1.63 -1.47
C THR A 51 4.88 2.33 -2.76
N ARG A 52 4.46 1.61 -3.80
CA ARG A 52 3.93 2.24 -5.03
C ARG A 52 2.53 2.82 -4.84
N HIS A 53 1.58 2.15 -4.15
CA HIS A 53 0.29 2.77 -3.79
C HIS A 53 0.43 4.12 -3.04
N MET A 54 1.44 4.28 -2.18
CA MET A 54 1.52 5.43 -1.29
C MET A 54 1.68 6.74 -2.06
N LYS A 55 2.68 6.86 -2.93
CA LYS A 55 2.77 8.03 -3.83
C LYS A 55 1.73 8.11 -4.95
N THR A 56 1.14 6.96 -5.33
CA THR A 56 0.06 7.01 -6.31
C THR A 56 -1.22 7.64 -5.72
N HIS A 57 -1.46 7.53 -4.40
CA HIS A 57 -2.76 7.92 -3.78
C HIS A 57 -2.72 9.02 -2.71
N GLY A 58 -1.54 9.39 -2.20
CA GLY A 58 -1.39 10.50 -1.25
C GLY A 58 -2.14 11.78 -1.65
N GLN A 59 -2.37 12.01 -2.94
CA GLN A 59 -3.05 13.20 -3.40
C GLN A 59 -4.50 12.92 -3.83
N VAL A 60 -5.10 11.77 -3.47
CA VAL A 60 -6.40 11.28 -3.96
C VAL A 60 -7.45 11.12 -2.83
N GLY A 61 -7.10 10.58 -1.64
CA GLY A 61 -8.03 10.62 -0.47
C GLY A 61 -9.33 9.78 -0.56
N LYS A 62 -9.33 8.56 -1.15
CA LYS A 62 -10.58 7.80 -1.38
C LYS A 62 -10.43 6.27 -1.17
N ASP A 63 -9.39 5.85 -0.45
CA ASP A 63 -8.83 4.48 -0.38
C ASP A 63 -8.37 3.80 -1.70
N VAL A 64 -8.74 4.35 -2.85
CA VAL A 64 -8.66 3.67 -4.14
C VAL A 64 -7.99 4.57 -5.17
N TYR A 65 -7.32 3.96 -6.16
CA TYR A 65 -6.56 4.66 -7.19
C TYR A 65 -7.02 4.22 -8.59
N LYS A 66 -7.21 5.17 -9.51
CA LYS A 66 -7.61 4.91 -10.90
C LYS A 66 -6.42 5.03 -11.86
N CYS A 67 -6.25 4.10 -12.80
CA CYS A 67 -5.25 4.18 -13.88
C CYS A 67 -5.49 5.52 -14.64
N GLU A 68 -4.56 6.47 -14.59
CA GLU A 68 -4.72 7.87 -15.09
C GLU A 68 -5.01 7.90 -16.61
N ILE A 69 -4.60 6.89 -17.37
CA ILE A 69 -4.80 6.76 -18.83
C ILE A 69 -6.12 6.09 -19.26
N CYS A 70 -6.74 5.22 -18.46
CA CYS A 70 -7.99 4.50 -18.83
C CYS A 70 -9.12 4.68 -17.79
N LYS A 71 -8.81 5.47 -16.75
CA LYS A 71 -9.64 5.86 -15.60
C LYS A 71 -10.19 4.67 -14.78
N MET A 72 -9.85 3.42 -15.12
CA MET A 72 -10.38 2.27 -14.38
C MET A 72 -9.70 2.13 -12.99
N PRO A 73 -10.45 1.97 -11.87
CA PRO A 73 -9.86 1.64 -10.58
C PRO A 73 -9.38 0.19 -10.53
N PHE A 74 -8.28 -0.10 -9.82
CA PHE A 74 -7.61 -1.42 -9.62
C PHE A 74 -7.04 -1.62 -8.20
N SER A 75 -6.96 -2.88 -7.75
CA SER A 75 -6.67 -3.26 -6.36
C SER A 75 -5.27 -2.90 -5.83
N VAL A 76 -4.23 -3.01 -6.68
CA VAL A 76 -2.81 -2.67 -6.41
C VAL A 76 -2.04 -2.12 -7.63
N TYR A 77 -0.96 -1.36 -7.38
CA TYR A 77 -0.13 -0.82 -8.45
C TYR A 77 0.51 -1.94 -9.30
N SER A 78 0.80 -3.12 -8.74
CA SER A 78 1.47 -4.17 -9.50
C SER A 78 0.57 -4.90 -10.51
N THR A 79 -0.75 -4.94 -10.31
CA THR A 79 -1.71 -5.35 -11.35
C THR A 79 -1.89 -4.22 -12.37
N LEU A 80 -1.81 -2.94 -11.97
CA LEU A 80 -1.88 -1.85 -12.96
C LEU A 80 -0.73 -1.88 -13.98
N GLU A 81 0.54 -2.09 -13.60
CA GLU A 81 1.60 -2.20 -14.63
C GLU A 81 1.40 -3.38 -15.60
N LYS A 82 0.99 -4.56 -15.11
CA LYS A 82 0.66 -5.72 -15.95
C LYS A 82 -0.46 -5.38 -16.91
N HIS A 83 -1.52 -4.74 -16.41
CA HIS A 83 -2.64 -4.21 -17.16
C HIS A 83 -2.21 -3.10 -18.18
N MET A 84 -1.30 -2.20 -17.83
CA MET A 84 -0.80 -1.11 -18.70
C MET A 84 0.01 -1.59 -19.90
N LYS A 85 0.55 -2.80 -19.84
CA LYS A 85 1.15 -3.44 -20.98
C LYS A 85 0.14 -4.37 -21.71
N LYS A 86 -0.48 -5.35 -21.02
CA LYS A 86 -1.34 -6.40 -21.64
C LYS A 86 -2.76 -5.91 -22.01
N TRP A 87 -3.57 -5.48 -21.03
CA TRP A 87 -4.88 -4.80 -21.25
C TRP A 87 -4.84 -3.45 -22.01
N HIS A 88 -3.69 -2.81 -22.18
CA HIS A 88 -3.56 -1.67 -23.10
C HIS A 88 -2.71 -2.04 -24.33
N SER A 89 -2.71 -3.30 -24.76
CA SER A 89 -2.45 -3.74 -26.16
C SER A 89 -3.72 -3.57 -27.00
N ASP A 90 -4.61 -4.57 -27.08
CA ASP A 90 -5.84 -4.45 -27.89
C ASP A 90 -6.98 -3.67 -27.19
N ARG A 91 -6.66 -2.76 -26.27
CA ARG A 91 -7.47 -1.67 -25.67
C ARG A 91 -8.80 -1.93 -24.94
N VAL A 92 -9.51 -3.05 -25.12
CA VAL A 92 -10.77 -3.34 -24.38
C VAL A 92 -10.51 -3.77 -22.93
N LEU A 93 -11.34 -3.33 -21.97
CA LEU A 93 -11.15 -3.54 -20.51
C LEU A 93 -12.28 -4.36 -19.88
N ASN A 94 -11.93 -5.36 -19.05
CA ASN A 94 -12.94 -6.08 -18.28
C ASN A 94 -12.42 -6.60 -16.92
N ASN A 95 -11.24 -7.23 -16.87
CA ASN A 95 -10.77 -7.93 -15.64
C ASN A 95 -9.83 -7.07 -14.78
N ASP A 96 -10.00 -7.19 -13.45
CA ASP A 96 -9.21 -6.50 -12.42
C ASP A 96 -7.83 -7.09 -12.12
N ILE A 97 -7.50 -8.25 -12.68
CA ILE A 97 -6.12 -8.77 -12.71
C ILE A 97 -5.69 -8.94 -14.18
N LYS A 98 -4.48 -8.42 -14.53
CA LYS A 98 -3.50 -8.76 -15.64
C LYS A 98 -4.02 -9.40 -16.98
N THR A 99 -5.29 -9.23 -17.34
CA THR A 99 -6.13 -10.02 -18.30
C THR A 99 -6.32 -11.49 -17.85
N GLU A 100 -5.24 -12.26 -17.79
CA GLU A 100 -5.12 -13.71 -17.54
C GLU A 100 -3.63 -14.14 -17.42
ZN ZN B . 7.47 -0.57 12.90
ZN ZN C . -3.33 3.89 1.48
ZN ZN D . -5.51 1.39 -17.44
N SER A 1 -2.09 8.76 22.96
CA SER A 1 -0.79 8.05 22.77
C SER A 1 0.01 8.15 24.03
N GLU A 2 0.84 7.14 24.32
CA GLU A 2 1.66 7.04 25.54
C GLU A 2 3.01 6.38 25.23
N GLY A 3 4.03 6.57 26.09
CA GLY A 3 5.37 6.00 25.91
C GLY A 3 6.44 6.82 26.63
N ARG A 4 7.56 6.20 26.96
CA ARG A 4 8.76 6.88 27.49
C ARG A 4 10.13 6.22 27.20
N ARG A 5 10.24 5.35 26.19
CA ARG A 5 11.41 4.51 25.84
C ARG A 5 11.58 4.56 24.31
N SER A 6 12.68 4.03 23.76
CA SER A 6 13.04 4.07 22.33
C SER A 6 12.39 2.96 21.45
N ASP A 7 11.55 2.08 22.00
CA ASP A 7 10.91 0.93 21.35
C ASP A 7 9.65 1.33 20.53
N THR A 8 9.79 2.30 19.62
CA THR A 8 8.77 2.68 18.62
C THR A 8 9.27 2.45 17.19
N CYS A 9 8.42 1.87 16.35
CA CYS A 9 8.69 1.73 14.94
C CYS A 9 8.87 3.12 14.30
N GLU A 10 9.97 3.32 13.56
CA GLU A 10 10.14 4.55 12.76
C GLU A 10 9.20 4.55 11.55
N TYR A 11 8.54 3.43 11.18
CA TYR A 11 7.58 3.36 10.06
C TYR A 11 6.09 3.27 10.48
N CYS A 12 5.72 2.45 11.48
CA CYS A 12 4.35 2.41 12.01
C CYS A 12 3.96 3.65 12.83
N GLY A 13 4.84 4.12 13.74
CA GLY A 13 4.54 4.86 14.97
C GLY A 13 3.97 3.95 16.09
N LYS A 14 3.89 2.62 15.89
CA LYS A 14 3.51 1.65 16.95
C LYS A 14 4.61 1.60 18.02
N VAL A 15 4.22 1.81 19.29
CA VAL A 15 5.05 1.53 20.48
C VAL A 15 4.97 0.05 20.87
N PHE A 16 6.05 -0.46 21.45
CA PHE A 16 6.12 -1.83 21.94
C PHE A 16 6.44 -1.89 23.44
N LYS A 17 7.09 -2.96 23.93
CA LYS A 17 7.66 -3.08 25.29
C LYS A 17 9.08 -3.70 25.23
N ASN A 18 9.72 -3.70 24.06
CA ASN A 18 11.13 -4.13 23.85
C ASN A 18 11.67 -3.76 22.45
N CYS A 19 12.93 -3.32 22.38
CA CYS A 19 13.57 -2.94 21.09
C CYS A 19 13.75 -4.12 20.13
N SER A 20 13.80 -5.36 20.65
CA SER A 20 13.86 -6.54 19.82
C SER A 20 12.55 -6.83 19.10
N ASN A 21 11.38 -6.73 19.77
CA ASN A 21 10.07 -6.91 19.11
C ASN A 21 9.82 -5.81 18.07
N LEU A 22 10.24 -4.56 18.36
CA LEU A 22 10.39 -3.49 17.36
C LEU A 22 11.18 -3.97 16.15
N THR A 23 12.40 -4.47 16.35
CA THR A 23 13.32 -4.81 15.26
C THR A 23 12.86 -5.95 14.36
N VAL A 24 12.32 -7.02 14.92
CA VAL A 24 11.76 -8.09 14.08
C VAL A 24 10.45 -7.73 13.39
N HIS A 25 9.51 -7.04 14.03
CA HIS A 25 8.26 -6.61 13.33
C HIS A 25 8.58 -5.61 12.18
N ARG A 26 9.49 -4.62 12.35
CA ARG A 26 9.78 -3.70 11.25
C ARG A 26 10.39 -4.40 10.04
N ARG A 27 11.28 -5.39 10.19
CA ARG A 27 11.77 -6.18 9.05
C ARG A 27 10.65 -7.03 8.46
N SER A 28 9.80 -7.63 9.28
CA SER A 28 8.68 -8.48 8.80
C SER A 28 7.65 -7.80 7.89
N HIS A 29 7.39 -6.51 8.10
CA HIS A 29 6.46 -5.71 7.30
C HIS A 29 7.08 -4.73 6.29
N THR A 30 8.41 -4.71 6.08
CA THR A 30 9.19 -3.49 5.69
C THR A 30 8.43 -2.55 4.76
N GLY A 31 7.90 -1.45 5.30
CA GLY A 31 6.87 -0.65 4.65
C GLY A 31 6.68 0.79 5.12
N GLU A 32 5.42 1.19 5.32
CA GLU A 32 4.99 2.58 5.60
C GLU A 32 3.67 2.57 6.41
N ARG A 33 3.54 3.47 7.40
CA ARG A 33 2.36 3.64 8.28
C ARG A 33 1.98 2.34 9.02
N PRO A 34 0.97 2.31 9.89
CA PRO A 34 0.62 1.08 10.61
C PRO A 34 -0.18 0.11 9.72
N TYR A 35 0.34 -0.20 8.53
CA TYR A 35 -0.19 -1.04 7.44
C TYR A 35 -1.53 -0.57 6.83
N LYS A 36 -2.37 0.12 7.62
CA LYS A 36 -3.75 0.65 7.35
C LYS A 36 -3.73 2.03 6.68
N CYS A 37 -4.71 2.29 5.83
CA CYS A 37 -4.98 3.62 5.24
C CYS A 37 -5.89 4.49 6.15
N GLU A 38 -5.98 5.80 5.90
CA GLU A 38 -6.71 6.74 6.77
C GLU A 38 -8.16 6.89 6.35
N LEU A 39 -8.42 7.10 5.04
CA LEU A 39 -9.76 7.29 4.48
C LEU A 39 -10.39 5.95 4.02
N CYS A 40 -9.62 4.93 3.60
CA CYS A 40 -10.12 3.60 3.20
C CYS A 40 -9.68 2.52 4.19
N ASN A 41 -10.45 1.42 4.28
CA ASN A 41 -10.31 0.42 5.32
C ASN A 41 -9.26 -0.66 4.94
N TYR A 42 -8.69 -0.60 3.74
CA TYR A 42 -7.68 -1.55 3.25
C TYR A 42 -6.35 -1.48 4.04
N ALA A 43 -5.55 -2.53 3.91
CA ALA A 43 -4.25 -2.69 4.54
C ALA A 43 -3.25 -3.35 3.59
N CYS A 44 -1.97 -2.98 3.67
CA CYS A 44 -0.87 -3.48 2.85
C CYS A 44 0.48 -3.44 3.62
N ALA A 45 1.33 -4.42 3.28
CA ALA A 45 2.58 -4.76 3.94
C ALA A 45 3.83 -4.41 3.07
N GLN A 46 3.77 -3.38 2.22
CA GLN A 46 4.89 -2.97 1.36
C GLN A 46 4.87 -1.47 1.08
N SER A 47 6.01 -0.82 1.36
CA SER A 47 6.28 0.62 1.30
C SER A 47 5.62 1.26 0.07
N SER A 48 6.05 0.86 -1.13
CA SER A 48 5.63 1.41 -2.40
C SER A 48 4.17 1.07 -2.77
N LYS A 49 3.71 -0.18 -2.58
CA LYS A 49 2.32 -0.61 -2.86
C LYS A 49 1.34 0.23 -2.08
N LEU A 50 1.58 0.42 -0.76
CA LEU A 50 0.70 1.25 0.10
C LEU A 50 0.73 2.74 -0.31
N THR A 51 1.93 3.32 -0.44
CA THR A 51 2.18 4.74 -0.71
C THR A 51 1.67 5.16 -2.10
N ARG A 52 1.81 4.30 -3.13
CA ARG A 52 1.25 4.57 -4.45
C ARG A 52 -0.30 4.44 -4.44
N HIS A 53 -0.90 3.38 -3.86
CA HIS A 53 -2.40 3.27 -3.73
C HIS A 53 -2.93 4.52 -3.02
N MET A 54 -2.28 4.98 -1.93
CA MET A 54 -2.81 6.07 -1.13
C MET A 54 -3.00 7.33 -1.98
N LYS A 55 -2.03 7.73 -2.81
CA LYS A 55 -2.21 8.96 -3.65
C LYS A 55 -3.06 8.72 -4.88
N THR A 56 -3.04 7.52 -5.45
CA THR A 56 -3.75 7.22 -6.71
C THR A 56 -5.28 7.08 -6.59
N HIS A 57 -5.83 6.91 -5.38
CA HIS A 57 -7.27 7.05 -5.09
C HIS A 57 -7.67 8.46 -4.74
N GLY A 58 -6.73 9.30 -4.28
CA GLY A 58 -7.02 10.67 -3.84
C GLY A 58 -8.11 10.76 -2.76
N GLN A 59 -9.08 11.65 -2.94
CA GLN A 59 -10.27 11.72 -2.07
C GLN A 59 -11.32 10.60 -2.34
N VAL A 60 -10.98 9.33 -2.05
CA VAL A 60 -11.88 8.17 -2.16
C VAL A 60 -11.70 7.22 -0.97
N GLY A 61 -12.78 6.78 -0.33
CA GLY A 61 -12.76 5.81 0.78
C GLY A 61 -13.04 4.38 0.36
N LYS A 62 -13.16 4.09 -0.95
CA LYS A 62 -13.73 2.86 -1.50
C LYS A 62 -12.89 1.56 -1.41
N ASP A 63 -11.88 1.45 -0.54
CA ASP A 63 -10.93 0.29 -0.43
C ASP A 63 -10.16 -0.07 -1.73
N VAL A 64 -10.24 0.81 -2.72
CA VAL A 64 -9.93 0.64 -4.14
C VAL A 64 -9.47 1.99 -4.71
N TYR A 65 -8.56 1.99 -5.69
CA TYR A 65 -8.21 3.13 -6.55
C TYR A 65 -8.62 2.80 -7.98
N LYS A 66 -8.56 3.77 -8.89
CA LYS A 66 -8.85 3.57 -10.32
C LYS A 66 -7.64 3.82 -11.22
N CYS A 67 -7.62 3.10 -12.35
CA CYS A 67 -6.83 3.47 -13.53
C CYS A 67 -7.14 4.89 -14.00
N GLU A 68 -6.15 5.76 -14.06
CA GLU A 68 -6.28 7.02 -14.79
C GLU A 68 -6.46 6.83 -16.31
N ILE A 69 -6.08 5.68 -16.89
CA ILE A 69 -6.13 5.37 -18.32
C ILE A 69 -7.46 4.69 -18.71
N CYS A 70 -7.97 3.74 -17.90
CA CYS A 70 -9.29 3.09 -18.13
C CYS A 70 -10.49 3.68 -17.37
N LYS A 71 -10.28 4.22 -16.16
CA LYS A 71 -11.22 4.33 -15.04
C LYS A 71 -11.70 2.97 -14.46
N MET A 72 -11.01 1.87 -14.78
CA MET A 72 -11.14 0.56 -14.11
C MET A 72 -10.67 0.50 -12.63
N PRO A 73 -11.34 -0.24 -11.71
CA PRO A 73 -10.94 -0.37 -10.31
C PRO A 73 -9.82 -1.39 -10.04
N PHE A 74 -8.89 -1.06 -9.14
CA PHE A 74 -7.76 -1.90 -8.69
C PHE A 74 -7.41 -1.75 -7.20
N SER A 75 -6.56 -2.65 -6.67
CA SER A 75 -6.19 -2.71 -5.24
C SER A 75 -4.91 -1.92 -4.89
N VAL A 76 -3.74 -2.26 -5.46
CA VAL A 76 -2.45 -1.60 -5.25
C VAL A 76 -1.80 -1.21 -6.58
N TYR A 77 -1.06 -0.09 -6.62
CA TYR A 77 -0.68 0.54 -7.89
C TYR A 77 0.25 -0.29 -8.80
N SER A 78 1.08 -1.11 -8.19
CA SER A 78 1.88 -2.06 -8.93
C SER A 78 1.08 -3.04 -9.79
N THR A 79 -0.19 -3.37 -9.42
CA THR A 79 -1.05 -4.12 -10.33
C THR A 79 -1.42 -3.30 -11.57
N LEU A 80 -1.48 -1.93 -11.57
CA LEU A 80 -1.67 -1.13 -12.80
C LEU A 80 -0.42 -1.12 -13.65
N GLU A 81 0.76 -1.06 -13.03
CA GLU A 81 2.01 -1.07 -13.81
C GLU A 81 2.05 -2.40 -14.58
N LYS A 82 1.70 -3.53 -13.95
CA LYS A 82 1.63 -4.84 -14.63
C LYS A 82 0.47 -4.95 -15.63
N HIS A 83 -0.71 -4.42 -15.34
CA HIS A 83 -1.89 -4.33 -16.27
C HIS A 83 -1.54 -3.50 -17.54
N MET A 84 -0.87 -2.34 -17.37
CA MET A 84 -0.40 -1.43 -18.44
C MET A 84 0.69 -2.07 -19.32
N LYS A 85 1.75 -2.63 -18.72
CA LYS A 85 2.86 -3.24 -19.46
C LYS A 85 2.45 -4.48 -20.25
N LYS A 86 1.28 -5.11 -20.01
CA LYS A 86 0.75 -6.26 -20.79
C LYS A 86 0.46 -5.92 -22.25
N TRP A 87 -0.54 -5.06 -22.47
CA TRP A 87 -1.08 -4.82 -23.82
C TRP A 87 -1.78 -3.46 -23.92
N HIS A 88 -1.46 -2.51 -23.03
CA HIS A 88 -2.30 -1.29 -22.92
C HIS A 88 -2.11 -0.23 -24.04
N SER A 89 -1.60 -0.60 -25.22
CA SER A 89 -1.31 0.33 -26.34
C SER A 89 -2.60 0.88 -26.93
N ASP A 90 -3.57 0.00 -27.22
CA ASP A 90 -4.87 0.42 -27.73
C ASP A 90 -5.79 0.93 -26.57
N ARG A 91 -5.33 0.85 -25.30
CA ARG A 91 -6.04 1.27 -24.07
C ARG A 91 -7.31 0.44 -23.86
N VAL A 92 -8.34 1.00 -23.21
CA VAL A 92 -9.76 0.48 -23.22
C VAL A 92 -9.92 -1.05 -22.93
N LEU A 93 -9.52 -1.55 -21.74
CA LEU A 93 -9.49 -2.99 -21.39
C LEU A 93 -9.60 -3.31 -19.88
N ASN A 94 -10.11 -4.49 -19.49
CA ASN A 94 -10.14 -5.04 -18.11
C ASN A 94 -8.74 -5.58 -17.67
N ASN A 95 -8.63 -6.85 -17.26
CA ASN A 95 -7.45 -7.40 -16.59
C ASN A 95 -7.30 -8.91 -16.84
N ASP A 96 -6.08 -9.38 -16.63
CA ASP A 96 -5.65 -10.79 -16.75
C ASP A 96 -4.44 -11.09 -15.84
N ILE A 97 -4.02 -10.18 -14.93
CA ILE A 97 -2.72 -10.23 -14.24
C ILE A 97 -1.55 -10.10 -15.30
N LYS A 98 -0.27 -10.20 -14.90
CA LYS A 98 0.94 -10.22 -15.74
C LYS A 98 1.06 -11.57 -16.46
N THR A 99 1.61 -11.58 -17.66
CA THR A 99 1.75 -12.81 -18.45
C THR A 99 3.05 -13.53 -18.12
N GLU A 100 4.18 -12.82 -18.22
CA GLU A 100 5.59 -13.16 -17.82
C GLU A 100 6.46 -11.89 -17.61
ZN ZN B . 6.27 -1.00 12.07
ZN ZN C . -6.54 3.74 0.88
ZN ZN D . -6.06 0.77 -17.48
N SER A 1 13.04 -6.37 40.65
CA SER A 1 12.58 -7.21 39.50
C SER A 1 12.55 -6.42 38.18
N GLU A 2 12.85 -7.09 37.04
CA GLU A 2 13.08 -6.45 35.72
C GLU A 2 11.81 -6.09 34.91
N GLY A 3 11.80 -4.89 34.35
CA GLY A 3 10.65 -4.31 33.64
C GLY A 3 10.49 -4.61 32.14
N ARG A 4 9.34 -5.19 31.77
CA ARG A 4 8.99 -5.41 30.35
C ARG A 4 7.48 -5.60 30.12
N ARG A 5 6.77 -4.61 29.56
CA ARG A 5 5.36 -4.66 29.12
C ARG A 5 4.96 -3.52 28.16
N SER A 6 5.89 -2.73 27.67
CA SER A 6 5.66 -1.39 27.10
C SER A 6 6.36 -1.28 25.73
N ASP A 7 6.38 -0.07 25.17
CA ASP A 7 7.23 0.42 24.07
C ASP A 7 7.09 -0.43 22.77
N THR A 8 5.86 -0.71 22.38
CA THR A 8 5.45 -1.52 21.19
C THR A 8 4.84 -0.70 20.05
N CYS A 9 5.12 -1.10 18.81
CA CYS A 9 4.55 -0.48 17.62
C CYS A 9 3.08 -0.84 17.54
N GLU A 10 2.28 0.20 17.69
CA GLU A 10 0.85 0.25 17.40
C GLU A 10 0.46 -0.30 16.02
N TYR A 11 1.42 -0.39 15.09
CA TYR A 11 1.18 -0.78 13.71
C TYR A 11 1.83 -2.13 13.33
N CYS A 12 3.11 -2.38 13.65
CA CYS A 12 3.76 -3.68 13.38
C CYS A 12 3.18 -4.79 14.30
N GLY A 13 2.77 -4.46 15.53
CA GLY A 13 2.48 -5.42 16.59
C GLY A 13 3.76 -6.10 17.09
N LYS A 14 4.90 -5.39 17.18
CA LYS A 14 6.22 -5.81 17.67
C LYS A 14 6.71 -4.80 18.75
N VAL A 15 7.20 -5.31 19.88
CA VAL A 15 7.87 -4.65 21.01
C VAL A 15 9.23 -4.07 20.56
N PHE A 16 9.68 -2.98 21.20
CA PHE A 16 10.96 -2.32 20.95
C PHE A 16 11.66 -2.15 22.32
N LYS A 17 12.98 -2.00 22.32
CA LYS A 17 13.76 -1.74 23.55
C LYS A 17 13.69 -0.28 24.02
N ASN A 18 13.12 0.68 23.27
CA ASN A 18 13.11 2.13 23.65
C ASN A 18 12.02 2.89 22.86
N CYS A 19 11.13 3.66 23.54
CA CYS A 19 10.01 4.42 22.97
C CYS A 19 10.40 5.38 21.80
N SER A 20 11.59 5.99 21.88
CA SER A 20 12.19 6.90 20.87
C SER A 20 12.44 6.12 19.56
N ASN A 21 13.17 5.00 19.68
CA ASN A 21 13.49 4.11 18.57
C ASN A 21 12.19 3.46 18.03
N LEU A 22 11.16 3.18 18.88
CA LEU A 22 9.80 2.79 18.47
C LEU A 22 9.21 3.87 17.54
N THR A 23 9.20 5.12 18.00
CA THR A 23 8.59 6.25 17.30
C THR A 23 9.22 6.53 15.93
N VAL A 24 10.55 6.51 15.83
CA VAL A 24 11.22 6.77 14.54
C VAL A 24 11.02 5.64 13.52
N HIS A 25 11.10 4.36 13.92
CA HIS A 25 10.82 3.22 13.03
C HIS A 25 9.35 3.25 12.59
N ARG A 26 8.44 3.57 13.51
CA ARG A 26 7.02 3.63 13.22
C ARG A 26 6.70 4.71 12.16
N ARG A 27 7.31 5.91 12.22
CA ARG A 27 7.23 6.91 11.14
C ARG A 27 7.94 6.40 9.87
N SER A 28 9.19 5.89 9.95
CA SER A 28 10.03 5.47 8.81
C SER A 28 9.35 4.42 7.91
N HIS A 29 8.47 3.57 8.46
CA HIS A 29 7.71 2.57 7.68
C HIS A 29 6.24 2.93 7.49
N THR A 30 5.79 4.15 7.80
CA THR A 30 4.40 4.61 7.63
C THR A 30 4.13 4.67 6.14
N GLY A 31 3.04 4.02 5.74
CA GLY A 31 2.80 3.63 4.36
C GLY A 31 3.47 2.34 3.88
N GLU A 32 4.07 1.45 4.72
CA GLU A 32 4.72 0.16 4.32
C GLU A 32 4.52 -1.05 5.28
N ARG A 33 5.49 -1.44 6.14
CA ARG A 33 5.44 -2.67 6.99
C ARG A 33 4.11 -3.12 7.61
N PRO A 34 3.25 -2.24 8.17
CA PRO A 34 2.02 -2.65 8.86
C PRO A 34 0.80 -2.65 8.00
N TYR A 35 0.97 -2.54 6.69
CA TYR A 35 -0.09 -2.76 5.72
C TYR A 35 -1.31 -1.84 5.81
N LYS A 36 -1.10 -0.61 6.30
CA LYS A 36 -2.15 0.31 6.74
C LYS A 36 -1.97 1.75 6.23
N CYS A 37 -2.99 2.41 5.65
CA CYS A 37 -3.05 3.84 5.25
C CYS A 37 -3.39 4.71 6.49
N GLU A 38 -2.81 5.90 6.62
CA GLU A 38 -3.13 6.86 7.69
C GLU A 38 -4.51 7.55 7.51
N LEU A 39 -5.04 7.55 6.27
CA LEU A 39 -6.14 8.40 5.81
C LEU A 39 -7.42 7.59 5.47
N CYS A 40 -7.33 6.59 4.57
CA CYS A 40 -8.37 5.54 4.39
C CYS A 40 -7.99 4.29 5.19
N ASN A 41 -8.94 3.38 5.36
CA ASN A 41 -8.67 2.05 5.89
C ASN A 41 -7.92 1.10 4.88
N TYR A 42 -7.21 1.60 3.86
CA TYR A 42 -6.77 0.93 2.61
C TYR A 42 -5.61 -0.05 2.67
N ALA A 43 -5.88 -1.24 3.23
CA ALA A 43 -4.89 -2.27 3.42
C ALA A 43 -4.38 -2.99 2.18
N CYS A 44 -3.13 -3.51 2.25
CA CYS A 44 -2.57 -4.56 1.38
C CYS A 44 -1.11 -4.78 1.79
N ALA A 45 -0.60 -5.98 1.51
CA ALA A 45 0.77 -6.35 1.78
C ALA A 45 1.88 -5.72 0.91
N GLN A 46 1.64 -5.26 -0.33
CA GLN A 46 2.74 -4.77 -1.21
C GLN A 46 3.19 -3.36 -0.81
N SER A 47 4.44 -3.26 -0.36
CA SER A 47 5.11 -2.02 -0.01
C SER A 47 4.97 -0.87 -1.03
N SER A 48 5.15 -1.23 -2.29
CA SER A 48 5.03 -0.32 -3.43
C SER A 48 3.58 0.11 -3.73
N LYS A 49 2.54 -0.64 -3.32
CA LYS A 49 1.13 -0.21 -3.53
C LYS A 49 0.77 0.84 -2.53
N LEU A 50 1.21 0.62 -1.29
CA LEU A 50 0.78 1.45 -0.20
C LEU A 50 1.54 2.78 -0.25
N THR A 51 2.87 2.77 -0.39
CA THR A 51 3.75 3.95 -0.58
C THR A 51 3.29 4.82 -1.79
N ARG A 52 3.03 4.22 -2.98
CA ARG A 52 2.53 4.95 -4.17
C ARG A 52 1.17 5.63 -3.88
N HIS A 53 0.20 4.97 -3.25
CA HIS A 53 -1.09 5.64 -2.97
C HIS A 53 -1.01 6.69 -1.87
N MET A 54 -0.06 6.55 -0.92
CA MET A 54 0.25 7.54 0.11
C MET A 54 0.71 8.88 -0.50
N LYS A 55 1.66 8.93 -1.46
CA LYS A 55 2.02 10.19 -2.12
C LYS A 55 1.04 10.66 -3.20
N THR A 56 0.30 9.74 -3.82
CA THR A 56 -0.72 9.99 -4.87
C THR A 56 -2.16 10.27 -4.35
N HIS A 57 -2.30 10.53 -3.05
CA HIS A 57 -3.58 10.66 -2.31
C HIS A 57 -4.38 11.98 -2.57
N GLY A 58 -4.28 12.59 -3.76
CA GLY A 58 -4.86 13.91 -4.13
C GLY A 58 -6.40 13.98 -4.01
N GLN A 59 -7.12 13.39 -4.97
CA GLN A 59 -8.60 13.30 -5.02
C GLN A 59 -9.03 12.08 -5.85
N VAL A 60 -9.64 11.12 -5.17
CA VAL A 60 -10.14 9.85 -5.74
C VAL A 60 -11.44 9.42 -5.04
N GLY A 61 -11.53 9.37 -3.70
CA GLY A 61 -12.75 9.00 -2.93
C GLY A 61 -13.09 7.49 -2.83
N LYS A 62 -12.19 6.63 -3.31
CA LYS A 62 -12.24 5.15 -3.20
C LYS A 62 -10.87 4.48 -3.41
N ASP A 63 -9.82 5.18 -3.03
CA ASP A 63 -8.47 4.61 -2.83
C ASP A 63 -7.77 4.04 -4.10
N VAL A 64 -8.42 4.14 -5.25
CA VAL A 64 -8.24 3.32 -6.44
C VAL A 64 -7.89 4.13 -7.68
N TYR A 65 -6.79 3.78 -8.33
CA TYR A 65 -6.43 4.46 -9.59
C TYR A 65 -7.39 4.03 -10.75
N LYS A 66 -7.39 4.77 -11.86
CA LYS A 66 -7.92 4.28 -13.15
C LYS A 66 -6.90 4.42 -14.28
N CYS A 67 -6.74 3.38 -15.09
CA CYS A 67 -5.74 3.23 -16.14
C CYS A 67 -5.80 4.47 -17.05
N GLU A 68 -4.76 5.32 -17.04
CA GLU A 68 -4.71 6.60 -17.75
C GLU A 68 -4.75 6.47 -19.27
N ILE A 69 -4.69 5.25 -19.80
CA ILE A 69 -4.98 4.90 -21.20
C ILE A 69 -6.43 4.40 -21.41
N CYS A 70 -6.92 3.36 -20.71
CA CYS A 70 -8.28 2.83 -20.89
C CYS A 70 -9.40 3.70 -20.27
N LYS A 71 -9.08 4.57 -19.30
CA LYS A 71 -10.02 5.10 -18.28
C LYS A 71 -10.56 4.05 -17.29
N MET A 72 -10.20 2.76 -17.39
CA MET A 72 -10.73 1.64 -16.59
C MET A 72 -10.12 1.57 -15.16
N PRO A 73 -10.94 1.51 -14.09
CA PRO A 73 -10.51 1.41 -12.68
C PRO A 73 -9.86 0.05 -12.29
N PHE A 74 -8.79 0.11 -11.48
CA PHE A 74 -7.97 -1.05 -11.06
C PHE A 74 -7.32 -0.83 -9.66
N SER A 75 -7.29 -1.88 -8.86
CA SER A 75 -6.99 -1.85 -7.43
C SER A 75 -5.68 -1.11 -7.07
N VAL A 76 -4.60 -1.35 -7.82
CA VAL A 76 -3.27 -0.77 -7.58
C VAL A 76 -2.46 -0.50 -8.86
N TYR A 77 -1.60 0.53 -8.81
CA TYR A 77 -0.70 0.92 -9.90
C TYR A 77 0.21 -0.22 -10.43
N SER A 78 0.70 -1.11 -9.56
CA SER A 78 1.49 -2.28 -9.95
C SER A 78 0.67 -3.31 -10.70
N THR A 79 -0.66 -3.41 -10.50
CA THR A 79 -1.47 -4.33 -11.29
C THR A 79 -1.81 -3.71 -12.62
N LEU A 80 -1.99 -2.38 -12.68
CA LEU A 80 -1.92 -1.69 -13.97
C LEU A 80 -0.60 -2.01 -14.73
N GLU A 81 0.58 -2.05 -14.12
CA GLU A 81 1.83 -2.44 -14.80
C GLU A 81 1.93 -3.92 -15.16
N LYS A 82 1.05 -4.78 -14.64
CA LYS A 82 0.92 -6.14 -15.12
C LYS A 82 -0.09 -6.20 -16.27
N HIS A 83 -1.30 -5.71 -16.03
CA HIS A 83 -2.39 -5.49 -17.00
C HIS A 83 -1.85 -4.87 -18.32
N MET A 84 -1.23 -3.69 -18.32
CA MET A 84 -0.68 -2.93 -19.48
C MET A 84 0.48 -3.65 -20.23
N LYS A 85 1.02 -4.74 -19.66
CA LYS A 85 2.10 -5.59 -20.19
C LYS A 85 1.67 -7.05 -20.47
N LYS A 86 0.37 -7.31 -20.41
CA LYS A 86 -0.34 -8.50 -20.90
C LYS A 86 -1.65 -8.16 -21.63
N TRP A 87 -2.78 -7.89 -20.97
CA TRP A 87 -4.04 -7.56 -21.63
C TRP A 87 -3.99 -6.24 -22.46
N HIS A 88 -2.84 -5.54 -22.56
CA HIS A 88 -2.56 -4.49 -23.56
C HIS A 88 -1.39 -4.81 -24.53
N SER A 89 -1.29 -6.05 -25.01
CA SER A 89 -0.37 -6.38 -26.13
C SER A 89 -0.74 -5.66 -27.44
N ASP A 90 -2.02 -5.35 -27.65
CA ASP A 90 -2.48 -4.54 -28.78
C ASP A 90 -3.67 -3.71 -28.36
N ARG A 91 -4.82 -4.33 -28.07
CA ARG A 91 -6.05 -3.62 -27.66
C ARG A 91 -6.94 -4.45 -26.74
N VAL A 92 -8.09 -3.89 -26.32
CA VAL A 92 -9.06 -4.44 -25.36
C VAL A 92 -8.46 -4.72 -23.96
N LEU A 93 -9.21 -5.42 -23.13
CA LEU A 93 -8.84 -6.04 -21.85
C LEU A 93 -9.93 -6.99 -21.33
N ASN A 94 -9.62 -7.83 -20.34
CA ASN A 94 -10.62 -8.43 -19.41
C ASN A 94 -10.17 -8.56 -17.92
N ASN A 95 -9.07 -9.23 -17.61
CA ASN A 95 -8.70 -9.59 -16.25
C ASN A 95 -8.01 -8.49 -15.44
N ASP A 96 -8.24 -8.58 -14.12
CA ASP A 96 -7.78 -7.64 -13.08
C ASP A 96 -6.28 -7.66 -12.78
N ILE A 97 -5.55 -8.62 -13.34
CA ILE A 97 -4.15 -8.97 -13.03
C ILE A 97 -3.48 -9.70 -14.22
N LYS A 98 -2.15 -9.95 -14.19
CA LYS A 98 -1.43 -10.87 -15.09
C LYS A 98 -2.02 -12.30 -15.09
N THR A 99 -3.06 -12.52 -15.90
CA THR A 99 -3.57 -13.82 -16.31
C THR A 99 -4.31 -13.65 -17.63
N GLU A 100 -4.81 -14.76 -18.16
CA GLU A 100 -5.15 -14.87 -19.60
C GLU A 100 -6.54 -15.41 -19.84
ZN ZN B . 6.42 -0.83 13.38
ZN ZN C . -5.57 5.78 1.77
ZN ZN D . -5.96 -0.37 -19.30
N SER A 1 3.04 -12.15 37.66
CA SER A 1 3.67 -11.13 36.78
C SER A 1 4.67 -11.76 35.83
N GLU A 2 4.96 -11.12 34.71
CA GLU A 2 5.92 -11.61 33.69
C GLU A 2 6.59 -10.53 32.80
N GLY A 3 5.80 -9.65 32.22
CA GLY A 3 6.20 -8.50 31.38
C GLY A 3 6.26 -7.18 32.13
N ARG A 4 6.99 -6.20 31.57
CA ARG A 4 7.26 -4.89 32.23
C ARG A 4 7.25 -3.66 31.32
N ARG A 5 7.20 -3.83 29.98
CA ARG A 5 6.99 -2.78 28.97
C ARG A 5 6.19 -3.33 27.75
N SER A 6 5.51 -2.45 26.98
CA SER A 6 4.64 -2.75 25.84
C SER A 6 5.48 -2.87 24.53
N ASP A 7 6.14 -4.04 24.33
CA ASP A 7 7.07 -4.34 23.23
C ASP A 7 6.28 -4.63 21.93
N THR A 8 5.63 -3.60 21.39
CA THR A 8 4.82 -3.59 20.17
C THR A 8 5.03 -2.33 19.32
N CYS A 9 4.92 -2.38 17.98
CA CYS A 9 5.12 -1.25 17.07
C CYS A 9 3.85 -0.40 17.06
N GLU A 10 3.98 0.87 17.44
CA GLU A 10 2.86 1.81 17.35
C GLU A 10 2.50 2.15 15.89
N TYR A 11 3.36 1.80 14.95
CA TYR A 11 3.13 1.97 13.51
C TYR A 11 2.71 0.67 12.82
N CYS A 12 3.35 -0.50 12.95
CA CYS A 12 2.83 -1.77 12.35
C CYS A 12 1.57 -2.28 13.12
N GLY A 13 1.58 -2.22 14.46
CA GLY A 13 0.77 -3.04 15.38
C GLY A 13 1.32 -4.45 15.59
N LYS A 14 2.44 -4.78 14.94
CA LYS A 14 3.25 -5.97 15.25
C LYS A 14 3.84 -6.04 16.69
N VAL A 15 3.48 -7.10 17.39
CA VAL A 15 4.08 -7.52 18.67
C VAL A 15 5.49 -8.11 18.51
N PHE A 16 6.36 -7.86 19.50
CA PHE A 16 7.74 -8.38 19.60
C PHE A 16 8.09 -8.84 21.06
N LYS A 17 9.36 -9.19 21.32
CA LYS A 17 9.93 -9.65 22.60
C LYS A 17 11.05 -8.79 23.23
N ASN A 18 11.45 -7.68 22.60
CA ASN A 18 12.42 -6.70 23.12
C ASN A 18 12.14 -5.29 22.56
N CYS A 19 11.96 -4.29 23.42
CA CYS A 19 11.74 -2.90 23.04
C CYS A 19 12.88 -2.25 22.21
N SER A 20 14.14 -2.57 22.50
CA SER A 20 15.28 -2.16 21.69
C SER A 20 15.18 -2.68 20.23
N ASN A 21 14.89 -3.96 20.06
CA ASN A 21 14.73 -4.55 18.72
C ASN A 21 13.48 -3.99 18.01
N LEU A 22 12.45 -3.76 18.79
CA LEU A 22 11.21 -3.16 18.28
C LEU A 22 11.54 -1.75 17.73
N THR A 23 12.20 -0.91 18.53
CA THR A 23 12.47 0.48 18.18
C THR A 23 13.30 0.63 16.89
N VAL A 24 14.32 -0.20 16.71
CA VAL A 24 15.13 -0.18 15.48
C VAL A 24 14.33 -0.68 14.27
N HIS A 25 13.59 -1.79 14.35
CA HIS A 25 12.75 -2.23 13.21
C HIS A 25 11.77 -1.12 12.78
N ARG A 26 11.18 -0.37 13.73
CA ARG A 26 10.20 0.68 13.41
C ARG A 26 10.87 1.80 12.58
N ARG A 27 12.03 2.37 13.00
CA ARG A 27 12.66 3.45 12.24
C ARG A 27 13.36 3.02 10.96
N SER A 28 13.79 1.77 10.89
CA SER A 28 14.33 1.20 9.67
C SER A 28 13.25 1.06 8.58
N HIS A 29 11.93 1.15 8.93
CA HIS A 29 10.83 1.16 7.95
C HIS A 29 10.01 2.46 7.83
N THR A 30 10.39 3.55 8.54
CA THR A 30 9.71 4.86 8.37
C THR A 30 10.06 5.50 7.02
N GLY A 31 9.05 5.56 6.15
CA GLY A 31 9.09 6.08 4.78
C GLY A 31 7.98 5.51 3.86
N GLU A 32 7.47 4.31 4.17
CA GLU A 32 6.37 3.69 3.41
C GLU A 32 5.53 2.64 4.18
N ARG A 33 6.15 1.66 4.89
CA ARG A 33 5.43 0.53 5.53
C ARG A 33 4.12 0.85 6.28
N PRO A 34 3.97 1.92 7.06
CA PRO A 34 2.73 2.25 7.78
C PRO A 34 1.94 3.41 7.14
N TYR A 35 2.25 3.93 5.93
CA TYR A 35 1.66 5.20 5.48
C TYR A 35 0.16 5.12 5.21
N LYS A 36 -0.56 5.94 5.98
CA LYS A 36 -1.97 6.28 5.81
C LYS A 36 -2.04 7.56 4.98
N CYS A 37 -3.13 7.68 4.27
CA CYS A 37 -3.52 8.83 3.47
C CYS A 37 -4.29 9.88 4.30
N GLU A 38 -4.01 11.17 4.12
CA GLU A 38 -4.83 12.28 4.65
C GLU A 38 -5.88 12.76 3.61
N LEU A 39 -5.85 12.31 2.33
CA LEU A 39 -6.76 12.71 1.22
C LEU A 39 -7.93 11.73 0.85
N CYS A 40 -7.73 10.42 1.08
CA CYS A 40 -8.77 9.41 1.19
C CYS A 40 -8.51 8.44 2.38
N ASN A 41 -9.30 7.35 2.49
CA ASN A 41 -9.19 6.29 3.54
C ASN A 41 -7.91 5.45 3.43
N TYR A 42 -7.31 5.45 2.23
CA TYR A 42 -6.21 4.57 1.81
C TYR A 42 -5.00 4.50 2.76
N ALA A 43 -4.36 3.32 2.79
CA ALA A 43 -3.00 3.06 3.28
C ALA A 43 -2.35 1.98 2.41
N CYS A 44 -1.02 1.98 2.26
CA CYS A 44 -0.31 0.89 1.58
C CYS A 44 1.19 0.83 1.92
N ALA A 45 1.67 -0.41 2.12
CA ALA A 45 2.96 -0.75 2.72
C ALA A 45 4.22 -0.57 1.79
N GLN A 46 4.13 0.10 0.62
CA GLN A 46 5.19 0.18 -0.42
C GLN A 46 5.33 1.58 -1.03
N SER A 47 6.56 2.07 -1.22
CA SER A 47 6.83 3.38 -1.82
C SER A 47 6.24 3.50 -3.24
N SER A 48 6.36 2.45 -4.08
CA SER A 48 5.87 2.46 -5.48
C SER A 48 4.36 2.47 -5.66
N LYS A 49 3.64 1.90 -4.71
CA LYS A 49 2.20 2.06 -4.53
C LYS A 49 1.84 3.45 -4.01
N LEU A 50 2.40 3.85 -2.83
CA LEU A 50 2.10 5.11 -2.12
C LEU A 50 2.35 6.36 -3.00
N THR A 51 3.52 6.45 -3.66
CA THR A 51 3.97 7.62 -4.45
C THR A 51 3.17 7.78 -5.74
N ARG A 52 2.76 6.63 -6.31
CA ARG A 52 1.90 6.57 -7.51
C ARG A 52 0.46 6.94 -7.18
N HIS A 53 -0.09 6.46 -6.06
CA HIS A 53 -1.36 6.92 -5.44
C HIS A 53 -1.32 8.45 -5.26
N MET A 54 -0.26 9.04 -4.70
CA MET A 54 -0.16 10.50 -4.45
C MET A 54 -0.25 11.40 -5.71
N LYS A 55 0.54 11.12 -6.77
CA LYS A 55 0.54 11.92 -8.03
C LYS A 55 -0.64 11.65 -8.98
N THR A 56 -1.39 10.58 -8.67
CA THR A 56 -2.65 10.22 -9.33
C THR A 56 -3.89 10.77 -8.60
N HIS A 57 -3.76 11.44 -7.44
CA HIS A 57 -4.90 11.65 -6.56
C HIS A 57 -5.91 12.73 -7.03
N GLY A 58 -5.60 13.42 -8.15
CA GLY A 58 -6.20 14.66 -8.66
C GLY A 58 -7.71 14.73 -8.55
N GLN A 59 -8.44 13.81 -9.18
CA GLN A 59 -9.92 13.69 -9.08
C GLN A 59 -10.48 12.29 -9.37
N VAL A 60 -10.95 11.61 -8.33
CA VAL A 60 -11.55 10.24 -8.38
C VAL A 60 -12.89 10.14 -7.63
N GLY A 61 -13.15 10.94 -6.59
CA GLY A 61 -14.38 11.00 -5.79
C GLY A 61 -14.41 10.00 -4.62
N LYS A 62 -13.62 8.92 -4.73
CA LYS A 62 -13.31 7.94 -3.66
C LYS A 62 -11.93 7.27 -3.77
N ASP A 63 -11.66 6.29 -2.88
CA ASP A 63 -10.37 5.74 -2.51
C ASP A 63 -9.75 4.78 -3.54
N VAL A 64 -10.46 4.56 -4.65
CA VAL A 64 -10.34 3.46 -5.62
C VAL A 64 -10.33 3.98 -7.06
N TYR A 65 -9.22 3.80 -7.77
CA TYR A 65 -8.94 4.36 -9.10
C TYR A 65 -9.48 3.43 -10.20
N LYS A 66 -9.67 3.99 -11.40
CA LYS A 66 -10.12 3.24 -12.58
C LYS A 66 -9.11 3.24 -13.72
N CYS A 67 -8.82 2.05 -14.26
CA CYS A 67 -7.95 1.85 -15.44
C CYS A 67 -8.48 2.57 -16.70
N GLU A 68 -7.92 3.70 -17.12
CA GLU A 68 -8.53 4.52 -18.18
C GLU A 68 -8.82 3.71 -19.48
N ILE A 69 -8.02 2.66 -19.72
CA ILE A 69 -8.05 1.80 -20.93
C ILE A 69 -8.94 0.54 -20.84
N CYS A 70 -9.51 0.14 -19.69
CA CYS A 70 -10.59 -0.88 -19.58
C CYS A 70 -11.79 -0.49 -18.65
N LYS A 71 -11.74 0.69 -18.04
CA LYS A 71 -12.69 1.29 -17.04
C LYS A 71 -12.89 0.50 -15.76
N MET A 72 -12.24 -0.65 -15.62
CA MET A 72 -12.27 -1.40 -14.37
C MET A 72 -11.64 -0.66 -13.17
N PRO A 73 -12.29 -0.64 -11.99
CA PRO A 73 -11.66 -0.16 -10.77
C PRO A 73 -10.70 -1.20 -10.16
N PHE A 74 -9.57 -0.78 -9.55
CA PHE A 74 -8.55 -1.63 -8.91
C PHE A 74 -8.03 -1.02 -7.60
N SER A 75 -7.38 -1.85 -6.77
CA SER A 75 -7.09 -1.53 -5.38
C SER A 75 -5.93 -0.54 -5.14
N VAL A 76 -4.98 -0.41 -6.08
CA VAL A 76 -3.78 0.45 -6.02
C VAL A 76 -3.41 0.94 -7.41
N TYR A 77 -2.48 1.89 -7.56
CA TYR A 77 -2.11 2.28 -8.91
C TYR A 77 -1.13 1.30 -9.57
N SER A 78 -0.04 0.91 -8.87
CA SER A 78 1.05 0.12 -9.49
C SER A 78 0.59 -1.25 -9.97
N THR A 79 -0.53 -1.74 -9.43
CA THR A 79 -1.14 -2.96 -9.94
C THR A 79 -1.76 -2.78 -11.32
N LEU A 80 -2.35 -1.63 -11.64
CA LEU A 80 -2.77 -1.26 -13.02
C LEU A 80 -1.59 -1.20 -14.00
N GLU A 81 -0.44 -0.65 -13.61
CA GLU A 81 0.72 -0.61 -14.49
C GLU A 81 1.09 -1.99 -15.04
N LYS A 82 1.13 -2.96 -14.13
CA LYS A 82 1.47 -4.34 -14.43
C LYS A 82 0.33 -5.10 -15.16
N HIS A 83 -0.92 -4.96 -14.71
CA HIS A 83 -2.14 -5.46 -15.37
C HIS A 83 -2.21 -4.99 -16.84
N MET A 84 -1.82 -3.73 -17.09
CA MET A 84 -1.70 -3.09 -18.39
C MET A 84 -0.59 -3.75 -19.20
N LYS A 85 0.67 -3.63 -18.77
CA LYS A 85 1.83 -4.15 -19.53
C LYS A 85 1.86 -5.67 -19.78
N LYS A 86 1.10 -6.46 -19.02
CA LYS A 86 1.05 -7.93 -19.16
C LYS A 86 0.41 -8.46 -20.46
N TRP A 87 -0.85 -8.14 -20.72
CA TRP A 87 -1.60 -8.67 -21.90
C TRP A 87 -2.76 -7.77 -22.31
N HIS A 88 -2.78 -6.49 -21.95
CA HIS A 88 -3.92 -5.59 -22.17
C HIS A 88 -4.09 -5.06 -23.62
N SER A 89 -3.68 -5.84 -24.62
CA SER A 89 -3.57 -5.49 -26.04
C SER A 89 -4.97 -5.24 -26.60
N ASP A 90 -5.87 -6.22 -26.53
CA ASP A 90 -7.26 -6.08 -26.98
C ASP A 90 -8.09 -5.13 -26.10
N ARG A 91 -7.61 -4.94 -24.87
CA ARG A 91 -8.26 -4.22 -23.74
C ARG A 91 -9.49 -4.99 -23.24
N VAL A 92 -10.25 -4.32 -22.37
CA VAL A 92 -11.49 -4.80 -21.72
C VAL A 92 -11.32 -6.13 -20.95
N LEU A 93 -10.53 -6.08 -19.87
CA LEU A 93 -10.15 -7.22 -19.04
C LEU A 93 -9.83 -6.85 -17.58
N ASN A 94 -9.97 -7.82 -16.65
CA ASN A 94 -9.90 -7.72 -15.19
C ASN A 94 -8.73 -8.50 -14.49
N ASN A 95 -7.62 -8.81 -15.18
CA ASN A 95 -6.61 -9.79 -14.73
C ASN A 95 -5.99 -9.51 -13.35
N ASP A 96 -5.76 -10.59 -12.62
CA ASP A 96 -5.67 -10.77 -11.18
C ASP A 96 -4.32 -10.39 -10.54
N ILE A 97 -3.68 -9.36 -11.08
CA ILE A 97 -2.43 -8.71 -10.69
C ILE A 97 -1.19 -9.40 -11.26
N LYS A 98 -0.37 -8.67 -12.05
CA LYS A 98 0.90 -9.03 -12.70
C LYS A 98 0.87 -10.33 -13.51
N THR A 99 1.72 -11.31 -13.23
CA THR A 99 1.65 -12.69 -13.76
C THR A 99 1.12 -13.61 -12.66
N GLU A 100 1.87 -13.68 -11.55
CA GLU A 100 1.54 -14.28 -10.23
C GLU A 100 2.58 -13.90 -9.16
ZN ZN B . 6.77 -1.59 12.59
ZN ZN C . -5.65 8.61 -0.80
ZN ZN D . -7.27 -2.23 -17.41
N SER A 1 9.16 -1.22 43.23
CA SER A 1 8.68 -1.79 41.95
C SER A 1 8.15 -0.65 41.10
N GLU A 2 8.65 -0.57 39.86
CA GLU A 2 8.53 0.58 38.95
C GLU A 2 8.87 0.18 37.48
N GLY A 3 8.73 1.04 36.46
CA GLY A 3 9.21 0.76 35.10
C GLY A 3 9.44 2.06 34.32
N ARG A 4 10.35 1.98 33.36
CA ARG A 4 10.64 3.03 32.41
C ARG A 4 11.24 2.40 31.16
N ARG A 5 10.39 2.08 30.21
CA ARG A 5 10.79 1.64 28.85
C ARG A 5 10.91 2.78 27.83
N SER A 6 11.48 2.48 26.65
CA SER A 6 11.65 3.45 25.55
C SER A 6 11.77 2.71 24.22
N ASP A 7 11.23 1.50 24.09
CA ASP A 7 11.40 0.56 22.98
C ASP A 7 10.00 0.17 22.44
N THR A 8 9.50 0.90 21.43
CA THR A 8 8.20 0.63 20.78
C THR A 8 8.22 1.10 19.31
N CYS A 9 7.30 0.66 18.42
CA CYS A 9 7.31 1.04 17.01
C CYS A 9 6.29 2.16 16.79
N GLU A 10 6.79 3.39 16.72
CA GLU A 10 6.02 4.65 16.56
C GLU A 10 5.07 4.62 15.33
N TYR A 11 5.49 3.90 14.27
CA TYR A 11 4.81 3.73 12.98
C TYR A 11 3.54 2.87 13.00
N CYS A 12 3.31 2.04 14.02
CA CYS A 12 2.15 1.13 14.02
C CYS A 12 1.48 0.90 15.42
N GLY A 13 2.17 1.14 16.55
CA GLY A 13 1.59 1.07 17.90
C GLY A 13 1.39 -0.35 18.41
N LYS A 14 1.98 -1.37 17.77
CA LYS A 14 2.06 -2.71 18.38
C LYS A 14 3.25 -2.86 19.35
N VAL A 15 3.00 -3.44 20.54
CA VAL A 15 3.97 -3.76 21.63
C VAL A 15 4.58 -5.18 21.51
N PHE A 16 5.84 -5.36 21.89
CA PHE A 16 6.63 -6.59 21.70
C PHE A 16 7.44 -6.90 22.95
N LYS A 17 7.67 -8.18 23.18
CA LYS A 17 8.39 -8.68 24.37
C LYS A 17 9.92 -8.44 24.36
N ASN A 18 10.47 -7.90 23.27
CA ASN A 18 11.87 -7.51 23.12
C ASN A 18 12.12 -6.45 22.01
N CYS A 19 13.14 -5.58 22.14
CA CYS A 19 13.53 -4.59 21.11
C CYS A 19 14.00 -5.23 19.79
N SER A 20 14.56 -6.44 19.83
CA SER A 20 14.90 -7.18 18.61
C SER A 20 13.68 -7.55 17.79
N ASN A 21 12.68 -8.15 18.43
CA ASN A 21 11.47 -8.53 17.72
C ASN A 21 10.68 -7.29 17.21
N LEU A 22 10.59 -6.20 18.01
CA LEU A 22 10.10 -4.90 17.51
C LEU A 22 10.85 -4.36 16.26
N THR A 23 12.17 -4.41 16.24
CA THR A 23 12.96 -3.90 15.12
C THR A 23 12.78 -4.72 13.84
N VAL A 24 12.75 -6.04 13.92
CA VAL A 24 12.60 -6.89 12.73
C VAL A 24 11.18 -6.76 12.15
N HIS A 25 10.09 -6.68 12.97
CA HIS A 25 8.78 -6.40 12.39
C HIS A 25 8.80 -5.02 11.74
N ARG A 26 9.35 -3.99 12.41
CA ARG A 26 9.36 -2.59 11.94
C ARG A 26 10.04 -2.46 10.56
N ARG A 27 11.16 -3.14 10.33
CA ARG A 27 11.84 -3.24 9.03
C ARG A 27 10.97 -3.90 7.96
N SER A 28 10.33 -5.03 8.29
CA SER A 28 9.45 -5.81 7.41
C SER A 28 8.12 -5.12 7.04
N HIS A 29 7.80 -3.95 7.58
CA HIS A 29 6.62 -3.18 7.15
C HIS A 29 6.87 -1.71 6.84
N THR A 30 8.15 -1.25 6.86
CA THR A 30 8.51 0.20 6.93
C THR A 30 7.91 1.04 5.80
N GLY A 31 7.69 0.41 4.63
CA GLY A 31 6.61 0.76 3.71
C GLY A 31 6.47 2.28 3.52
N GLU A 32 5.28 2.84 3.76
CA GLU A 32 5.06 4.20 4.28
C GLU A 32 3.91 4.16 5.29
N ARG A 33 3.96 5.05 6.28
CA ARG A 33 2.88 5.46 7.21
C ARG A 33 2.31 4.26 8.01
N PRO A 34 1.18 4.36 8.74
CA PRO A 34 0.52 3.17 9.27
C PRO A 34 -0.33 2.37 8.26
N TYR A 35 0.10 2.22 6.98
CA TYR A 35 -0.52 1.47 5.85
C TYR A 35 -1.97 1.80 5.38
N LYS A 36 -2.79 2.38 6.25
CA LYS A 36 -4.12 3.02 6.11
C LYS A 36 -4.04 4.30 5.27
N CYS A 37 -5.18 4.76 4.77
CA CYS A 37 -5.36 6.09 4.19
C CYS A 37 -6.06 7.07 5.18
N GLU A 38 -5.72 8.36 5.09
CA GLU A 38 -6.32 9.45 5.88
C GLU A 38 -7.55 10.10 5.19
N LEU A 39 -7.90 9.61 4.00
CA LEU A 39 -8.98 10.07 3.14
C LEU A 39 -10.00 8.94 2.88
N CYS A 40 -9.53 7.83 2.32
CA CYS A 40 -10.22 6.53 2.33
C CYS A 40 -10.14 5.83 3.69
N ASN A 41 -10.85 4.70 3.82
CA ASN A 41 -10.51 3.67 4.83
C ASN A 41 -9.48 2.61 4.33
N TYR A 42 -9.05 2.59 3.07
CA TYR A 42 -8.25 1.51 2.50
C TYR A 42 -6.83 1.35 3.08
N ALA A 43 -6.60 0.22 3.78
CA ALA A 43 -5.33 -0.28 4.32
C ALA A 43 -4.72 -1.45 3.53
N CYS A 44 -3.40 -1.39 3.20
CA CYS A 44 -2.61 -2.49 2.60
C CYS A 44 -1.09 -2.27 2.81
N ALA A 45 -0.27 -3.32 2.97
CA ALA A 45 1.06 -3.21 3.59
C ALA A 45 2.20 -2.68 2.68
N GLN A 46 1.93 -2.49 1.38
CA GLN A 46 2.93 -1.97 0.46
C GLN A 46 3.19 -0.45 0.53
N SER A 47 4.47 -0.07 0.44
CA SER A 47 4.92 1.30 0.14
C SER A 47 4.27 1.85 -1.13
N SER A 48 4.52 1.17 -2.24
CA SER A 48 4.10 1.57 -3.60
C SER A 48 2.60 1.76 -3.74
N LYS A 49 1.78 1.01 -2.98
CA LYS A 49 0.33 1.23 -2.84
C LYS A 49 0.05 2.61 -2.26
N LEU A 50 0.63 2.96 -1.11
CA LEU A 50 0.32 4.22 -0.42
C LEU A 50 0.86 5.42 -1.15
N THR A 51 2.12 5.34 -1.53
CA THR A 51 2.72 6.45 -2.30
C THR A 51 1.97 6.79 -3.59
N ARG A 52 1.66 5.76 -4.40
CA ARG A 52 1.03 5.96 -5.71
C ARG A 52 -0.46 6.29 -5.58
N HIS A 53 -1.21 5.64 -4.67
CA HIS A 53 -2.61 6.05 -4.44
C HIS A 53 -2.72 7.46 -3.83
N MET A 54 -1.67 7.89 -3.10
CA MET A 54 -1.60 9.24 -2.57
C MET A 54 -1.47 10.30 -3.68
N LYS A 55 -0.55 10.15 -4.66
CA LYS A 55 -0.45 11.12 -5.78
C LYS A 55 -1.57 11.08 -6.82
N THR A 56 -2.22 9.94 -6.99
CA THR A 56 -3.45 9.74 -7.78
C THR A 56 -4.74 10.06 -7.00
N HIS A 57 -4.72 10.58 -5.76
CA HIS A 57 -5.94 11.13 -5.12
C HIS A 57 -6.28 12.47 -5.77
N GLY A 58 -6.88 12.43 -6.97
CA GLY A 58 -7.56 13.58 -7.56
C GLY A 58 -9.04 13.65 -7.16
N GLN A 59 -9.99 13.12 -7.93
CA GLN A 59 -11.43 13.15 -7.65
C GLN A 59 -12.03 11.73 -7.74
N VAL A 60 -12.59 11.18 -6.65
CA VAL A 60 -13.20 9.83 -6.56
C VAL A 60 -14.49 9.73 -5.72
N GLY A 61 -14.45 10.26 -4.50
CA GLY A 61 -15.48 10.18 -3.47
C GLY A 61 -15.58 8.85 -2.66
N LYS A 62 -14.88 7.77 -3.03
CA LYS A 62 -14.75 6.51 -2.25
C LYS A 62 -13.35 5.88 -2.39
N ASP A 63 -13.15 4.77 -1.69
CA ASP A 63 -11.90 4.00 -1.58
C ASP A 63 -11.27 3.41 -2.87
N VAL A 64 -11.77 3.66 -4.08
CA VAL A 64 -11.44 2.81 -5.28
C VAL A 64 -11.28 3.68 -6.52
N TYR A 65 -10.03 3.99 -6.86
CA TYR A 65 -9.61 4.71 -8.06
C TYR A 65 -9.71 3.83 -9.37
N LYS A 66 -9.37 4.46 -10.49
CA LYS A 66 -9.52 3.90 -11.85
C LYS A 66 -8.46 4.40 -12.82
N CYS A 67 -8.17 3.62 -13.86
CA CYS A 67 -7.22 4.01 -14.91
C CYS A 67 -7.62 5.37 -15.52
N GLU A 68 -6.75 6.41 -15.59
CA GLU A 68 -7.09 7.70 -16.22
C GLU A 68 -7.35 7.62 -17.73
N ILE A 69 -6.82 6.56 -18.37
CA ILE A 69 -7.26 6.09 -19.69
C ILE A 69 -8.52 5.20 -19.65
N CYS A 70 -8.50 3.95 -19.17
CA CYS A 70 -9.64 3.00 -19.26
C CYS A 70 -10.95 3.46 -18.60
N LYS A 71 -10.81 4.16 -17.48
CA LYS A 71 -11.82 4.33 -16.41
C LYS A 71 -12.13 3.03 -15.62
N MET A 72 -11.34 1.99 -15.86
CA MET A 72 -11.47 0.66 -15.26
C MET A 72 -10.92 0.65 -13.83
N PRO A 73 -11.71 0.26 -12.81
CA PRO A 73 -11.34 0.31 -11.40
C PRO A 73 -10.41 -0.84 -10.92
N PHE A 74 -9.52 -0.55 -9.96
CA PHE A 74 -8.54 -1.47 -9.31
C PHE A 74 -8.20 -1.13 -7.83
N SER A 75 -7.56 -2.08 -7.16
CA SER A 75 -7.20 -1.97 -5.74
C SER A 75 -5.99 -1.04 -5.53
N VAL A 76 -4.88 -1.20 -6.29
CA VAL A 76 -3.64 -0.40 -6.12
C VAL A 76 -3.05 0.05 -7.46
N TYR A 77 -2.56 1.29 -7.56
CA TYR A 77 -1.95 1.77 -8.80
C TYR A 77 -0.77 0.93 -9.26
N SER A 78 -0.04 0.28 -8.37
CA SER A 78 1.02 -0.68 -8.75
C SER A 78 0.54 -1.89 -9.60
N THR A 79 -0.76 -2.19 -9.60
CA THR A 79 -1.35 -3.26 -10.44
C THR A 79 -1.83 -2.68 -11.76
N LEU A 80 -2.14 -1.38 -11.80
CA LEU A 80 -2.44 -0.68 -13.04
C LEU A 80 -1.22 -0.57 -13.94
N GLU A 81 0.00 -0.36 -13.42
CA GLU A 81 1.23 -0.49 -14.23
C GLU A 81 1.31 -1.86 -14.95
N LYS A 82 0.94 -2.96 -14.26
CA LYS A 82 0.96 -4.33 -14.83
C LYS A 82 -0.15 -4.64 -15.84
N HIS A 83 -1.34 -4.16 -15.53
CA HIS A 83 -2.43 -4.11 -16.45
C HIS A 83 -2.06 -3.30 -17.72
N MET A 84 -1.65 -2.04 -17.58
CA MET A 84 -1.29 -1.14 -18.68
C MET A 84 -0.22 -1.71 -19.55
N LYS A 85 0.87 -2.25 -18.98
CA LYS A 85 1.94 -2.82 -19.81
C LYS A 85 1.65 -4.23 -20.38
N LYS A 86 0.43 -4.81 -20.20
CA LYS A 86 0.08 -6.12 -20.84
C LYS A 86 -1.38 -6.25 -21.31
N TRP A 87 -2.34 -5.86 -20.48
CA TRP A 87 -3.75 -5.73 -20.84
C TRP A 87 -3.99 -4.65 -21.92
N HIS A 88 -3.00 -3.76 -22.16
CA HIS A 88 -2.89 -2.87 -23.31
C HIS A 88 -1.65 -3.24 -24.21
N SER A 89 -1.43 -4.54 -24.51
CA SER A 89 -0.45 -5.05 -25.51
C SER A 89 -0.94 -6.22 -26.41
N ASP A 90 -2.10 -6.82 -26.12
CA ASP A 90 -3.07 -7.24 -27.17
C ASP A 90 -4.49 -7.11 -26.61
N ARG A 91 -5.05 -5.94 -26.90
CA ARG A 91 -6.44 -5.49 -26.74
C ARG A 91 -7.34 -6.45 -25.90
N VAL A 92 -7.23 -6.31 -24.58
CA VAL A 92 -8.01 -6.97 -23.50
C VAL A 92 -7.85 -8.51 -23.51
N LEU A 93 -6.73 -8.97 -22.96
CA LEU A 93 -6.29 -10.38 -22.89
C LEU A 93 -6.46 -10.97 -21.47
N ASN A 94 -5.86 -12.10 -21.11
CA ASN A 94 -5.91 -12.55 -19.71
C ASN A 94 -4.99 -11.65 -18.82
N ASN A 95 -5.40 -11.37 -17.60
CA ASN A 95 -4.69 -10.48 -16.68
C ASN A 95 -3.45 -11.06 -16.00
N ASP A 96 -2.51 -11.65 -16.74
CA ASP A 96 -1.18 -12.05 -16.29
C ASP A 96 -0.30 -10.86 -15.88
N ILE A 97 0.09 -10.85 -14.61
CA ILE A 97 0.56 -9.64 -13.93
C ILE A 97 2.01 -9.34 -14.29
N LYS A 98 2.23 -8.42 -15.24
CA LYS A 98 3.51 -8.09 -15.90
C LYS A 98 3.88 -9.27 -16.84
N THR A 99 4.30 -10.40 -16.27
CA THR A 99 4.83 -11.62 -16.95
C THR A 99 5.05 -12.80 -15.98
N GLU A 100 5.19 -14.03 -16.48
CA GLU A 100 5.28 -15.23 -15.62
C GLU A 100 6.60 -15.44 -14.86
ZN ZN B . 5.49 -1.43 13.56
ZN ZN C . -7.14 7.18 -0.02
ZN ZN D . -6.14 0.69 -18.31
N SER A 1 10.46 3.73 42.74
CA SER A 1 9.51 4.85 42.78
C SER A 1 9.31 5.41 41.38
N GLU A 2 10.39 5.82 40.71
CA GLU A 2 10.38 6.31 39.33
C GLU A 2 10.06 5.24 38.28
N GLY A 3 9.53 5.69 37.14
CA GLY A 3 9.33 4.83 35.96
C GLY A 3 10.03 5.36 34.71
N ARG A 4 10.37 4.44 33.77
CA ARG A 4 10.92 4.76 32.43
C ARG A 4 10.64 3.71 31.34
N ARG A 5 10.50 4.18 30.10
CA ARG A 5 10.45 3.45 28.82
C ARG A 5 10.70 4.44 27.66
N SER A 6 10.96 3.94 26.45
CA SER A 6 11.27 4.73 25.24
C SER A 6 10.95 4.05 23.90
N ASP A 7 10.18 2.96 23.91
CA ASP A 7 10.19 1.94 22.86
C ASP A 7 8.89 2.02 22.03
N THR A 8 8.93 2.71 20.88
CA THR A 8 7.81 2.85 19.94
C THR A 8 8.29 2.91 18.49
N CYS A 9 7.50 2.32 17.59
CA CYS A 9 7.76 2.21 16.16
C CYS A 9 7.56 3.55 15.44
N GLU A 10 8.66 4.05 14.87
CA GLU A 10 8.72 5.31 14.13
C GLU A 10 7.98 5.23 12.77
N TYR A 11 7.61 4.03 12.31
CA TYR A 11 6.76 3.85 11.15
C TYR A 11 5.31 3.44 11.47
N CYS A 12 5.05 2.61 12.50
CA CYS A 12 3.65 2.31 12.89
C CYS A 12 3.00 3.53 13.54
N GLY A 13 3.63 4.10 14.58
CA GLY A 13 3.00 4.95 15.57
C GLY A 13 2.40 4.20 16.79
N LYS A 14 2.83 2.95 17.04
CA LYS A 14 2.43 2.16 18.22
C LYS A 14 3.58 1.63 19.08
N VAL A 15 3.31 1.65 20.40
CA VAL A 15 4.22 1.25 21.47
C VAL A 15 4.56 -0.24 21.51
N PHE A 16 5.74 -0.54 22.03
CA PHE A 16 6.25 -1.91 22.24
C PHE A 16 6.86 -2.14 23.63
N LYS A 17 6.97 -3.44 23.96
CA LYS A 17 7.46 -3.91 25.29
C LYS A 17 8.96 -3.68 25.51
N ASN A 18 9.75 -3.97 24.49
CA ASN A 18 11.22 -3.87 24.48
C ASN A 18 11.75 -3.55 23.07
N CYS A 19 12.88 -2.82 23.02
CA CYS A 19 13.56 -2.35 21.79
C CYS A 19 13.96 -3.50 20.82
N SER A 20 14.30 -4.66 21.35
CA SER A 20 14.64 -5.83 20.53
C SER A 20 13.40 -6.35 19.79
N ASN A 21 12.23 -6.41 20.44
CA ASN A 21 10.98 -6.87 19.82
C ASN A 21 10.38 -5.77 18.92
N LEU A 22 10.60 -4.50 19.27
CA LEU A 22 10.30 -3.40 18.37
C LEU A 22 11.05 -3.56 17.01
N THR A 23 12.39 -3.51 16.99
CA THR A 23 13.15 -3.54 15.73
C THR A 23 12.88 -4.78 14.88
N VAL A 24 12.74 -6.00 15.41
CA VAL A 24 12.44 -7.14 14.54
C VAL A 24 11.11 -7.00 13.74
N HIS A 25 10.02 -6.54 14.38
CA HIS A 25 8.74 -6.21 13.74
C HIS A 25 8.88 -5.00 12.76
N ARG A 26 9.56 -3.92 13.20
CA ARG A 26 9.80 -2.73 12.37
C ARG A 26 10.50 -3.12 11.06
N ARG A 27 11.47 -4.04 11.10
CA ARG A 27 12.21 -4.53 9.92
C ARG A 27 11.35 -5.51 9.11
N SER A 28 10.65 -6.47 9.75
CA SER A 28 9.87 -7.48 9.04
C SER A 28 8.71 -6.88 8.21
N HIS A 29 8.06 -5.78 8.64
CA HIS A 29 7.22 -4.99 7.76
C HIS A 29 8.04 -4.05 6.91
N THR A 30 8.79 -3.12 7.53
CA THR A 30 9.30 -1.90 6.88
C THR A 30 8.21 -1.21 6.05
N GLY A 31 8.03 -1.46 4.72
CA GLY A 31 6.83 -1.02 4.01
C GLY A 31 6.78 0.52 3.98
N GLU A 32 5.60 1.06 4.28
CA GLU A 32 5.45 2.40 4.87
C GLU A 32 4.29 2.35 5.86
N ARG A 33 4.29 3.27 6.83
CA ARG A 33 3.12 3.56 7.72
C ARG A 33 2.74 2.36 8.62
N PRO A 34 1.68 2.44 9.45
CA PRO A 34 1.08 1.26 10.09
C PRO A 34 0.38 0.34 9.06
N TYR A 35 0.77 0.32 7.77
CA TYR A 35 0.20 -0.61 6.75
C TYR A 35 -1.34 -0.53 6.63
N LYS A 36 -1.86 0.67 6.87
CA LYS A 36 -3.28 1.02 7.08
C LYS A 36 -3.54 2.45 6.57
N CYS A 37 -4.76 2.74 6.13
CA CYS A 37 -5.26 4.06 5.72
C CYS A 37 -5.89 4.90 6.87
N GLU A 38 -5.82 6.23 6.78
CA GLU A 38 -6.52 7.20 7.62
C GLU A 38 -7.78 7.75 6.89
N LEU A 39 -8.04 7.23 5.69
CA LEU A 39 -9.14 7.60 4.81
C LEU A 39 -10.13 6.45 4.60
N CYS A 40 -9.74 5.43 3.83
CA CYS A 40 -10.45 4.14 3.79
C CYS A 40 -10.11 3.28 5.05
N ASN A 41 -10.78 2.14 5.21
CA ASN A 41 -10.40 1.07 6.15
C ASN A 41 -9.21 0.23 5.62
N TYR A 42 -8.82 0.40 4.33
CA TYR A 42 -7.75 -0.32 3.57
C TYR A 42 -6.44 -0.51 4.35
N ALA A 43 -5.80 -1.65 4.10
CA ALA A 43 -4.58 -2.12 4.72
C ALA A 43 -3.78 -3.05 3.80
N CYS A 44 -2.45 -2.92 3.79
CA CYS A 44 -1.50 -3.84 3.17
C CYS A 44 -0.10 -3.58 3.71
N ALA A 45 0.67 -4.62 3.95
CA ALA A 45 2.04 -4.45 4.45
C ALA A 45 3.04 -3.79 3.47
N GLN A 46 2.79 -3.72 2.16
CA GLN A 46 3.82 -3.44 1.16
C GLN A 46 3.97 -1.95 0.82
N SER A 47 5.22 -1.46 0.71
CA SER A 47 5.50 -0.06 0.44
C SER A 47 4.79 0.46 -0.79
N SER A 48 4.81 -0.24 -1.93
CA SER A 48 4.13 0.21 -3.15
C SER A 48 2.59 0.18 -3.06
N LYS A 49 2.03 -0.79 -2.31
CA LYS A 49 0.57 -0.97 -2.05
C LYS A 49 0.02 0.24 -1.31
N LEU A 50 0.68 0.78 -0.30
CA LEU A 50 0.22 1.97 0.43
C LEU A 50 0.63 3.28 -0.23
N THR A 51 1.86 3.36 -0.75
CA THR A 51 2.35 4.59 -1.41
C THR A 51 1.49 4.97 -2.61
N ARG A 52 1.20 4.01 -3.51
CA ARG A 52 0.52 4.31 -4.76
C ARG A 52 -0.92 4.69 -4.50
N HIS A 53 -1.59 3.91 -3.66
CA HIS A 53 -2.88 4.23 -2.98
C HIS A 53 -3.03 5.70 -2.53
N MET A 54 -2.09 6.16 -1.71
CA MET A 54 -2.10 7.49 -1.13
C MET A 54 -2.12 8.58 -2.21
N LYS A 55 -1.33 8.41 -3.29
CA LYS A 55 -1.33 9.31 -4.47
C LYS A 55 -2.56 9.15 -5.39
N THR A 56 -3.05 7.93 -5.59
CA THR A 56 -4.22 7.59 -6.45
C THR A 56 -5.59 7.76 -5.75
N HIS A 57 -5.64 8.36 -4.57
CA HIS A 57 -6.78 8.35 -3.64
C HIS A 57 -7.96 9.26 -4.05
N GLY A 58 -7.69 10.22 -4.92
CA GLY A 58 -8.54 11.29 -5.47
C GLY A 58 -9.97 11.37 -4.94
N GLN A 59 -10.90 10.73 -5.66
CA GLN A 59 -12.27 10.48 -5.27
C GLN A 59 -12.74 9.11 -5.79
N VAL A 60 -13.14 8.23 -4.86
CA VAL A 60 -13.53 6.82 -5.08
C VAL A 60 -14.55 6.31 -4.04
N GLY A 61 -14.28 6.42 -2.73
CA GLY A 61 -15.12 5.84 -1.65
C GLY A 61 -15.29 4.30 -1.64
N LYS A 62 -14.48 3.53 -2.34
CA LYS A 62 -14.52 2.06 -2.38
C LYS A 62 -13.17 1.47 -2.81
N ASP A 63 -12.06 2.06 -2.35
CA ASP A 63 -10.65 1.64 -2.47
C ASP A 63 -10.04 1.43 -3.90
N VAL A 64 -10.86 1.23 -4.94
CA VAL A 64 -10.51 0.80 -6.32
C VAL A 64 -10.11 2.00 -7.22
N TYR A 65 -9.06 1.89 -8.04
CA TYR A 65 -8.66 2.97 -9.00
C TYR A 65 -9.12 2.66 -10.42
N LYS A 66 -9.77 3.64 -11.06
CA LYS A 66 -10.10 3.61 -12.49
C LYS A 66 -8.97 4.16 -13.35
N CYS A 67 -8.55 3.44 -14.37
CA CYS A 67 -7.44 3.84 -15.21
C CYS A 67 -7.80 5.12 -16.01
N GLU A 68 -7.18 6.25 -15.65
CA GLU A 68 -7.45 7.57 -16.26
C GLU A 68 -7.29 7.62 -17.80
N ILE A 69 -6.58 6.66 -18.42
CA ILE A 69 -6.38 6.51 -19.88
C ILE A 69 -7.49 5.62 -20.46
N CYS A 70 -7.60 4.33 -20.11
CA CYS A 70 -8.55 3.40 -20.80
C CYS A 70 -9.95 3.32 -20.23
N LYS A 71 -10.10 3.94 -19.05
CA LYS A 71 -11.32 4.07 -18.27
C LYS A 71 -11.82 2.76 -17.58
N MET A 72 -11.10 1.63 -17.66
CA MET A 72 -11.41 0.38 -16.93
C MET A 72 -11.23 0.58 -15.41
N PRO A 73 -12.20 0.18 -14.56
CA PRO A 73 -11.97 0.14 -13.11
C PRO A 73 -11.16 -1.09 -12.69
N PHE A 74 -10.11 -0.92 -11.87
CA PHE A 74 -9.17 -1.96 -11.42
C PHE A 74 -8.77 -1.84 -9.94
N SER A 75 -8.69 -3.00 -9.31
CA SER A 75 -8.41 -3.20 -7.87
C SER A 75 -7.33 -2.26 -7.32
N VAL A 76 -6.11 -2.24 -7.88
CA VAL A 76 -4.94 -1.47 -7.41
C VAL A 76 -3.94 -1.10 -8.50
N TYR A 77 -3.18 -0.04 -8.26
CA TYR A 77 -2.31 0.59 -9.26
C TYR A 77 -1.16 -0.31 -9.74
N SER A 78 -0.67 -1.27 -8.95
CA SER A 78 0.35 -2.21 -9.41
C SER A 78 -0.22 -3.16 -10.50
N THR A 79 -1.53 -3.45 -10.44
CA THR A 79 -2.26 -4.19 -11.49
C THR A 79 -2.36 -3.33 -12.75
N LEU A 80 -2.61 -2.00 -12.65
CA LEU A 80 -2.51 -1.03 -13.76
C LEU A 80 -1.15 -1.00 -14.45
N GLU A 81 -0.04 -0.91 -13.70
CA GLU A 81 1.29 -0.94 -14.32
C GLU A 81 1.55 -2.23 -15.10
N LYS A 82 1.18 -3.42 -14.56
CA LYS A 82 1.28 -4.70 -15.32
C LYS A 82 0.31 -4.68 -16.51
N HIS A 83 -0.97 -4.36 -16.31
CA HIS A 83 -1.99 -4.16 -17.37
C HIS A 83 -1.55 -3.27 -18.54
N MET A 84 -0.88 -2.14 -18.24
CA MET A 84 -0.41 -1.09 -19.14
C MET A 84 0.77 -1.60 -19.96
N LYS A 85 1.87 -2.04 -19.33
CA LYS A 85 3.00 -2.63 -20.06
C LYS A 85 2.71 -3.96 -20.79
N LYS A 86 1.67 -4.71 -20.39
CA LYS A 86 1.11 -5.89 -21.10
C LYS A 86 0.54 -5.46 -22.46
N TRP A 87 -0.55 -4.71 -22.53
CA TRP A 87 -1.38 -4.56 -23.76
C TRP A 87 -1.56 -3.11 -24.24
N HIS A 88 -1.34 -2.07 -23.41
CA HIS A 88 -1.47 -0.68 -23.86
C HIS A 88 -0.38 -0.22 -24.82
N SER A 89 0.61 -1.05 -25.20
CA SER A 89 1.45 -0.80 -26.38
C SER A 89 0.67 -0.84 -27.70
N ASP A 90 -0.41 -1.62 -27.76
CA ASP A 90 -1.25 -1.76 -28.95
C ASP A 90 -2.68 -1.23 -28.73
N ARG A 91 -3.44 -1.67 -27.72
CA ARG A 91 -4.89 -1.37 -27.52
C ARG A 91 -5.33 -1.31 -26.03
N VAL A 92 -6.64 -1.43 -25.78
CA VAL A 92 -7.29 -1.45 -24.44
C VAL A 92 -8.28 -2.61 -24.39
N LEU A 93 -8.33 -3.30 -23.26
CA LEU A 93 -9.14 -4.50 -23.04
C LEU A 93 -9.09 -4.89 -21.56
N ASN A 94 -9.82 -5.94 -21.20
CA ASN A 94 -9.98 -6.42 -19.85
C ASN A 94 -8.66 -6.88 -19.15
N ASN A 95 -7.88 -7.74 -19.82
CA ASN A 95 -6.60 -8.36 -19.42
C ASN A 95 -6.74 -9.32 -18.23
N ASP A 96 -6.01 -10.43 -18.26
CA ASP A 96 -6.19 -11.58 -17.39
C ASP A 96 -5.08 -11.66 -16.33
N ILE A 97 -4.44 -10.49 -16.03
CA ILE A 97 -3.23 -10.27 -15.19
C ILE A 97 -1.89 -10.74 -15.81
N LYS A 98 -1.06 -9.73 -16.12
CA LYS A 98 0.30 -9.79 -16.72
C LYS A 98 0.40 -10.58 -18.04
N THR A 99 1.45 -11.37 -18.31
CA THR A 99 1.56 -12.25 -19.46
C THR A 99 1.81 -13.66 -18.93
N GLU A 100 0.75 -14.49 -18.86
CA GLU A 100 0.73 -15.90 -18.39
C GLU A 100 -0.30 -16.76 -19.16
ZN ZN B . 5.93 -0.95 13.13
ZN ZN C . -7.35 4.83 1.59
ZN ZN D . -5.64 1.16 -18.67
N SER A 1 0.19 3.67 33.59
CA SER A 1 0.64 2.47 32.88
C SER A 1 1.92 2.74 32.10
N GLU A 2 2.69 1.67 31.86
CA GLU A 2 3.85 1.56 30.96
C GLU A 2 5.06 2.43 31.37
N GLY A 3 5.01 3.74 31.16
CA GLY A 3 6.07 4.66 31.58
C GLY A 3 7.40 4.51 30.85
N ARG A 4 8.50 4.08 31.51
CA ARG A 4 9.85 3.98 30.93
C ARG A 4 10.09 2.92 29.85
N ARG A 5 9.06 2.57 29.08
CA ARG A 5 9.16 1.82 27.83
C ARG A 5 9.66 2.72 26.71
N SER A 6 10.75 2.33 26.05
CA SER A 6 11.33 2.92 24.85
C SER A 6 10.71 2.43 23.51
N ASP A 7 9.92 1.35 23.57
CA ASP A 7 9.70 0.46 22.45
C ASP A 7 8.47 0.87 21.64
N THR A 8 8.69 1.72 20.64
CA THR A 8 7.66 2.11 19.67
C THR A 8 8.24 2.20 18.26
N CYS A 9 7.44 1.89 17.25
CA CYS A 9 7.83 1.83 15.84
C CYS A 9 7.79 3.22 15.20
N GLU A 10 8.93 3.63 14.63
CA GLU A 10 9.10 4.92 13.94
C GLU A 10 8.19 5.06 12.70
N TYR A 11 7.63 3.95 12.15
CA TYR A 11 6.67 3.89 11.01
C TYR A 11 5.23 3.55 11.42
N CYS A 12 4.96 2.59 12.32
CA CYS A 12 3.57 2.34 12.76
C CYS A 12 2.97 3.50 13.61
N GLY A 13 3.73 4.14 14.51
CA GLY A 13 3.22 4.84 15.69
C GLY A 13 2.48 3.88 16.62
N LYS A 14 2.98 2.64 16.73
CA LYS A 14 2.49 1.67 17.71
C LYS A 14 3.57 1.26 18.71
N VAL A 15 3.14 1.10 19.98
CA VAL A 15 3.95 0.57 21.08
C VAL A 15 4.13 -0.93 21.01
N PHE A 16 5.29 -1.41 21.44
CA PHE A 16 5.69 -2.83 21.61
C PHE A 16 6.01 -3.16 23.09
N LYS A 17 6.00 -4.45 23.44
CA LYS A 17 6.42 -5.01 24.76
C LYS A 17 7.90 -5.39 24.86
N ASN A 18 8.66 -5.41 23.76
CA ASN A 18 10.09 -5.83 23.65
C ASN A 18 10.75 -5.06 22.48
N CYS A 19 11.92 -4.46 22.73
CA CYS A 19 12.71 -3.70 21.77
C CYS A 19 13.14 -4.52 20.53
N SER A 20 13.55 -5.77 20.75
CA SER A 20 13.96 -6.69 19.66
C SER A 20 12.78 -7.00 18.75
N ASN A 21 11.63 -7.34 19.34
CA ASN A 21 10.36 -7.58 18.66
C ASN A 21 9.90 -6.36 17.82
N LEU A 22 10.12 -5.15 18.36
CA LEU A 22 10.02 -3.89 17.61
C LEU A 22 10.92 -3.91 16.36
N THR A 23 12.22 -4.20 16.51
CA THR A 23 13.15 -4.09 15.40
C THR A 23 12.85 -5.10 14.26
N VAL A 24 12.53 -6.36 14.60
CA VAL A 24 12.23 -7.39 13.58
C VAL A 24 10.92 -7.12 12.88
N HIS A 25 9.85 -6.72 13.60
CA HIS A 25 8.60 -6.36 12.97
C HIS A 25 8.82 -5.14 12.05
N ARG A 26 9.68 -4.17 12.42
CA ARG A 26 9.91 -3.00 11.58
C ARG A 26 10.53 -3.35 10.24
N ARG A 27 11.35 -4.41 10.14
CA ARG A 27 11.87 -4.93 8.84
C ARG A 27 10.86 -5.80 8.09
N SER A 28 10.28 -6.79 8.79
CA SER A 28 9.21 -7.67 8.34
C SER A 28 8.04 -6.98 7.62
N HIS A 29 7.77 -5.69 7.91
CA HIS A 29 6.93 -4.84 7.05
C HIS A 29 7.73 -3.86 6.20
N THR A 30 8.61 -3.10 6.86
CA THR A 30 9.28 -1.88 6.39
C THR A 30 8.29 -0.89 5.77
N GLY A 31 8.03 -0.92 4.47
CA GLY A 31 6.90 -0.23 3.86
C GLY A 31 6.90 1.27 4.08
N GLU A 32 5.73 1.81 4.42
CA GLU A 32 5.52 3.17 4.95
C GLU A 32 4.28 3.15 5.88
N ARG A 33 4.11 4.15 6.78
CA ARG A 33 2.99 4.21 7.77
C ARG A 33 2.83 2.91 8.64
N PRO A 34 1.76 2.81 9.46
CA PRO A 34 1.20 1.57 9.96
C PRO A 34 0.55 0.75 8.82
N TYR A 35 1.18 0.61 7.63
CA TYR A 35 0.71 -0.17 6.46
C TYR A 35 -0.75 0.13 6.04
N LYS A 36 -1.23 1.35 6.35
CA LYS A 36 -2.61 1.84 6.27
C LYS A 36 -2.58 3.26 5.71
N CYS A 37 -3.47 3.58 4.79
CA CYS A 37 -3.59 4.86 4.06
C CYS A 37 -3.97 6.03 5.01
N GLU A 38 -3.77 7.29 4.61
CA GLU A 38 -4.14 8.50 5.42
C GLU A 38 -5.34 9.29 4.90
N LEU A 39 -5.81 8.95 3.70
CA LEU A 39 -6.94 9.56 3.00
C LEU A 39 -8.02 8.58 2.48
N CYS A 40 -7.79 7.27 2.54
CA CYS A 40 -8.80 6.18 2.50
C CYS A 40 -8.52 5.13 3.60
N ASN A 41 -9.42 4.16 3.80
CA ASN A 41 -9.25 3.14 4.84
C ASN A 41 -8.48 1.90 4.37
N TYR A 42 -8.01 1.88 3.12
CA TYR A 42 -7.22 0.77 2.58
C TYR A 42 -5.85 0.59 3.27
N ALA A 43 -5.36 -0.65 3.19
CA ALA A 43 -4.13 -1.15 3.82
C ALA A 43 -3.32 -2.09 2.93
N CYS A 44 -1.97 -1.94 2.95
CA CYS A 44 -1.03 -2.85 2.29
C CYS A 44 0.42 -2.72 2.88
N ALA A 45 1.03 -3.85 3.25
CA ALA A 45 2.44 -3.91 3.70
C ALA A 45 3.46 -3.86 2.53
N GLN A 46 3.55 -2.74 1.80
CA GLN A 46 4.48 -2.49 0.69
C GLN A 46 4.54 -0.97 0.39
N SER A 47 5.74 -0.42 0.41
CA SER A 47 6.02 1.03 0.33
C SER A 47 5.51 1.66 -0.99
N SER A 48 5.99 1.10 -2.10
CA SER A 48 5.59 1.43 -3.48
C SER A 48 4.11 1.14 -3.79
N LYS A 49 3.41 0.16 -3.15
CA LYS A 49 1.94 -0.02 -3.28
C LYS A 49 1.18 1.13 -2.58
N LEU A 50 1.47 1.31 -1.29
CA LEU A 50 0.89 2.30 -0.37
C LEU A 50 1.08 3.74 -0.88
N THR A 51 2.31 4.23 -1.00
CA THR A 51 2.66 5.61 -1.43
C THR A 51 2.11 5.97 -2.83
N ARG A 52 2.18 5.10 -3.85
CA ARG A 52 1.63 5.39 -5.19
C ARG A 52 0.09 5.39 -5.20
N HIS A 53 -0.56 4.34 -4.70
CA HIS A 53 -2.04 4.29 -4.65
C HIS A 53 -2.63 5.54 -3.94
N MET A 54 -2.00 5.97 -2.84
CA MET A 54 -2.32 7.21 -2.11
C MET A 54 -2.37 8.43 -3.02
N LYS A 55 -1.29 8.76 -3.73
CA LYS A 55 -1.27 9.98 -4.55
C LYS A 55 -2.06 9.86 -5.85
N THR A 56 -2.18 8.66 -6.41
CA THR A 56 -2.95 8.40 -7.65
C THR A 56 -4.48 8.38 -7.38
N HIS A 57 -4.97 8.23 -6.13
CA HIS A 57 -6.41 8.47 -5.85
C HIS A 57 -6.63 9.91 -5.36
N GLY A 58 -5.87 10.35 -4.34
CA GLY A 58 -6.07 11.65 -3.70
C GLY A 58 -7.47 11.76 -3.05
N GLN A 59 -8.25 12.77 -3.47
CA GLN A 59 -9.60 13.15 -3.00
C GLN A 59 -10.72 12.13 -3.41
N VAL A 60 -10.54 10.87 -3.01
CA VAL A 60 -11.37 9.66 -3.32
C VAL A 60 -11.81 8.95 -2.03
N GLY A 61 -12.97 9.37 -1.48
CA GLY A 61 -13.64 8.64 -0.40
C GLY A 61 -14.35 7.40 -0.92
N LYS A 62 -13.60 6.41 -1.40
CA LYS A 62 -14.16 5.14 -1.95
C LYS A 62 -13.27 3.93 -1.60
N ASP A 63 -12.24 4.06 -0.74
CA ASP A 63 -11.32 3.00 -0.29
C ASP A 63 -10.58 2.21 -1.41
N VAL A 64 -10.49 2.77 -2.63
CA VAL A 64 -10.08 2.10 -3.91
C VAL A 64 -9.51 3.09 -4.95
N TYR A 65 -8.46 2.74 -5.70
CA TYR A 65 -7.89 3.56 -6.78
C TYR A 65 -8.57 3.21 -8.12
N LYS A 66 -8.59 4.14 -9.09
CA LYS A 66 -9.26 3.94 -10.40
C LYS A 66 -8.37 4.45 -11.54
N CYS A 67 -8.06 3.61 -12.54
CA CYS A 67 -7.11 3.91 -13.64
C CYS A 67 -7.52 5.20 -14.37
N GLU A 68 -6.67 6.23 -14.44
CA GLU A 68 -7.15 7.53 -14.93
C GLU A 68 -7.58 7.45 -16.41
N ILE A 69 -7.04 6.48 -17.19
CA ILE A 69 -7.47 6.20 -18.59
C ILE A 69 -8.79 5.43 -18.66
N CYS A 70 -8.88 4.24 -18.04
CA CYS A 70 -9.97 3.30 -18.27
C CYS A 70 -11.06 3.32 -17.17
N LYS A 71 -10.84 4.13 -16.12
CA LYS A 71 -11.73 4.33 -14.99
C LYS A 71 -11.95 3.07 -14.13
N MET A 72 -11.41 1.89 -14.46
CA MET A 72 -11.58 0.64 -13.71
C MET A 72 -11.02 0.74 -12.29
N PRO A 73 -11.81 0.35 -11.27
CA PRO A 73 -11.41 0.29 -9.87
C PRO A 73 -10.44 -0.88 -9.61
N PHE A 74 -9.33 -0.65 -8.90
CA PHE A 74 -8.32 -1.63 -8.49
C PHE A 74 -7.64 -1.22 -7.17
N SER A 75 -7.15 -2.21 -6.42
CA SER A 75 -6.67 -2.08 -5.03
C SER A 75 -5.45 -1.16 -4.83
N VAL A 76 -4.51 -1.18 -5.78
CA VAL A 76 -3.20 -0.48 -5.72
C VAL A 76 -2.67 0.01 -7.10
N TYR A 77 -1.77 1.00 -7.15
CA TYR A 77 -1.21 1.51 -8.42
C TYR A 77 -0.43 0.44 -9.22
N SER A 78 0.35 -0.39 -8.51
CA SER A 78 1.17 -1.46 -9.12
C SER A 78 0.41 -2.59 -9.82
N THR A 79 -0.77 -2.99 -9.33
CA THR A 79 -1.69 -3.91 -10.05
C THR A 79 -2.27 -3.30 -11.34
N LEU A 80 -2.51 -1.99 -11.36
CA LEU A 80 -2.82 -1.21 -12.55
C LEU A 80 -1.56 -1.05 -13.46
N GLU A 81 -0.30 -0.97 -13.00
CA GLU A 81 0.90 -0.99 -13.88
C GLU A 81 1.03 -2.31 -14.68
N LYS A 82 0.80 -3.48 -14.03
CA LYS A 82 0.74 -4.78 -14.75
C LYS A 82 -0.39 -4.76 -15.81
N HIS A 83 -1.58 -4.32 -15.38
CA HIS A 83 -2.80 -4.21 -16.20
C HIS A 83 -2.58 -3.30 -17.41
N MET A 84 -1.98 -2.12 -17.23
CA MET A 84 -1.83 -1.08 -18.23
C MET A 84 -0.88 -1.46 -19.38
N LYS A 85 0.19 -2.21 -19.06
CA LYS A 85 1.10 -2.78 -20.07
C LYS A 85 0.57 -4.03 -20.79
N LYS A 86 -0.56 -4.63 -20.37
CA LYS A 86 -1.19 -5.85 -20.98
C LYS A 86 -2.71 -5.85 -21.22
N TRP A 87 -3.57 -5.72 -20.21
CA TRP A 87 -5.04 -5.48 -20.37
C TRP A 87 -5.42 -4.35 -21.39
N HIS A 88 -4.57 -3.33 -21.59
CA HIS A 88 -4.72 -2.28 -22.62
C HIS A 88 -4.00 -2.57 -23.96
N SER A 89 -3.05 -3.52 -24.02
CA SER A 89 -2.39 -3.86 -25.29
C SER A 89 -3.41 -4.53 -26.23
N ASP A 90 -3.94 -5.70 -25.83
CA ASP A 90 -4.94 -6.48 -26.60
C ASP A 90 -6.40 -6.03 -26.31
N ARG A 91 -6.61 -5.27 -25.24
CA ARG A 91 -7.86 -4.58 -24.83
C ARG A 91 -8.97 -5.46 -24.18
N VAL A 92 -9.17 -5.28 -22.88
CA VAL A 92 -10.14 -6.01 -22.04
C VAL A 92 -9.78 -7.53 -21.93
N LEU A 93 -8.50 -7.87 -22.18
CA LEU A 93 -7.92 -9.19 -21.85
C LEU A 93 -7.82 -9.38 -20.33
N ASN A 94 -8.40 -10.46 -19.77
CA ASN A 94 -8.40 -10.79 -18.34
C ASN A 94 -6.99 -10.77 -17.70
N ASN A 95 -6.73 -9.82 -16.79
CA ASN A 95 -5.52 -9.64 -15.97
C ASN A 95 -4.16 -9.96 -16.60
N ASP A 96 -3.76 -11.24 -16.57
CA ASP A 96 -2.54 -11.91 -17.12
C ASP A 96 -1.13 -11.41 -16.72
N ILE A 97 -1.01 -10.16 -16.27
CA ILE A 97 0.17 -9.55 -15.62
C ILE A 97 1.32 -9.20 -16.61
N LYS A 98 2.11 -8.13 -16.35
CA LYS A 98 3.23 -7.73 -17.23
C LYS A 98 4.32 -8.81 -17.22
N THR A 99 4.75 -9.24 -18.40
CA THR A 99 5.63 -10.38 -18.61
C THR A 99 6.54 -10.16 -19.83
N GLU A 100 7.63 -10.93 -20.00
CA GLU A 100 8.70 -10.68 -21.00
C GLU A 100 9.16 -11.93 -21.76
ZN ZN B . 5.81 -0.97 12.59
ZN ZN C . -5.81 5.09 0.01
ZN ZN D . -6.73 0.83 -17.16
N SER A 1 -4.95 4.32 31.42
CA SER A 1 -3.80 4.27 32.34
C SER A 1 -2.54 4.70 31.63
N GLU A 2 -1.59 5.32 32.32
CA GLU A 2 -0.51 6.08 31.67
C GLU A 2 0.55 5.26 30.92
N GLY A 3 0.91 4.09 31.43
CA GLY A 3 1.95 3.23 30.83
C GLY A 3 3.34 3.40 31.42
N ARG A 4 4.25 2.55 30.93
CA ARG A 4 5.71 2.60 31.19
C ARG A 4 6.48 1.79 30.17
N ARG A 5 7.81 1.84 30.20
CA ARG A 5 8.71 1.43 29.11
C ARG A 5 8.67 2.38 27.90
N SER A 6 9.28 2.03 26.76
CA SER A 6 9.43 2.96 25.65
C SER A 6 9.69 2.27 24.31
N ASP A 7 9.40 0.97 24.19
CA ASP A 7 9.68 0.10 23.05
C ASP A 7 8.47 0.15 22.05
N THR A 8 8.50 1.09 21.11
CA THR A 8 7.54 1.23 20.01
C THR A 8 8.28 1.42 18.70
N CYS A 9 7.70 0.92 17.59
CA CYS A 9 8.23 1.17 16.25
C CYS A 9 8.11 2.65 15.80
N GLU A 10 9.20 3.29 15.42
CA GLU A 10 9.21 4.62 14.79
C GLU A 10 8.50 4.71 13.42
N TYR A 11 8.13 3.55 12.87
CA TYR A 11 7.34 3.44 11.63
C TYR A 11 5.98 2.75 11.78
N CYS A 12 5.79 1.76 12.65
CA CYS A 12 4.44 1.17 12.85
C CYS A 12 3.55 1.97 13.82
N GLY A 13 4.14 2.59 14.84
CA GLY A 13 3.46 2.87 16.11
C GLY A 13 2.95 1.61 16.84
N LYS A 14 3.31 0.40 16.39
CA LYS A 14 2.96 -0.82 17.12
C LYS A 14 3.76 -0.91 18.41
N VAL A 15 3.07 -1.03 19.53
CA VAL A 15 3.67 -1.13 20.89
C VAL A 15 4.28 -2.54 21.09
N PHE A 16 5.56 -2.62 21.42
CA PHE A 16 6.25 -3.85 21.81
C PHE A 16 6.44 -3.90 23.32
N LYS A 17 7.34 -4.74 23.83
CA LYS A 17 7.67 -4.86 25.26
C LYS A 17 9.17 -4.95 25.57
N ASN A 18 10.01 -4.94 24.54
CA ASN A 18 11.46 -5.02 24.59
C ASN A 18 11.96 -4.27 23.35
N CYS A 19 13.03 -3.49 23.53
CA CYS A 19 13.75 -2.78 22.47
C CYS A 19 14.20 -3.70 21.33
N SER A 20 14.80 -4.84 21.66
CA SER A 20 15.28 -5.82 20.64
C SER A 20 14.21 -6.28 19.66
N ASN A 21 13.02 -6.70 20.11
CA ASN A 21 11.90 -7.07 19.25
C ASN A 21 11.36 -5.89 18.39
N LEU A 22 11.41 -4.63 18.86
CA LEU A 22 11.11 -3.44 18.05
C LEU A 22 12.12 -3.30 16.89
N THR A 23 13.41 -3.25 17.19
CA THR A 23 14.44 -2.99 16.16
C THR A 23 14.52 -4.15 15.13
N VAL A 24 14.50 -5.44 15.54
CA VAL A 24 14.60 -6.57 14.59
C VAL A 24 13.37 -6.69 13.67
N HIS A 25 12.15 -6.45 14.20
CA HIS A 25 10.99 -6.35 13.31
C HIS A 25 11.13 -5.16 12.33
N ARG A 26 11.39 -3.94 12.85
CA ARG A 26 11.59 -2.71 12.03
C ARG A 26 12.50 -2.95 10.82
N ARG A 27 13.72 -3.47 11.04
CA ARG A 27 14.74 -3.68 10.00
C ARG A 27 14.41 -4.87 9.08
N SER A 28 13.61 -5.83 9.57
CA SER A 28 13.06 -6.90 8.72
C SER A 28 12.05 -6.37 7.72
N HIS A 29 11.25 -5.37 8.08
CA HIS A 29 10.16 -4.84 7.26
C HIS A 29 10.54 -3.59 6.43
N THR A 30 10.93 -2.46 7.05
CA THR A 30 11.47 -1.23 6.42
C THR A 30 10.82 -0.67 5.16
N GLY A 31 9.51 -0.90 5.04
CA GLY A 31 8.64 -0.34 4.00
C GLY A 31 8.03 0.96 4.48
N GLU A 32 6.99 1.41 3.80
CA GLU A 32 6.34 2.67 4.13
C GLU A 32 5.38 2.54 5.31
N ARG A 33 5.69 3.26 6.40
CA ARG A 33 4.78 3.65 7.49
C ARG A 33 4.08 2.39 8.12
N PRO A 34 2.86 2.43 8.73
CA PRO A 34 2.25 1.26 9.36
C PRO A 34 1.54 0.33 8.34
N TYR A 35 1.91 0.37 7.06
CA TYR A 35 1.28 -0.37 5.97
C TYR A 35 -0.22 -0.08 5.81
N LYS A 36 -0.75 0.98 6.45
CA LYS A 36 -2.18 1.40 6.52
C LYS A 36 -2.31 2.86 6.10
N CYS A 37 -3.49 3.25 5.60
CA CYS A 37 -3.83 4.61 5.14
C CYS A 37 -4.70 5.35 6.20
N GLU A 38 -4.76 6.69 6.08
CA GLU A 38 -5.55 7.66 6.89
C GLU A 38 -6.57 8.39 6.03
N LEU A 39 -6.44 8.26 4.71
CA LEU A 39 -7.34 8.87 3.79
C LEU A 39 -8.38 7.88 3.26
N CYS A 40 -8.03 6.58 3.18
CA CYS A 40 -8.93 5.47 2.95
C CYS A 40 -8.60 4.32 3.93
N ASN A 41 -9.34 3.22 3.83
CA ASN A 41 -9.11 2.03 4.66
C ASN A 41 -8.02 1.11 4.09
N TYR A 42 -7.49 1.42 2.91
CA TYR A 42 -6.44 0.69 2.22
C TYR A 42 -5.21 0.30 3.07
N ALA A 43 -4.70 -0.90 2.84
CA ALA A 43 -3.53 -1.47 3.51
C ALA A 43 -2.73 -2.43 2.59
N CYS A 44 -1.40 -2.34 2.63
CA CYS A 44 -0.45 -3.19 1.87
C CYS A 44 0.99 -3.00 2.37
N ALA A 45 1.76 -4.08 2.50
CA ALA A 45 3.11 -4.17 3.09
C ALA A 45 4.31 -3.69 2.24
N GLN A 46 4.04 -2.98 1.14
CA GLN A 46 5.04 -2.60 0.11
C GLN A 46 5.02 -1.10 -0.20
N SER A 47 6.17 -0.41 -0.16
CA SER A 47 6.34 1.03 -0.40
C SER A 47 5.94 1.41 -1.81
N SER A 48 6.35 0.67 -2.86
CA SER A 48 5.92 0.86 -4.26
C SER A 48 4.43 0.60 -4.53
N LYS A 49 3.69 0.01 -3.58
CA LYS A 49 2.23 0.14 -3.50
C LYS A 49 1.80 1.40 -2.74
N LEU A 50 2.16 1.55 -1.47
CA LEU A 50 1.63 2.60 -0.58
C LEU A 50 1.95 4.05 -1.03
N THR A 51 3.16 4.26 -1.57
CA THR A 51 3.63 5.54 -2.16
C THR A 51 2.86 5.94 -3.42
N ARG A 52 2.62 4.97 -4.30
CA ARG A 52 1.90 5.19 -5.57
C ARG A 52 0.43 5.55 -5.30
N HIS A 53 -0.23 4.77 -4.46
CA HIS A 53 -1.52 5.06 -3.79
C HIS A 53 -1.55 6.50 -3.23
N MET A 54 -0.55 6.92 -2.44
CA MET A 54 -0.54 8.25 -1.83
C MET A 54 -0.50 9.45 -2.78
N LYS A 55 0.39 9.50 -3.79
CA LYS A 55 0.34 10.59 -4.77
C LYS A 55 -0.86 10.47 -5.71
N THR A 56 -1.39 9.28 -5.95
CA THR A 56 -2.60 9.10 -6.81
C THR A 56 -3.87 9.21 -5.97
N HIS A 57 -3.83 9.85 -4.79
CA HIS A 57 -4.98 9.83 -3.90
C HIS A 57 -6.01 10.96 -4.24
N GLY A 58 -6.30 11.15 -5.52
CA GLY A 58 -7.38 12.08 -6.00
C GLY A 58 -8.79 11.71 -5.50
N GLN A 59 -9.76 12.62 -5.58
CA GLN A 59 -11.15 12.30 -5.22
C GLN A 59 -11.77 11.20 -6.12
N VAL A 60 -12.23 10.11 -5.49
CA VAL A 60 -12.96 8.99 -6.10
C VAL A 60 -14.04 8.45 -5.14
N GLY A 61 -13.72 8.32 -3.86
CA GLY A 61 -14.70 8.12 -2.82
C GLY A 61 -15.13 6.65 -2.66
N LYS A 62 -14.32 5.69 -3.13
CA LYS A 62 -14.68 4.24 -3.18
C LYS A 62 -13.70 3.24 -2.55
N ASP A 63 -12.70 3.69 -1.79
CA ASP A 63 -11.47 3.00 -1.36
C ASP A 63 -10.54 2.59 -2.51
N VAL A 64 -11.07 1.83 -3.45
CA VAL A 64 -10.33 1.25 -4.57
C VAL A 64 -10.15 2.24 -5.72
N TYR A 65 -9.01 2.16 -6.39
CA TYR A 65 -8.65 3.06 -7.49
C TYR A 65 -9.11 2.57 -8.89
N LYS A 66 -9.37 3.54 -9.77
CA LYS A 66 -10.01 3.31 -11.08
C LYS A 66 -9.08 3.72 -12.20
N CYS A 67 -8.92 2.80 -13.14
CA CYS A 67 -8.14 3.01 -14.33
C CYS A 67 -8.75 4.16 -15.16
N GLU A 68 -8.00 5.24 -15.40
CA GLU A 68 -8.43 6.42 -16.19
C GLU A 68 -8.52 6.16 -17.72
N ILE A 69 -8.15 4.94 -18.14
CA ILE A 69 -8.15 4.47 -19.54
C ILE A 69 -9.01 3.23 -19.84
N CYS A 70 -9.47 2.45 -18.85
CA CYS A 70 -10.64 1.55 -19.05
C CYS A 70 -11.74 1.54 -17.99
N LYS A 71 -11.73 2.54 -17.11
CA LYS A 71 -12.70 2.89 -16.04
C LYS A 71 -12.89 1.86 -14.92
N MET A 72 -12.18 0.75 -14.99
CA MET A 72 -12.38 -0.43 -14.15
C MET A 72 -11.56 -0.37 -12.83
N PRO A 73 -12.11 -0.75 -11.67
CA PRO A 73 -11.42 -0.66 -10.37
C PRO A 73 -10.49 -1.86 -10.11
N PHE A 74 -9.24 -1.62 -9.73
CA PHE A 74 -8.23 -2.65 -9.43
C PHE A 74 -7.58 -2.54 -8.02
N SER A 75 -7.21 -3.70 -7.44
CA SER A 75 -6.69 -3.91 -6.06
C SER A 75 -5.58 -2.97 -5.62
N VAL A 76 -4.62 -2.70 -6.52
CA VAL A 76 -3.45 -1.83 -6.29
C VAL A 76 -3.01 -1.07 -7.56
N TYR A 77 -2.49 0.15 -7.39
CA TYR A 77 -2.01 1.00 -8.50
C TYR A 77 -0.87 0.34 -9.32
N SER A 78 0.08 -0.34 -8.69
CA SER A 78 1.16 -1.03 -9.42
C SER A 78 0.72 -2.16 -10.36
N THR A 79 -0.48 -2.71 -10.16
CA THR A 79 -1.10 -3.62 -11.16
C THR A 79 -1.58 -2.87 -12.38
N LEU A 80 -2.27 -1.73 -12.16
CA LEU A 80 -2.74 -0.82 -13.21
C LEU A 80 -1.62 -0.32 -14.10
N GLU A 81 -0.50 0.10 -13.52
CA GLU A 81 0.75 0.39 -14.23
C GLU A 81 1.17 -0.76 -15.21
N LYS A 82 1.31 -2.03 -14.79
CA LYS A 82 1.66 -3.13 -15.72
C LYS A 82 0.53 -3.61 -16.63
N HIS A 83 -0.73 -3.52 -16.21
CA HIS A 83 -1.93 -3.67 -17.03
C HIS A 83 -1.96 -2.64 -18.18
N MET A 84 -1.80 -1.33 -17.90
CA MET A 84 -1.63 -0.17 -18.80
C MET A 84 -0.43 -0.35 -19.76
N LYS A 85 0.65 -1.01 -19.33
CA LYS A 85 1.84 -1.25 -20.15
C LYS A 85 1.87 -2.62 -20.83
N LYS A 86 0.75 -3.38 -20.86
CA LYS A 86 0.59 -4.67 -21.56
C LYS A 86 -0.80 -4.83 -22.23
N TRP A 87 -1.84 -5.21 -21.48
CA TRP A 87 -3.25 -5.32 -21.91
C TRP A 87 -3.99 -3.97 -22.11
N HIS A 88 -3.29 -3.06 -22.76
CA HIS A 88 -3.77 -1.74 -23.17
C HIS A 88 -3.04 -1.17 -24.42
N SER A 89 -2.09 -1.91 -24.99
CA SER A 89 -1.23 -1.42 -26.09
C SER A 89 -1.98 -1.23 -27.43
N ASP A 90 -3.12 -1.90 -27.55
CA ASP A 90 -3.99 -1.96 -28.72
C ASP A 90 -5.47 -1.64 -28.40
N ARG A 91 -6.01 -2.31 -27.38
CA ARG A 91 -7.38 -2.29 -26.85
C ARG A 91 -7.36 -2.59 -25.35
N VAL A 92 -8.44 -2.22 -24.67
CA VAL A 92 -8.59 -2.42 -23.22
C VAL A 92 -8.89 -3.90 -22.92
N LEU A 93 -8.38 -4.48 -21.82
CA LEU A 93 -8.76 -5.79 -21.30
C LEU A 93 -8.41 -5.92 -19.81
N ASN A 94 -9.32 -6.47 -18.96
CA ASN A 94 -9.11 -6.56 -17.50
C ASN A 94 -7.77 -7.25 -17.13
N ASN A 95 -7.73 -8.58 -17.25
CA ASN A 95 -6.61 -9.47 -16.87
C ASN A 95 -6.26 -9.57 -15.35
N ASP A 96 -6.09 -10.80 -14.82
CA ASP A 96 -5.70 -11.13 -13.43
C ASP A 96 -4.22 -10.78 -13.16
N ILE A 97 -3.94 -9.49 -12.93
CA ILE A 97 -2.71 -9.03 -12.29
C ILE A 97 -1.46 -9.25 -13.16
N LYS A 98 -1.09 -8.21 -13.91
CA LYS A 98 -0.01 -8.18 -14.92
C LYS A 98 -0.19 -9.11 -16.16
N THR A 99 -0.52 -10.40 -15.98
CA THR A 99 -0.64 -11.35 -17.12
C THR A 99 -1.50 -12.59 -16.90
N GLU A 100 -1.54 -13.15 -15.71
CA GLU A 100 -2.48 -14.16 -15.17
C GLU A 100 -1.97 -14.55 -13.78
ZN ZN B . 7.31 -1.46 12.43
ZN ZN C . -5.81 5.69 0.99
ZN ZN D . -7.37 -0.27 -17.70
N SER A 1 12.09 18.49 24.51
CA SER A 1 11.28 17.97 23.42
C SER A 1 10.40 16.83 23.88
N GLU A 2 10.96 15.62 23.88
CA GLU A 2 10.47 14.38 24.46
C GLU A 2 11.65 13.40 24.63
N GLY A 3 11.50 12.28 25.36
CA GLY A 3 12.57 11.25 25.44
C GLY A 3 12.51 10.44 26.73
N ARG A 4 11.63 9.45 26.80
CA ARG A 4 11.46 8.67 28.03
C ARG A 4 10.80 7.34 27.74
N ARG A 5 11.46 6.25 28.13
CA ARG A 5 11.21 4.82 27.80
C ARG A 5 11.41 4.46 26.31
N SER A 6 12.39 3.57 26.04
CA SER A 6 12.70 3.12 24.65
C SER A 6 11.83 1.96 24.16
N ASP A 7 10.52 2.18 24.12
CA ASP A 7 9.47 1.24 23.73
C ASP A 7 8.54 1.82 22.63
N THR A 8 9.07 2.51 21.60
CA THR A 8 8.25 3.08 20.50
C THR A 8 8.78 2.78 19.08
N CYS A 9 7.88 2.65 18.07
CA CYS A 9 8.21 2.18 16.72
C CYS A 9 8.83 3.27 15.85
N GLU A 10 10.07 2.98 15.42
CA GLU A 10 10.85 3.88 14.58
C GLU A 10 10.29 4.05 13.16
N TYR A 11 9.22 3.33 12.81
CA TYR A 11 8.49 3.54 11.56
C TYR A 11 6.99 3.89 11.73
N CYS A 12 6.27 3.41 12.75
CA CYS A 12 4.87 3.86 13.03
C CYS A 12 4.81 5.20 13.77
N GLY A 13 5.65 5.33 14.78
CA GLY A 13 5.49 6.28 15.86
C GLY A 13 4.57 5.80 17.00
N LYS A 14 4.12 4.54 16.90
CA LYS A 14 3.34 3.86 17.96
C LYS A 14 4.26 3.37 19.10
N VAL A 15 3.92 3.79 20.31
CA VAL A 15 4.42 3.25 21.58
C VAL A 15 3.83 1.84 21.87
N PHE A 16 4.60 0.96 22.52
CA PHE A 16 4.20 -0.35 23.07
C PHE A 16 4.61 -0.41 24.54
N LYS A 17 4.01 -1.34 25.28
CA LYS A 17 4.40 -1.58 26.68
C LYS A 17 5.62 -2.49 26.88
N ASN A 18 6.03 -3.26 25.88
CA ASN A 18 7.16 -4.19 25.98
C ASN A 18 7.94 -4.28 24.64
N CYS A 19 9.24 -4.03 24.69
CA CYS A 19 10.19 -4.03 23.57
C CYS A 19 10.22 -5.33 22.76
N SER A 20 9.95 -6.48 23.39
CA SER A 20 9.73 -7.78 22.73
C SER A 20 8.61 -7.74 21.67
N ASN A 21 7.36 -7.42 22.07
CA ASN A 21 6.21 -7.20 21.14
C ASN A 21 6.47 -6.06 20.15
N LEU A 22 7.18 -5.01 20.58
CA LEU A 22 7.54 -3.90 19.70
C LEU A 22 8.46 -4.36 18.55
N THR A 23 9.57 -5.05 18.88
CA THR A 23 10.61 -5.51 17.93
C THR A 23 10.07 -6.41 16.82
N VAL A 24 9.22 -7.40 17.17
CA VAL A 24 8.62 -8.28 16.15
C VAL A 24 7.65 -7.53 15.22
N HIS A 25 6.83 -6.62 15.76
CA HIS A 25 5.94 -5.82 14.93
C HIS A 25 6.71 -4.82 14.05
N ARG A 26 7.83 -4.22 14.50
CA ARG A 26 8.70 -3.35 13.68
C ARG A 26 9.51 -4.09 12.62
N ARG A 27 9.93 -5.33 12.83
CA ARG A 27 10.48 -6.20 11.75
C ARG A 27 9.42 -6.58 10.73
N SER A 28 8.17 -6.74 11.14
CA SER A 28 7.04 -6.87 10.22
C SER A 28 6.66 -5.54 9.50
N HIS A 29 7.66 -4.72 9.14
CA HIS A 29 7.65 -3.51 8.28
C HIS A 29 8.80 -3.53 7.25
N THR A 30 9.13 -4.72 6.75
CA THR A 30 10.36 -4.91 5.93
C THR A 30 10.32 -4.24 4.54
N GLY A 31 9.09 -4.08 4.01
CA GLY A 31 8.73 -3.24 2.89
C GLY A 31 8.50 -1.79 3.32
N GLU A 32 7.29 -1.46 3.80
CA GLU A 32 6.91 -0.14 4.35
C GLU A 32 5.70 -0.34 5.27
N ARG A 33 5.50 0.47 6.33
CA ARG A 33 4.31 0.44 7.22
C ARG A 33 3.97 -0.91 7.87
N PRO A 34 2.90 -1.02 8.68
CA PRO A 34 2.47 -2.30 9.30
C PRO A 34 1.84 -3.37 8.38
N TYR A 35 2.27 -3.34 7.12
CA TYR A 35 1.68 -4.04 5.98
C TYR A 35 0.16 -3.86 5.85
N LYS A 36 -0.39 -2.75 6.37
CA LYS A 36 -1.82 -2.44 6.66
C LYS A 36 -2.11 -0.93 6.58
N CYS A 37 -3.22 -0.51 5.95
CA CYS A 37 -3.73 0.86 5.81
C CYS A 37 -4.25 1.40 7.17
N GLU A 38 -4.22 2.73 7.34
CA GLU A 38 -4.96 3.44 8.42
C GLU A 38 -6.30 4.02 7.89
N LEU A 39 -6.57 3.89 6.59
CA LEU A 39 -7.82 4.32 5.94
C LEU A 39 -8.75 3.16 5.61
N CYS A 40 -8.20 2.12 4.98
CA CYS A 40 -8.87 0.85 4.71
C CYS A 40 -8.64 -0.24 5.83
N ASN A 41 -9.43 -1.33 5.80
CA ASN A 41 -9.05 -2.62 6.43
C ASN A 41 -7.89 -3.31 5.62
N TYR A 42 -7.62 -2.83 4.40
CA TYR A 42 -6.73 -3.47 3.41
C TYR A 42 -5.27 -3.62 3.85
N ALA A 43 -4.57 -4.60 3.27
CA ALA A 43 -3.22 -5.04 3.61
C ALA A 43 -2.39 -5.37 2.35
N CYS A 44 -1.08 -5.09 2.44
CA CYS A 44 -0.04 -5.34 1.40
C CYS A 44 1.38 -5.32 2.02
N ALA A 45 2.23 -6.34 1.78
CA ALA A 45 3.59 -6.41 2.30
C ALA A 45 4.59 -5.63 1.41
N GLN A 46 4.51 -5.77 0.08
CA GLN A 46 5.44 -5.16 -0.87
C GLN A 46 5.39 -3.63 -0.82
N SER A 47 6.56 -3.00 -0.55
CA SER A 47 6.65 -1.55 -0.25
C SER A 47 6.07 -0.68 -1.36
N SER A 48 6.33 -1.02 -2.61
CA SER A 48 5.78 -0.30 -3.77
C SER A 48 4.25 -0.40 -3.81
N LYS A 49 3.66 -1.57 -3.59
CA LYS A 49 2.20 -1.78 -3.65
C LYS A 49 1.48 -0.99 -2.58
N LEU A 50 1.91 -1.09 -1.33
CA LEU A 50 1.32 -0.32 -0.25
C LEU A 50 1.45 1.20 -0.41
N THR A 51 2.64 1.70 -0.73
CA THR A 51 2.94 3.13 -1.00
C THR A 51 2.11 3.72 -2.13
N ARG A 52 1.97 2.99 -3.24
CA ARG A 52 1.20 3.49 -4.37
C ARG A 52 -0.30 3.50 -4.07
N HIS A 53 -0.84 2.48 -3.40
CA HIS A 53 -2.23 2.55 -2.88
C HIS A 53 -2.41 3.74 -1.92
N MET A 54 -1.47 4.02 -1.00
CA MET A 54 -1.54 5.11 -0.01
C MET A 54 -1.70 6.48 -0.68
N LYS A 55 -0.86 6.76 -1.70
CA LYS A 55 -0.90 8.07 -2.40
C LYS A 55 -2.08 8.25 -3.35
N THR A 56 -2.65 7.15 -3.83
CA THR A 56 -3.77 7.17 -4.77
C THR A 56 -5.17 7.20 -4.14
N HIS A 57 -5.23 7.29 -2.83
CA HIS A 57 -6.46 7.24 -1.99
C HIS A 57 -7.54 8.32 -2.25
N GLY A 58 -7.23 9.36 -3.05
CA GLY A 58 -7.81 10.71 -3.14
C GLY A 58 -9.22 10.93 -2.60
N GLN A 59 -10.21 10.19 -3.10
CA GLN A 59 -11.54 10.14 -2.49
C GLN A 59 -12.12 8.70 -2.44
N VAL A 60 -11.27 7.67 -2.46
CA VAL A 60 -11.68 6.27 -2.54
C VAL A 60 -12.02 5.73 -1.15
N GLY A 61 -13.29 5.47 -0.84
CA GLY A 61 -13.80 4.81 0.39
C GLY A 61 -14.27 3.38 0.13
N LYS A 62 -13.48 2.57 -0.61
CA LYS A 62 -13.77 1.15 -1.00
C LYS A 62 -12.54 0.33 -1.46
N ASP A 63 -11.35 0.63 -0.93
CA ASP A 63 -10.11 -0.15 -1.04
C ASP A 63 -9.48 -0.29 -2.45
N VAL A 64 -10.02 0.40 -3.48
CA VAL A 64 -9.86 0.06 -4.92
C VAL A 64 -9.73 1.35 -5.76
N TYR A 65 -8.51 1.66 -6.22
CA TYR A 65 -8.15 2.78 -7.09
C TYR A 65 -8.63 2.54 -8.54
N LYS A 66 -8.91 3.57 -9.34
CA LYS A 66 -9.36 3.46 -10.74
C LYS A 66 -8.51 4.23 -11.71
N CYS A 67 -8.11 3.54 -12.78
CA CYS A 67 -7.19 4.08 -13.79
C CYS A 67 -7.83 5.35 -14.41
N GLU A 68 -7.29 6.52 -14.10
CA GLU A 68 -7.84 7.84 -14.54
C GLU A 68 -7.82 8.05 -16.07
N ILE A 69 -7.24 7.14 -16.89
CA ILE A 69 -7.28 7.11 -18.37
C ILE A 69 -8.24 6.06 -18.99
N CYS A 70 -8.75 5.09 -18.24
CA CYS A 70 -9.62 4.05 -18.81
C CYS A 70 -10.80 3.64 -17.91
N LYS A 71 -10.93 4.20 -16.71
CA LYS A 71 -11.98 3.98 -15.70
C LYS A 71 -11.90 2.65 -14.95
N MET A 72 -11.08 1.66 -15.35
CA MET A 72 -11.11 0.31 -14.75
C MET A 72 -10.62 0.37 -13.27
N PRO A 73 -11.33 -0.27 -12.31
CA PRO A 73 -10.99 -0.34 -10.87
C PRO A 73 -10.01 -1.49 -10.53
N PHE A 74 -8.99 -1.24 -9.69
CA PHE A 74 -7.93 -2.19 -9.27
C PHE A 74 -7.41 -1.92 -7.84
N SER A 75 -6.95 -2.97 -7.12
CA SER A 75 -6.48 -2.83 -5.75
C SER A 75 -5.21 -2.01 -5.54
N VAL A 76 -4.31 -1.93 -6.54
CA VAL A 76 -3.07 -1.13 -6.46
C VAL A 76 -2.67 -0.55 -7.82
N TYR A 77 -1.74 0.41 -7.86
CA TYR A 77 -1.23 0.95 -9.12
C TYR A 77 -0.40 -0.07 -9.90
N SER A 78 0.41 -0.97 -9.32
CA SER A 78 1.34 -1.79 -10.14
C SER A 78 0.69 -2.78 -11.10
N THR A 79 -0.48 -3.31 -10.75
CA THR A 79 -1.28 -4.12 -11.67
C THR A 79 -1.71 -3.24 -12.84
N LEU A 80 -2.01 -1.96 -12.60
CA LEU A 80 -2.42 -0.97 -13.60
C LEU A 80 -1.20 -0.45 -14.40
N GLU A 81 -0.02 -0.32 -13.79
CA GLU A 81 1.25 -0.08 -14.50
C GLU A 81 1.51 -1.19 -15.55
N LYS A 82 1.35 -2.44 -15.17
CA LYS A 82 1.44 -3.59 -16.10
C LYS A 82 0.29 -3.64 -17.13
N HIS A 83 -0.95 -3.40 -16.73
CA HIS A 83 -2.10 -3.28 -17.66
C HIS A 83 -1.90 -2.19 -18.74
N MET A 84 -1.47 -1.02 -18.31
CA MET A 84 -1.10 0.09 -19.20
C MET A 84 0.02 -0.22 -20.17
N LYS A 85 1.18 -0.69 -19.67
CA LYS A 85 2.38 -0.97 -20.48
C LYS A 85 2.27 -2.29 -21.27
N LYS A 86 1.08 -2.95 -21.30
CA LYS A 86 0.82 -4.15 -22.09
C LYS A 86 0.32 -3.80 -23.46
N TRP A 87 -0.92 -3.27 -23.55
CA TRP A 87 -1.59 -3.04 -24.84
C TRP A 87 -2.57 -1.86 -24.90
N HIS A 88 -2.52 -0.96 -23.89
CA HIS A 88 -3.57 0.04 -23.57
C HIS A 88 -4.08 0.93 -24.73
N SER A 89 -3.32 1.13 -25.81
CA SER A 89 -3.70 1.98 -26.93
C SER A 89 -4.93 1.50 -27.67
N ASP A 90 -5.18 0.19 -27.73
CA ASP A 90 -6.46 -0.34 -28.23
C ASP A 90 -7.56 -0.36 -27.17
N ARG A 91 -7.20 -0.08 -25.92
CA ARG A 91 -8.08 0.01 -24.76
C ARG A 91 -8.93 -1.27 -24.51
N VAL A 92 -10.20 -1.10 -24.09
CA VAL A 92 -11.28 -2.11 -23.97
C VAL A 92 -10.86 -3.53 -23.49
N LEU A 93 -10.27 -3.67 -22.27
CA LEU A 93 -9.84 -4.97 -21.77
C LEU A 93 -9.94 -4.99 -20.21
N ASN A 94 -10.31 -6.12 -19.60
CA ASN A 94 -10.36 -6.31 -18.13
C ASN A 94 -9.00 -6.11 -17.40
N ASN A 95 -8.06 -7.07 -17.47
CA ASN A 95 -6.79 -7.08 -16.72
C ASN A 95 -5.60 -7.55 -17.57
N ASP A 96 -5.54 -8.84 -17.98
CA ASP A 96 -4.46 -9.46 -18.78
C ASP A 96 -3.01 -9.40 -18.19
N ILE A 97 -2.49 -8.23 -17.83
CA ILE A 97 -1.23 -7.94 -17.12
C ILE A 97 0.05 -8.22 -17.97
N LYS A 98 1.00 -7.25 -18.07
CA LYS A 98 2.16 -7.30 -19.01
C LYS A 98 2.96 -8.58 -18.83
N THR A 99 3.17 -9.30 -19.93
CA THR A 99 3.75 -10.65 -19.96
C THR A 99 5.29 -10.58 -20.16
N GLU A 100 5.76 -9.57 -20.92
CA GLU A 100 7.15 -9.13 -21.08
C GLU A 100 7.72 -8.35 -19.86
ZN ZN B . 5.36 -0.09 13.74
ZN ZN C . -6.21 2.18 1.94
ZN ZN D . -6.16 1.72 -17.61
#